data_4L9Y
#
_entry.id   4L9Y
#
_cell.length_a   80.210
_cell.length_b   143.995
_cell.length_c   94.221
_cell.angle_alpha   90.000
_cell.angle_beta   112.830
_cell.angle_gamma   90.000
#
_symmetry.space_group_name_H-M   'P 1 21 1'
#
loop_
_entity.id
_entity.type
_entity.pdbx_description
1 polymer 'Malyl-CoA lyase'
2 non-polymer 'MAGNESIUM ION'
3 non-polymer 'CHLORIDE ION'
4 non-polymer 'propionyl Coenzyme A'
5 non-polymer 'GLYOXYLIC ACID'
6 water water
#
_entity_poly.entity_id   1
_entity_poly.type   'polypeptide(L)'
_entity_poly.pdbx_seq_one_letter_code
;MGHHHHHHHHHHSSGHIEGRHMSFRLQPAPPARPNRCQLFGPGSRPALFEKMAASAADVINLDLEDSVAPDDKAQARANI
IEAINGLDWGRKYLSVRINGLDTPFWYRDVVDLLEQAGDRLDQIMIPKVGCAADVYAVDALVTAIERAKGRTKPLSFEVI
IESAAGIAHVEEIAASSPRLQAMSLGAADFAASMGMQTTGIGGTQENYYMLHDGQKHWSDPWHWAQAAIVAACRTHGILP
VDGPFGDFSDDEGFRAQARRSATLGMVGKWAIHPKQVALANEVFTPSETAVTEAREILAAMDAAKARGEGATVYKGRLVD
IASIKQAEVIVRQAEMISA
;
_entity_poly.pdbx_strand_id   A,B,C,D,E,F
#
# COMPACT_ATOMS: atom_id res chain seq x y z
N SER A 23 -0.39 -15.34 -11.87
CA SER A 23 0.59 -16.29 -12.38
C SER A 23 -0.09 -17.53 -12.96
N PHE A 24 -1.28 -17.84 -12.44
CA PHE A 24 -2.09 -18.96 -12.90
C PHE A 24 -1.35 -20.30 -12.74
N ARG A 25 -0.51 -20.39 -11.73
CA ARG A 25 0.17 -21.63 -11.39
C ARG A 25 -0.11 -22.01 -9.94
N LEU A 26 0.33 -23.20 -9.56
CA LEU A 26 0.35 -23.60 -8.15
C LEU A 26 1.15 -22.58 -7.35
N GLN A 27 0.87 -22.49 -6.05
CA GLN A 27 1.66 -21.63 -5.18
C GLN A 27 3.13 -22.06 -5.26
N PRO A 28 4.06 -21.10 -5.12
CA PRO A 28 5.48 -21.37 -5.24
C PRO A 28 5.94 -22.52 -4.35
N ALA A 29 6.65 -23.48 -4.93
CA ALA A 29 7.16 -24.61 -4.16
C ALA A 29 8.27 -24.15 -3.21
N PRO A 30 8.21 -24.61 -1.96
CA PRO A 30 9.24 -24.29 -0.97
C PRO A 30 10.51 -25.09 -1.24
N PRO A 31 11.63 -24.72 -0.60
CA PRO A 31 12.85 -25.52 -0.71
C PRO A 31 12.59 -26.96 -0.30
N ALA A 32 13.11 -27.90 -1.08
CA ALA A 32 12.84 -29.32 -0.86
C ALA A 32 13.64 -29.89 0.31
N ARG A 33 14.68 -29.17 0.71
CA ARG A 33 15.58 -29.62 1.78
C ARG A 33 14.85 -29.83 3.09
N PRO A 34 15.29 -30.84 3.87
CA PRO A 34 14.72 -31.12 5.19
C PRO A 34 14.97 -29.99 6.18
N ASN A 35 14.02 -29.76 7.07
CA ASN A 35 14.14 -28.69 8.07
C ASN A 35 13.36 -29.05 9.32
N ARG A 36 13.37 -30.32 9.68
CA ARG A 36 12.58 -30.83 10.80
C ARG A 36 13.08 -30.27 12.12
N CYS A 37 14.38 -30.03 12.21
CA CYS A 37 14.96 -29.53 13.44
C CYS A 37 16.13 -28.58 13.18
N GLN A 38 16.18 -27.50 13.94
CA GLN A 38 17.27 -26.54 13.86
C GLN A 38 17.98 -26.44 15.20
N LEU A 39 19.20 -26.95 15.25
CA LEU A 39 19.96 -27.00 16.49
C LEU A 39 20.80 -25.75 16.69
N PHE A 40 20.55 -25.05 17.79
CA PHE A 40 21.28 -23.82 18.10
C PHE A 40 22.44 -24.10 19.04
N GLY A 41 23.49 -23.30 18.90
CA GLY A 41 24.65 -23.38 19.78
C GLY A 41 25.44 -22.10 19.74
N PRO A 42 25.79 -21.56 20.92
CA PRO A 42 26.52 -20.30 21.00
C PRO A 42 27.90 -20.39 20.34
N GLY A 43 28.25 -19.39 19.55
CA GLY A 43 29.53 -19.37 18.87
C GLY A 43 30.70 -19.17 19.82
N SER A 44 30.40 -18.85 21.08
CA SER A 44 31.42 -18.63 22.10
C SER A 44 31.87 -19.96 22.71
N ARG A 45 31.19 -21.04 22.33
CA ARG A 45 31.50 -22.36 22.86
C ARG A 45 31.78 -23.36 21.75
N PRO A 46 32.99 -23.31 21.18
CA PRO A 46 33.38 -24.14 20.04
C PRO A 46 33.56 -25.62 20.41
N ALA A 47 33.61 -25.92 21.70
CA ALA A 47 33.78 -27.30 22.15
C ALA A 47 32.54 -28.14 21.86
N LEU A 48 31.44 -27.47 21.53
CA LEU A 48 30.18 -28.15 21.25
C LEU A 48 29.94 -28.35 19.76
N PHE A 49 30.73 -27.65 18.95
CA PHE A 49 30.54 -27.64 17.50
C PHE A 49 30.62 -29.04 16.88
N GLU A 50 31.60 -29.82 17.30
CA GLU A 50 31.81 -31.16 16.76
C GLU A 50 30.59 -32.05 16.99
N LYS A 51 30.00 -31.98 18.19
CA LYS A 51 28.85 -32.81 18.53
C LYS A 51 27.58 -32.38 17.79
N MET A 52 27.45 -31.08 17.52
CA MET A 52 26.33 -30.56 16.75
C MET A 52 26.36 -31.12 15.34
N ALA A 53 27.56 -31.19 14.76
CA ALA A 53 27.74 -31.73 13.41
C ALA A 53 27.33 -33.20 13.35
N ALA A 54 27.50 -33.92 14.46
CA ALA A 54 27.16 -35.34 14.50
C ALA A 54 25.76 -35.60 15.04
N SER A 55 24.99 -34.53 15.25
CA SER A 55 23.63 -34.64 15.75
C SER A 55 22.67 -35.12 14.65
N ALA A 56 21.40 -35.30 15.03
CA ALA A 56 20.39 -35.74 14.07
C ALA A 56 19.59 -34.57 13.52
N ALA A 57 20.08 -33.36 13.74
CA ALA A 57 19.40 -32.15 13.28
C ALA A 57 19.64 -31.92 11.79
N ASP A 58 18.62 -31.43 11.09
CA ASP A 58 18.74 -31.13 9.67
C ASP A 58 19.46 -29.81 9.45
N VAL A 59 19.26 -28.87 10.38
CA VAL A 59 19.85 -27.54 10.26
C VAL A 59 20.67 -27.21 11.50
N ILE A 60 21.84 -26.60 11.29
CA ILE A 60 22.68 -26.15 12.39
C ILE A 60 22.72 -24.62 12.45
N ASN A 61 22.44 -24.07 13.61
CA ASN A 61 22.49 -22.62 13.81
C ASN A 61 23.56 -22.19 14.81
N LEU A 62 24.69 -21.71 14.30
CA LEU A 62 25.72 -21.15 15.15
C LEU A 62 25.36 -19.71 15.47
N ASP A 63 25.32 -19.38 16.75
CA ASP A 63 24.73 -18.12 17.19
C ASP A 63 25.74 -17.04 17.55
N LEU A 64 25.47 -15.82 17.08
CA LEU A 64 26.26 -14.65 17.45
C LEU A 64 25.43 -13.67 18.26
N GLU A 65 24.14 -13.97 18.39
CA GLU A 65 23.21 -13.04 19.01
C GLU A 65 23.08 -13.24 20.52
N ASP A 66 21.87 -13.55 20.98
CA ASP A 66 21.53 -13.48 22.40
C ASP A 66 22.21 -14.52 23.30
N SER A 67 22.66 -15.64 22.73
CA SER A 67 23.34 -16.65 23.54
C SER A 67 24.81 -16.30 23.74
N VAL A 68 25.20 -15.12 23.27
CA VAL A 68 26.57 -14.65 23.40
C VAL A 68 26.60 -13.24 23.96
N ALA A 69 27.27 -13.07 25.08
CA ALA A 69 27.45 -11.75 25.70
C ALA A 69 28.19 -10.82 24.75
N PRO A 70 27.84 -9.52 24.76
CA PRO A 70 28.41 -8.50 23.87
C PRO A 70 29.94 -8.53 23.78
N ASP A 71 30.61 -8.68 24.92
CA ASP A 71 32.08 -8.73 24.93
C ASP A 71 32.63 -10.03 24.35
N ASP A 72 31.77 -11.04 24.23
CA ASP A 72 32.20 -12.32 23.69
C ASP A 72 31.90 -12.46 22.20
N LYS A 73 31.23 -11.46 21.63
CA LYS A 73 30.75 -11.55 20.26
C LYS A 73 31.87 -11.60 19.22
N ALA A 74 32.90 -10.78 19.42
CA ALA A 74 34.02 -10.73 18.50
C ALA A 74 34.73 -12.08 18.42
N GLN A 75 35.00 -12.67 19.57
CA GLN A 75 35.65 -13.97 19.62
C GLN A 75 34.75 -15.07 19.05
N ALA A 76 33.46 -15.00 19.38
CA ALA A 76 32.49 -15.96 18.87
C ALA A 76 32.40 -15.87 17.35
N ARG A 77 32.59 -14.67 16.83
CA ARG A 77 32.58 -14.46 15.38
C ARG A 77 33.77 -15.16 14.74
N ALA A 78 34.92 -15.06 15.39
CA ALA A 78 36.13 -15.72 14.89
C ALA A 78 36.04 -17.24 15.01
N ASN A 79 35.43 -17.72 16.10
CA ASN A 79 35.24 -19.15 16.30
C ASN A 79 34.39 -19.78 15.21
N ILE A 80 33.26 -19.13 14.91
CA ILE A 80 32.32 -19.63 13.91
C ILE A 80 32.96 -19.71 12.52
N ILE A 81 33.67 -18.65 12.14
CA ILE A 81 34.37 -18.62 10.85
C ILE A 81 35.37 -19.78 10.74
N GLU A 82 36.08 -20.04 11.84
CA GLU A 82 37.03 -21.14 11.89
C GLU A 82 36.34 -22.49 11.74
N ALA A 83 35.17 -22.63 12.38
CA ALA A 83 34.41 -23.87 12.35
C ALA A 83 33.82 -24.14 10.97
N ILE A 84 33.41 -23.07 10.28
CA ILE A 84 32.87 -23.18 8.94
C ILE A 84 33.93 -23.71 7.99
N ASN A 85 35.17 -23.28 8.19
CA ASN A 85 36.28 -23.67 7.34
C ASN A 85 36.95 -24.99 7.73
N GLY A 86 36.97 -25.28 9.02
CA GLY A 86 37.71 -26.42 9.53
C GLY A 86 36.92 -27.70 9.71
N LEU A 87 35.69 -27.58 10.23
CA LEU A 87 34.91 -28.76 10.57
C LEU A 87 34.29 -29.45 9.37
N ASP A 88 34.09 -30.77 9.52
CA ASP A 88 33.32 -31.54 8.55
C ASP A 88 31.86 -31.52 9.01
N TRP A 89 31.02 -30.84 8.24
CA TRP A 89 29.63 -30.66 8.64
C TRP A 89 28.67 -31.64 7.97
N GLY A 90 29.22 -32.56 7.18
CA GLY A 90 28.41 -33.57 6.53
C GLY A 90 27.35 -33.01 5.61
N ARG A 91 26.11 -33.45 5.82
CA ARG A 91 24.98 -33.02 4.99
C ARG A 91 24.13 -31.97 5.70
N LYS A 92 24.62 -31.45 6.82
CA LYS A 92 23.89 -30.44 7.58
C LYS A 92 23.74 -29.14 6.78
N TYR A 93 22.63 -28.45 6.99
CA TYR A 93 22.48 -27.11 6.44
C TYR A 93 23.06 -26.14 7.47
N LEU A 94 24.13 -25.45 7.10
CA LEU A 94 24.89 -24.64 8.04
C LEU A 94 24.46 -23.18 8.02
N SER A 95 23.89 -22.72 9.14
CA SER A 95 23.39 -21.36 9.22
C SER A 95 23.97 -20.62 10.42
N VAL A 96 24.06 -19.31 10.30
CA VAL A 96 24.56 -18.47 11.40
C VAL A 96 23.54 -17.38 11.72
N ARG A 97 23.15 -17.27 13.00
CA ARG A 97 22.29 -16.18 13.42
C ARG A 97 23.11 -14.96 13.78
N ILE A 98 22.94 -13.89 13.01
CA ILE A 98 23.67 -12.66 13.25
C ILE A 98 22.91 -11.79 14.24
N ASN A 99 23.50 -10.66 14.60
CA ASN A 99 22.83 -9.71 15.48
C ASN A 99 21.87 -8.84 14.69
N GLY A 100 20.89 -8.26 15.39
CA GLY A 100 19.84 -7.50 14.75
C GLY A 100 20.31 -6.18 14.15
N LEU A 101 19.51 -5.63 13.25
CA LEU A 101 19.83 -4.37 12.58
C LEU A 101 19.68 -3.17 13.52
N ASP A 102 19.21 -3.42 14.73
CA ASP A 102 19.13 -2.38 15.75
C ASP A 102 20.39 -2.36 16.61
N THR A 103 21.35 -3.21 16.26
CA THR A 103 22.60 -3.32 17.02
C THR A 103 23.79 -2.85 16.18
N PRO A 104 24.88 -2.44 16.84
CA PRO A 104 26.10 -2.09 16.12
C PRO A 104 26.88 -3.32 15.64
N PHE A 105 26.40 -4.51 15.95
CA PHE A 105 27.14 -5.73 15.67
C PHE A 105 26.86 -6.34 14.30
N TRP A 106 25.64 -6.12 13.78
CA TRP A 106 25.17 -6.84 12.60
C TRP A 106 26.06 -6.72 11.36
N TYR A 107 26.55 -5.51 11.08
CA TYR A 107 27.32 -5.28 9.86
C TYR A 107 28.67 -6.00 9.90
N ARG A 108 29.27 -6.07 11.09
CA ARG A 108 30.55 -6.74 11.26
C ARG A 108 30.37 -8.25 11.17
N ASP A 109 29.23 -8.74 11.66
CA ASP A 109 28.87 -10.14 11.53
C ASP A 109 28.82 -10.54 10.06
N VAL A 110 28.10 -9.74 9.27
CA VAL A 110 27.90 -10.04 7.86
C VAL A 110 29.18 -9.86 7.05
N VAL A 111 29.90 -8.77 7.30
CA VAL A 111 31.14 -8.50 6.58
C VAL A 111 32.18 -9.59 6.83
N ASP A 112 32.42 -9.92 8.09
CA ASP A 112 33.40 -10.95 8.42
C ASP A 112 33.02 -12.34 7.88
N LEU A 113 31.75 -12.70 8.00
CA LEU A 113 31.30 -14.00 7.52
C LEU A 113 31.45 -14.13 6.00
N LEU A 114 31.07 -13.10 5.27
CA LEU A 114 31.08 -13.15 3.82
C LEU A 114 32.47 -12.96 3.22
N GLU A 115 33.38 -12.37 3.99
CA GLU A 115 34.75 -12.16 3.55
C GLU A 115 35.69 -13.30 3.95
N GLN A 116 35.44 -13.91 5.10
CA GLN A 116 36.37 -14.87 5.67
C GLN A 116 35.93 -16.34 5.61
N ALA A 117 34.63 -16.59 5.67
CA ALA A 117 34.14 -17.97 5.68
C ALA A 117 34.11 -18.58 4.28
N GLY A 118 34.44 -19.86 4.19
CA GLY A 118 34.43 -20.57 2.93
C GLY A 118 33.03 -20.85 2.43
N ASP A 119 32.92 -21.65 1.37
CA ASP A 119 31.62 -21.88 0.74
C ASP A 119 30.80 -22.98 1.43
N ARG A 120 31.21 -23.39 2.62
CA ARG A 120 30.46 -24.38 3.37
C ARG A 120 29.28 -23.73 4.09
N LEU A 121 29.38 -22.42 4.33
CA LEU A 121 28.28 -21.67 4.92
C LEU A 121 27.12 -21.64 3.94
N ASP A 122 25.92 -21.95 4.43
CA ASP A 122 24.75 -22.07 3.57
C ASP A 122 23.80 -20.90 3.71
N GLN A 123 23.70 -20.35 4.92
CA GLN A 123 22.58 -19.48 5.25
C GLN A 123 22.93 -18.56 6.42
N ILE A 124 22.32 -17.39 6.45
CA ILE A 124 22.36 -16.56 7.65
C ILE A 124 20.94 -16.32 8.16
N MET A 125 20.80 -16.35 9.49
CA MET A 125 19.51 -16.09 10.12
C MET A 125 19.45 -14.67 10.65
N ILE A 126 18.46 -13.91 10.18
CA ILE A 126 18.29 -12.53 10.59
C ILE A 126 17.21 -12.41 11.67
N PRO A 127 17.58 -11.89 12.86
CA PRO A 127 16.66 -11.80 13.99
C PRO A 127 15.87 -10.48 14.00
N LYS A 128 14.75 -10.48 14.73
CA LYS A 128 13.93 -9.29 14.94
C LYS A 128 13.55 -8.52 13.68
N VAL A 129 13.19 -9.25 12.63
CA VAL A 129 12.79 -8.61 11.38
C VAL A 129 11.41 -7.96 11.50
N GLY A 130 11.34 -6.67 11.17
CA GLY A 130 10.12 -5.91 11.35
C GLY A 130 9.45 -5.49 10.06
N CYS A 131 10.17 -5.62 8.94
CA CYS A 131 9.63 -5.24 7.64
C CYS A 131 10.50 -5.78 6.51
N ALA A 132 9.99 -5.68 5.29
CA ALA A 132 10.69 -6.18 4.12
C ALA A 132 12.03 -5.47 3.92
N ALA A 133 12.09 -4.20 4.30
CA ALA A 133 13.28 -3.38 4.09
C ALA A 133 14.47 -3.85 4.92
N ASP A 134 14.20 -4.44 6.09
CA ASP A 134 15.26 -5.02 6.92
C ASP A 134 16.00 -6.13 6.17
N VAL A 135 15.23 -7.02 5.54
CA VAL A 135 15.81 -8.13 4.80
C VAL A 135 16.56 -7.61 3.58
N TYR A 136 15.97 -6.62 2.91
CA TYR A 136 16.55 -5.99 1.74
C TYR A 136 17.90 -5.36 2.08
N ALA A 137 18.00 -4.78 3.28
CA ALA A 137 19.22 -4.14 3.72
C ALA A 137 20.36 -5.15 3.88
N VAL A 138 20.04 -6.30 4.46
CA VAL A 138 21.01 -7.38 4.61
C VAL A 138 21.36 -7.96 3.24
N ASP A 139 20.35 -8.11 2.39
CA ASP A 139 20.53 -8.63 1.03
C ASP A 139 21.48 -7.74 0.23
N ALA A 140 21.35 -6.43 0.40
CA ALA A 140 22.20 -5.46 -0.27
C ALA A 140 23.67 -5.62 0.10
N LEU A 141 23.93 -5.80 1.40
CA LEU A 141 25.28 -5.97 1.90
C LEU A 141 25.86 -7.31 1.45
N VAL A 142 25.11 -8.38 1.67
CA VAL A 142 25.55 -9.72 1.31
C VAL A 142 25.87 -9.84 -0.18
N THR A 143 25.00 -9.29 -1.02
CA THR A 143 25.16 -9.38 -2.46
C THR A 143 26.43 -8.68 -2.96
N ALA A 144 26.71 -7.50 -2.41
CA ALA A 144 27.90 -6.75 -2.81
C ALA A 144 29.17 -7.51 -2.46
N ILE A 145 29.19 -8.11 -1.27
CA ILE A 145 30.37 -8.84 -0.83
C ILE A 145 30.56 -10.15 -1.60
N GLU A 146 29.47 -10.86 -1.87
CA GLU A 146 29.52 -12.07 -2.69
C GLU A 146 30.13 -11.76 -4.05
N ARG A 147 29.73 -10.63 -4.64
CA ARG A 147 30.27 -10.21 -5.92
C ARG A 147 31.74 -9.80 -5.84
N ALA A 148 32.08 -9.07 -4.78
CA ALA A 148 33.44 -8.61 -4.56
C ALA A 148 34.42 -9.77 -4.36
N LYS A 149 33.98 -10.78 -3.61
CA LYS A 149 34.84 -11.93 -3.31
C LYS A 149 34.66 -13.08 -4.30
N GLY A 150 33.66 -12.97 -5.17
CA GLY A 150 33.41 -14.01 -6.16
C GLY A 150 32.94 -15.33 -5.56
N ARG A 151 32.08 -15.25 -4.55
CA ARG A 151 31.54 -16.45 -3.92
C ARG A 151 30.66 -17.21 -4.92
N THR A 152 30.83 -18.52 -4.97
CA THR A 152 30.14 -19.34 -5.97
C THR A 152 28.76 -19.83 -5.51
N LYS A 153 28.58 -19.96 -4.20
CA LYS A 153 27.28 -20.38 -3.68
C LYS A 153 26.63 -19.27 -2.87
N PRO A 154 25.69 -18.55 -3.48
CA PRO A 154 24.97 -17.47 -2.79
C PRO A 154 24.22 -17.99 -1.56
N LEU A 155 24.33 -17.26 -0.46
CA LEU A 155 23.69 -17.66 0.78
C LEU A 155 22.18 -17.54 0.68
N SER A 156 21.48 -18.40 1.39
CA SER A 156 20.04 -18.25 1.56
C SER A 156 19.80 -17.46 2.84
N PHE A 157 18.60 -16.91 2.98
CA PHE A 157 18.23 -16.19 4.20
C PHE A 157 17.13 -16.93 4.94
N GLU A 158 17.17 -16.86 6.26
CA GLU A 158 16.00 -17.17 7.08
C GLU A 158 15.83 -16.04 8.08
N VAL A 159 14.60 -15.82 8.52
CA VAL A 159 14.31 -14.71 9.41
C VAL A 159 13.51 -15.16 10.61
N ILE A 160 13.56 -14.37 11.69
CA ILE A 160 12.76 -14.64 12.86
C ILE A 160 11.69 -13.59 13.05
N ILE A 161 10.44 -14.04 13.14
CA ILE A 161 9.34 -13.18 13.55
C ILE A 161 9.26 -13.25 15.06
N GLU A 162 9.68 -12.19 15.73
CA GLU A 162 9.73 -12.18 17.19
C GLU A 162 9.45 -10.79 17.71
N SER A 163 8.56 -10.08 17.02
CA SER A 163 8.14 -8.75 17.44
C SER A 163 6.75 -8.46 16.89
N ALA A 164 6.10 -7.44 17.44
CA ALA A 164 4.78 -7.03 16.99
C ALA A 164 4.84 -6.56 15.55
N ALA A 165 5.87 -5.79 15.21
CA ALA A 165 6.05 -5.32 13.85
C ALA A 165 6.20 -6.50 12.89
N GLY A 166 6.91 -7.53 13.35
CA GLY A 166 7.16 -8.70 12.53
C GLY A 166 5.87 -9.41 12.12
N ILE A 167 4.99 -9.67 13.08
CA ILE A 167 3.76 -10.38 12.78
C ILE A 167 2.79 -9.51 11.98
N ALA A 168 2.81 -8.20 12.23
CA ALA A 168 1.93 -7.26 11.54
C ALA A 168 2.29 -7.12 10.07
N HIS A 169 3.58 -7.30 9.77
CA HIS A 169 4.09 -7.14 8.40
C HIS A 169 4.60 -8.47 7.86
N VAL A 170 4.06 -9.56 8.39
CA VAL A 170 4.60 -10.89 8.10
C VAL A 170 4.59 -11.28 6.61
N GLU A 171 3.56 -10.89 5.88
CA GLU A 171 3.49 -11.26 4.46
C GLU A 171 4.52 -10.52 3.61
N GLU A 172 4.70 -9.23 3.87
CA GLU A 172 5.67 -8.46 3.11
C GLU A 172 7.10 -8.95 3.41
N ILE A 173 7.31 -9.44 4.62
CA ILE A 173 8.59 -10.02 5.02
C ILE A 173 8.82 -11.33 4.28
N ALA A 174 7.75 -12.11 4.12
CA ALA A 174 7.84 -13.38 3.42
C ALA A 174 8.22 -13.21 1.95
N ALA A 175 7.88 -12.07 1.37
CA ALA A 175 8.13 -11.83 -0.05
C ALA A 175 9.29 -10.87 -0.29
N SER A 176 10.16 -10.74 0.71
CA SER A 176 11.16 -9.67 0.72
C SER A 176 12.46 -9.97 -0.04
N SER A 177 12.72 -11.25 -0.32
CA SER A 177 13.97 -11.63 -0.96
C SER A 177 13.94 -13.02 -1.59
N PRO A 178 14.52 -13.16 -2.79
CA PRO A 178 14.68 -14.47 -3.45
C PRO A 178 15.55 -15.42 -2.62
N ARG A 179 16.39 -14.87 -1.75
CA ARG A 179 17.25 -15.67 -0.87
C ARG A 179 16.45 -16.34 0.25
N LEU A 180 15.30 -15.78 0.59
CA LEU A 180 14.54 -16.22 1.76
C LEU A 180 14.04 -17.66 1.61
N GLN A 181 14.38 -18.50 2.57
CA GLN A 181 13.99 -19.91 2.51
C GLN A 181 13.15 -20.36 3.71
N ALA A 182 13.30 -19.68 4.83
CA ALA A 182 12.59 -20.07 6.05
C ALA A 182 12.25 -18.90 6.96
N MET A 183 11.25 -19.11 7.81
CA MET A 183 10.80 -18.08 8.73
C MET A 183 10.36 -18.70 10.04
N SER A 184 10.99 -18.28 11.13
CA SER A 184 10.73 -18.85 12.44
C SER A 184 9.95 -17.91 13.36
N LEU A 185 9.06 -18.46 14.16
CA LEU A 185 8.41 -17.71 15.22
C LEU A 185 9.23 -17.80 16.49
N GLY A 186 9.73 -16.66 16.98
CA GLY A 186 10.46 -16.62 18.23
C GLY A 186 9.54 -16.23 19.37
N ALA A 187 8.91 -17.23 19.99
CA ALA A 187 7.85 -17.00 20.96
C ALA A 187 8.26 -16.22 22.22
N ALA A 188 9.50 -16.43 22.68
CA ALA A 188 9.98 -15.74 23.87
C ALA A 188 10.10 -14.23 23.65
N ASP A 189 10.73 -13.86 22.53
CA ASP A 189 10.92 -12.44 22.21
C ASP A 189 9.67 -11.82 21.62
N PHE A 190 8.85 -12.63 20.97
CA PHE A 190 7.54 -12.17 20.49
C PHE A 190 6.70 -11.71 21.67
N ALA A 191 6.61 -12.57 22.69
CA ALA A 191 5.83 -12.28 23.89
C ALA A 191 6.32 -11.01 24.59
N ALA A 192 7.64 -10.84 24.65
CA ALA A 192 8.24 -9.66 25.26
C ALA A 192 7.86 -8.39 24.49
N SER A 193 7.96 -8.48 23.17
CA SER A 193 7.61 -7.36 22.30
C SER A 193 6.12 -7.01 22.37
N MET A 194 5.28 -8.05 22.47
CA MET A 194 3.83 -7.86 22.52
C MET A 194 3.35 -7.45 23.91
N GLY A 195 4.23 -7.56 24.89
CA GLY A 195 3.86 -7.24 26.27
C GLY A 195 3.03 -8.36 26.87
N MET A 196 3.19 -9.56 26.34
CA MET A 196 2.46 -10.73 26.82
C MET A 196 2.89 -11.13 28.23
N GLN A 197 1.92 -11.34 29.10
CA GLN A 197 2.21 -11.81 30.45
C GLN A 197 2.30 -13.33 30.47
N THR A 198 3.42 -13.84 29.97
CA THR A 198 3.60 -15.28 29.83
C THR A 198 4.66 -15.81 30.79
N THR A 199 4.76 -17.13 30.89
CA THR A 199 5.79 -17.77 31.67
C THR A 199 6.65 -18.67 30.79
N GLY A 200 7.96 -18.64 31.02
CA GLY A 200 8.88 -19.45 30.24
C GLY A 200 8.92 -19.09 28.78
N ILE A 201 8.96 -20.09 27.92
CA ILE A 201 9.08 -19.88 26.48
C ILE A 201 8.14 -20.81 25.71
N GLY A 202 7.10 -20.24 25.12
CA GLY A 202 6.14 -21.00 24.35
C GLY A 202 5.31 -21.94 25.21
N GLY A 203 4.55 -22.82 24.57
CA GLY A 203 3.78 -23.83 25.28
C GLY A 203 2.53 -23.29 25.96
N THR A 204 1.92 -24.13 26.78
CA THR A 204 0.71 -23.76 27.51
C THR A 204 0.97 -22.57 28.43
N GLN A 205 0.02 -21.64 28.46
CA GLN A 205 0.08 -20.53 29.40
C GLN A 205 -1.03 -20.67 30.43
N GLU A 206 -0.64 -20.58 31.70
CA GLU A 206 -1.56 -20.80 32.82
C GLU A 206 -2.79 -19.90 32.77
N ASN A 207 -2.59 -18.61 32.52
CA ASN A 207 -3.66 -17.63 32.56
C ASN A 207 -4.43 -17.45 31.26
N TYR A 208 -4.22 -18.34 30.31
CA TYR A 208 -4.97 -18.29 29.05
C TYR A 208 -5.89 -19.50 28.95
N TYR A 209 -7.11 -19.35 29.47
CA TYR A 209 -8.04 -20.46 29.55
C TYR A 209 -9.48 -19.95 29.43
N MET A 210 -10.39 -20.85 29.07
CA MET A 210 -11.81 -20.53 29.04
C MET A 210 -12.50 -21.15 30.25
N LEU A 211 -13.27 -20.34 30.97
CA LEU A 211 -14.02 -20.82 32.11
C LEU A 211 -15.44 -21.22 31.71
N HIS A 212 -15.76 -22.50 31.84
CA HIS A 212 -17.11 -22.97 31.57
C HIS A 212 -17.63 -23.83 32.73
N ASP A 213 -18.71 -23.38 33.35
CA ASP A 213 -19.30 -24.06 34.51
C ASP A 213 -18.28 -24.32 35.60
N GLY A 214 -17.48 -23.30 35.91
CA GLY A 214 -16.46 -23.40 36.94
C GLY A 214 -15.28 -24.27 36.56
N GLN A 215 -15.29 -24.80 35.33
CA GLN A 215 -14.22 -25.67 34.85
C GLN A 215 -13.38 -24.98 33.77
N LYS A 216 -12.05 -25.13 33.87
CA LYS A 216 -11.14 -24.42 32.97
C LYS A 216 -10.70 -25.23 31.75
N HIS A 217 -10.64 -24.57 30.61
CA HIS A 217 -10.15 -25.20 29.37
C HIS A 217 -9.09 -24.33 28.70
N TRP A 218 -7.84 -24.79 28.73
CA TRP A 218 -6.74 -24.01 28.17
C TRP A 218 -6.75 -24.02 26.65
N SER A 219 -6.56 -22.85 26.07
CA SER A 219 -6.58 -22.69 24.61
C SER A 219 -5.20 -22.25 24.13
N ASP A 220 -5.06 -22.07 22.82
CA ASP A 220 -3.76 -21.75 22.23
C ASP A 220 -3.57 -20.24 22.07
N PRO A 221 -2.71 -19.64 22.91
CA PRO A 221 -2.47 -18.20 22.88
C PRO A 221 -1.54 -17.79 21.74
N TRP A 222 -1.05 -18.77 20.98
CA TRP A 222 -0.14 -18.49 19.87
C TRP A 222 -0.77 -18.79 18.52
N HIS A 223 -2.07 -19.03 18.50
CA HIS A 223 -2.75 -19.48 17.28
C HIS A 223 -2.55 -18.58 16.06
N TRP A 224 -2.91 -17.31 16.20
CA TRP A 224 -2.82 -16.37 15.09
C TRP A 224 -1.39 -16.18 14.58
N ALA A 225 -0.44 -15.99 15.50
CA ALA A 225 0.95 -15.78 15.14
C ALA A 225 1.48 -16.93 14.30
N GLN A 226 1.23 -18.15 14.75
CA GLN A 226 1.66 -19.33 14.02
C GLN A 226 0.98 -19.45 12.66
N ALA A 227 -0.35 -19.39 12.66
CA ALA A 227 -1.11 -19.56 11.42
C ALA A 227 -0.80 -18.49 10.37
N ALA A 228 -0.66 -17.25 10.80
CA ALA A 228 -0.37 -16.15 9.89
C ALA A 228 1.02 -16.30 9.27
N ILE A 229 1.97 -16.80 10.06
CA ILE A 229 3.31 -17.07 9.56
C ILE A 229 3.27 -18.17 8.51
N VAL A 230 2.52 -19.24 8.80
CA VAL A 230 2.37 -20.34 7.85
C VAL A 230 1.76 -19.86 6.54
N ALA A 231 0.71 -19.05 6.63
CA ALA A 231 0.04 -18.49 5.46
C ALA A 231 0.96 -17.60 4.64
N ALA A 232 1.74 -16.76 5.31
CA ALA A 232 2.68 -15.88 4.63
C ALA A 232 3.76 -16.68 3.91
N CYS A 233 4.32 -17.67 4.62
CA CYS A 233 5.35 -18.52 4.06
C CYS A 233 4.87 -19.33 2.85
N ARG A 234 3.71 -19.97 2.99
CA ARG A 234 3.19 -20.83 1.93
C ARG A 234 2.78 -20.03 0.69
N THR A 235 2.35 -18.78 0.91
CA THR A 235 2.01 -17.89 -0.19
C THR A 235 3.23 -17.60 -1.06
N HIS A 236 4.41 -17.53 -0.45
CA HIS A 236 5.60 -17.07 -1.17
C HIS A 236 6.72 -18.11 -1.31
N GLY A 237 6.40 -19.37 -1.01
CA GLY A 237 7.38 -20.44 -1.15
C GLY A 237 8.46 -20.45 -0.09
N ILE A 238 8.06 -20.18 1.15
CA ILE A 238 8.99 -20.14 2.27
C ILE A 238 8.65 -21.28 3.24
N LEU A 239 9.63 -21.75 4.00
CA LEU A 239 9.39 -22.79 5.01
C LEU A 239 9.06 -22.18 6.36
N PRO A 240 7.83 -22.42 6.85
CA PRO A 240 7.43 -21.94 8.19
C PRO A 240 7.96 -22.86 9.29
N VAL A 241 8.63 -22.28 10.28
CA VAL A 241 9.31 -23.06 11.33
C VAL A 241 8.93 -22.57 12.73
N ASP A 242 8.75 -23.50 13.66
CA ASP A 242 8.43 -23.16 15.04
C ASP A 242 9.71 -22.89 15.83
N GLY A 243 9.65 -21.96 16.78
CA GLY A 243 10.83 -21.56 17.52
C GLY A 243 11.13 -22.38 18.76
N PRO A 244 11.84 -21.78 19.72
CA PRO A 244 12.34 -22.49 20.90
C PRO A 244 11.23 -22.83 21.90
N PHE A 245 11.39 -23.97 22.57
CA PHE A 245 10.52 -24.35 23.67
C PHE A 245 11.37 -24.42 24.93
N GLY A 246 11.02 -23.63 25.94
CA GLY A 246 11.88 -23.40 27.09
C GLY A 246 12.04 -24.52 28.10
N ASP A 247 10.99 -25.31 28.32
CA ASP A 247 11.04 -26.34 29.35
C ASP A 247 11.71 -27.62 28.86
N PHE A 248 12.96 -27.82 29.26
CA PHE A 248 13.77 -28.96 28.82
C PHE A 248 13.36 -30.26 29.50
N SER A 249 12.64 -30.16 30.61
CA SER A 249 12.21 -31.34 31.35
C SER A 249 10.83 -31.85 30.91
N ASP A 250 10.11 -31.03 30.16
CA ASP A 250 8.77 -31.38 29.71
C ASP A 250 8.78 -31.87 28.26
N ASP A 251 8.99 -33.16 28.08
CA ASP A 251 8.99 -33.77 26.75
C ASP A 251 7.60 -33.79 26.14
N GLU A 252 6.60 -34.06 26.97
CA GLU A 252 5.22 -34.11 26.51
C GLU A 252 4.69 -32.72 26.19
N GLY A 253 5.20 -31.72 26.91
CA GLY A 253 4.88 -30.34 26.62
C GLY A 253 5.49 -29.93 25.29
N PHE A 254 6.70 -30.42 25.04
CA PHE A 254 7.38 -30.17 23.77
C PHE A 254 6.63 -30.85 22.63
N ARG A 255 6.18 -32.07 22.88
CA ARG A 255 5.41 -32.81 21.88
C ARG A 255 4.11 -32.08 21.54
N ALA A 256 3.47 -31.53 22.57
CA ALA A 256 2.22 -30.80 22.37
C ALA A 256 2.44 -29.56 21.51
N GLN A 257 3.45 -28.78 21.85
CA GLN A 257 3.81 -27.57 21.08
C GLN A 257 4.16 -27.92 19.64
N ALA A 258 4.96 -28.97 19.46
CA ALA A 258 5.40 -29.38 18.14
C ALA A 258 4.26 -29.92 17.30
N ARG A 259 3.33 -30.62 17.94
CA ARG A 259 2.16 -31.16 17.25
C ARG A 259 1.22 -30.07 16.78
N ARG A 260 1.03 -29.04 17.61
CA ARG A 260 0.23 -27.89 17.21
C ARG A 260 0.84 -27.21 16.00
N SER A 261 2.15 -26.99 16.07
CA SER A 261 2.89 -26.35 14.99
C SER A 261 2.77 -27.14 13.69
N ALA A 262 3.00 -28.45 13.78
CA ALA A 262 2.92 -29.33 12.61
C ALA A 262 1.52 -29.33 12.03
N THR A 263 0.51 -29.28 12.91
CA THR A 263 -0.88 -29.27 12.48
C THR A 263 -1.22 -28.00 11.72
N LEU A 264 -0.72 -26.86 12.23
CA LEU A 264 -0.98 -25.58 11.60
C LEU A 264 -0.21 -25.37 10.29
N GLY A 265 0.81 -26.18 10.06
CA GLY A 265 1.53 -26.14 8.79
C GLY A 265 3.03 -25.94 8.88
N MET A 266 3.54 -25.74 10.09
CA MET A 266 4.98 -25.58 10.27
C MET A 266 5.69 -26.91 10.05
N VAL A 267 6.92 -26.83 9.54
CA VAL A 267 7.63 -28.02 9.06
C VAL A 267 8.74 -28.49 9.99
N GLY A 268 8.99 -27.73 11.04
CA GLY A 268 10.06 -28.05 11.97
C GLY A 268 10.08 -27.16 13.19
N LYS A 269 11.05 -27.40 14.07
CA LYS A 269 11.15 -26.66 15.31
C LYS A 269 12.60 -26.54 15.79
N TRP A 270 12.91 -25.44 16.47
CA TRP A 270 14.23 -25.25 17.03
C TRP A 270 14.54 -26.27 18.11
N ALA A 271 15.82 -26.61 18.24
CA ALA A 271 16.31 -27.35 19.40
C ALA A 271 17.36 -26.51 20.11
N ILE A 272 17.01 -26.00 21.29
CA ILE A 272 17.95 -25.22 22.08
C ILE A 272 18.51 -26.07 23.20
N HIS A 273 18.34 -27.38 23.05
CA HIS A 273 18.91 -28.37 23.95
C HIS A 273 18.93 -29.70 23.19
N PRO A 274 20.07 -30.40 23.22
CA PRO A 274 20.29 -31.63 22.44
C PRO A 274 19.20 -32.68 22.63
N LYS A 275 18.53 -32.65 23.78
CA LYS A 275 17.45 -33.57 24.08
C LYS A 275 16.26 -33.35 23.15
N GLN A 276 16.08 -32.11 22.69
CA GLN A 276 14.91 -31.74 21.88
C GLN A 276 15.01 -32.16 20.42
N VAL A 277 16.21 -32.55 19.98
CA VAL A 277 16.42 -32.95 18.59
C VAL A 277 15.62 -34.19 18.25
N ALA A 278 15.68 -35.20 19.12
CA ALA A 278 14.94 -36.43 18.91
C ALA A 278 13.43 -36.19 18.92
N LEU A 279 12.99 -35.29 19.80
CA LEU A 279 11.58 -34.97 19.92
C LEU A 279 11.05 -34.31 18.65
N ALA A 280 11.82 -33.35 18.12
CA ALA A 280 11.43 -32.64 16.90
C ALA A 280 11.33 -33.58 15.71
N ASN A 281 12.35 -34.42 15.53
CA ASN A 281 12.36 -35.38 14.42
C ASN A 281 11.21 -36.37 14.48
N GLU A 282 10.80 -36.73 15.69
CA GLU A 282 9.70 -37.65 15.87
C GLU A 282 8.39 -37.05 15.40
N VAL A 283 8.15 -35.80 15.80
CA VAL A 283 6.90 -35.13 15.47
C VAL A 283 6.84 -34.70 14.01
N PHE A 284 7.90 -34.07 13.53
CA PHE A 284 7.88 -33.48 12.20
C PHE A 284 8.22 -34.48 11.09
N THR A 285 8.36 -35.74 11.46
CA THR A 285 8.34 -36.83 10.49
C THR A 285 7.00 -37.53 10.64
N PRO A 286 6.19 -37.53 9.57
CA PRO A 286 4.84 -38.12 9.59
C PRO A 286 4.85 -39.56 10.11
N SER A 287 3.95 -39.87 11.03
CA SER A 287 3.88 -41.19 11.63
C SER A 287 3.58 -42.26 10.57
N GLU A 288 3.91 -43.50 10.88
CA GLU A 288 3.69 -44.61 9.96
C GLU A 288 2.19 -44.82 9.75
N THR A 289 1.40 -44.46 10.75
CA THR A 289 -0.06 -44.54 10.65
C THR A 289 -0.61 -43.47 9.71
N ALA A 290 -0.10 -42.25 9.85
CA ALA A 290 -0.54 -41.12 9.04
C ALA A 290 -0.15 -41.31 7.57
N VAL A 291 1.02 -41.89 7.34
CA VAL A 291 1.50 -42.14 5.98
C VAL A 291 0.65 -43.19 5.27
N THR A 292 0.38 -44.30 5.94
CA THR A 292 -0.42 -45.39 5.37
C THR A 292 -1.84 -44.93 5.05
N GLU A 293 -2.38 -44.03 5.86
CA GLU A 293 -3.70 -43.48 5.58
C GLU A 293 -3.65 -42.58 4.35
N ALA A 294 -2.57 -41.80 4.24
CA ALA A 294 -2.39 -40.91 3.10
C ALA A 294 -2.32 -41.68 1.78
N ARG A 295 -1.56 -42.77 1.79
CA ARG A 295 -1.39 -43.57 0.58
C ARG A 295 -2.66 -44.32 0.19
N GLU A 296 -3.46 -44.71 1.18
CA GLU A 296 -4.72 -45.38 0.91
C GLU A 296 -5.73 -44.43 0.28
N ILE A 297 -5.78 -43.19 0.78
CA ILE A 297 -6.65 -42.16 0.23
C ILE A 297 -6.29 -41.88 -1.22
N LEU A 298 -4.98 -41.84 -1.49
CA LEU A 298 -4.48 -41.68 -2.86
C LEU A 298 -4.92 -42.84 -3.74
N ALA A 299 -4.80 -44.06 -3.21
CA ALA A 299 -5.24 -45.26 -3.91
C ALA A 299 -6.76 -45.27 -4.08
N ALA A 300 -7.48 -44.81 -3.06
CA ALA A 300 -8.93 -44.75 -3.11
C ALA A 300 -9.41 -43.73 -4.15
N MET A 301 -8.71 -42.60 -4.22
CA MET A 301 -9.03 -41.56 -5.20
C MET A 301 -8.61 -41.97 -6.61
N ASP A 302 -7.50 -42.69 -6.71
CA ASP A 302 -7.01 -43.17 -7.99
C ASP A 302 -7.97 -44.21 -8.57
N ALA A 303 -8.57 -45.00 -7.68
CA ALA A 303 -9.55 -46.01 -8.08
C ALA A 303 -10.85 -45.35 -8.54
N ALA A 304 -11.25 -44.30 -7.84
CA ALA A 304 -12.47 -43.56 -8.17
C ALA A 304 -12.34 -42.86 -9.52
N LYS A 305 -11.12 -42.43 -9.84
CA LYS A 305 -10.84 -41.79 -11.12
C LYS A 305 -11.09 -42.74 -12.28
N ALA A 306 -10.59 -43.97 -12.16
CA ALA A 306 -10.75 -44.97 -13.20
C ALA A 306 -12.22 -45.37 -13.36
N ARG A 307 -12.97 -45.26 -12.28
CA ARG A 307 -14.41 -45.55 -12.29
C ARG A 307 -15.17 -44.36 -12.89
N GLY A 308 -14.46 -43.26 -13.09
CA GLY A 308 -15.05 -42.05 -13.64
C GLY A 308 -15.73 -41.22 -12.58
N GLU A 309 -15.08 -41.07 -11.43
CA GLU A 309 -15.64 -40.30 -10.33
C GLU A 309 -14.57 -39.44 -9.66
N GLY A 310 -14.96 -38.24 -9.25
CA GLY A 310 -14.04 -37.32 -8.61
C GLY A 310 -14.18 -37.31 -7.10
N ALA A 311 -15.23 -37.96 -6.61
CA ALA A 311 -15.48 -38.03 -5.18
C ALA A 311 -15.99 -39.42 -4.81
N THR A 312 -15.63 -39.89 -3.62
CA THR A 312 -16.05 -41.19 -3.13
C THR A 312 -15.92 -41.24 -1.61
N VAL A 313 -16.14 -42.42 -1.03
CA VAL A 313 -16.16 -42.55 0.43
C VAL A 313 -14.96 -43.33 0.97
N TYR A 314 -14.34 -42.78 2.02
CA TYR A 314 -13.21 -43.43 2.69
C TYR A 314 -13.45 -43.41 4.20
N LYS A 315 -13.68 -44.60 4.77
CA LYS A 315 -13.91 -44.75 6.20
C LYS A 315 -15.02 -43.86 6.75
N GLY A 316 -16.13 -43.77 6.00
CA GLY A 316 -17.28 -43.03 6.45
C GLY A 316 -17.15 -41.52 6.36
N ARG A 317 -16.14 -41.03 5.64
CA ARG A 317 -15.98 -39.60 5.40
C ARG A 317 -15.67 -39.30 3.94
N LEU A 318 -15.96 -38.07 3.51
CA LEU A 318 -15.76 -37.65 2.13
C LEU A 318 -14.28 -37.51 1.78
N VAL A 319 -13.92 -37.98 0.59
CA VAL A 319 -12.61 -37.72 0.01
C VAL A 319 -12.78 -37.33 -1.46
N ASP A 320 -12.00 -36.37 -1.92
CA ASP A 320 -12.02 -36.01 -3.34
C ASP A 320 -10.66 -35.54 -3.85
N ILE A 321 -10.69 -34.68 -4.87
CA ILE A 321 -9.47 -34.20 -5.51
C ILE A 321 -8.62 -33.36 -4.56
N ALA A 322 -9.28 -32.57 -3.71
CA ALA A 322 -8.58 -31.78 -2.70
C ALA A 322 -7.91 -32.70 -1.67
N SER A 323 -8.48 -33.88 -1.46
CA SER A 323 -7.92 -34.87 -0.53
C SER A 323 -6.60 -35.44 -1.04
N ILE A 324 -6.47 -35.50 -2.36
CA ILE A 324 -5.24 -35.98 -2.98
C ILE A 324 -4.08 -35.09 -2.56
N LYS A 325 -4.30 -33.78 -2.66
CA LYS A 325 -3.27 -32.80 -2.33
C LYS A 325 -2.94 -32.79 -0.83
N GLN A 326 -3.93 -33.10 -0.01
CA GLN A 326 -3.68 -33.21 1.43
C GLN A 326 -2.82 -34.43 1.73
N ALA A 327 -3.11 -35.53 1.06
CA ALA A 327 -2.33 -36.75 1.22
C ALA A 327 -0.90 -36.54 0.74
N GLU A 328 -0.75 -35.73 -0.30
CA GLU A 328 0.56 -35.43 -0.86
C GLU A 328 1.42 -34.59 0.08
N VAL A 329 0.76 -33.84 0.96
CA VAL A 329 1.47 -33.07 1.98
C VAL A 329 2.12 -34.00 2.98
N ILE A 330 1.36 -34.98 3.44
CA ILE A 330 1.85 -35.97 4.40
C ILE A 330 2.98 -36.81 3.80
N VAL A 331 2.83 -37.18 2.54
CA VAL A 331 3.78 -38.07 1.87
C VAL A 331 5.15 -37.44 1.62
N ARG A 332 5.17 -36.25 1.01
CA ARG A 332 6.44 -35.62 0.65
C ARG A 332 7.28 -35.21 1.85
N GLN A 333 6.64 -35.08 3.01
CA GLN A 333 7.36 -34.77 4.24
C GLN A 333 7.94 -36.06 4.83
N ALA A 334 7.28 -37.17 4.57
CA ALA A 334 7.77 -38.47 5.00
C ALA A 334 8.85 -39.02 4.07
N GLU A 335 8.81 -38.59 2.80
CA GLU A 335 9.79 -39.03 1.82
C GLU A 335 11.07 -38.17 1.87
N MET A 336 11.06 -37.17 2.74
CA MET A 336 12.22 -36.31 2.92
C MET A 336 13.34 -37.05 3.66
N SER B 23 -20.03 5.46 3.68
CA SER B 23 -19.78 6.90 3.76
C SER B 23 -20.40 7.50 5.01
N PHE B 24 -19.73 7.32 6.15
CA PHE B 24 -20.23 7.78 7.44
C PHE B 24 -21.58 7.14 7.78
N ARG B 25 -21.78 5.93 7.26
CA ARG B 25 -22.92 5.10 7.60
C ARG B 25 -22.36 3.83 8.22
N LEU B 26 -23.24 2.92 8.62
CA LEU B 26 -22.79 1.60 9.06
C LEU B 26 -22.27 0.81 7.87
N GLN B 27 -21.67 -0.35 8.14
CA GLN B 27 -21.14 -1.22 7.09
C GLN B 27 -22.21 -1.55 6.07
N PRO B 28 -21.81 -1.90 4.83
CA PRO B 28 -22.80 -2.25 3.81
C PRO B 28 -23.65 -3.44 4.25
N ALA B 29 -24.93 -3.44 3.87
CA ALA B 29 -25.79 -4.56 4.17
C ALA B 29 -25.51 -5.71 3.21
N PRO B 30 -25.44 -6.94 3.74
CA PRO B 30 -25.23 -8.13 2.92
C PRO B 30 -26.50 -8.47 2.14
N PRO B 31 -26.40 -9.32 1.11
CA PRO B 31 -27.59 -9.81 0.41
C PRO B 31 -28.60 -10.41 1.40
N ALA B 32 -29.88 -10.18 1.16
CA ALA B 32 -30.93 -10.60 2.10
C ALA B 32 -31.36 -12.05 1.93
N ARG B 33 -30.99 -12.65 0.79
CA ARG B 33 -31.40 -14.02 0.49
C ARG B 33 -30.88 -15.03 1.52
N PRO B 34 -31.65 -16.11 1.74
CA PRO B 34 -31.24 -17.16 2.67
C PRO B 34 -29.99 -17.90 2.17
N ASN B 35 -29.10 -18.24 3.09
CA ASN B 35 -27.88 -18.96 2.73
C ASN B 35 -27.44 -19.84 3.90
N ARG B 36 -28.42 -20.51 4.51
CA ARG B 36 -28.16 -21.37 5.66
C ARG B 36 -27.37 -22.60 5.26
N CYS B 37 -27.62 -23.11 4.06
CA CYS B 37 -26.97 -24.32 3.60
C CYS B 37 -26.77 -24.31 2.08
N GLN B 38 -25.60 -24.77 1.65
CA GLN B 38 -25.32 -24.92 0.23
C GLN B 38 -25.04 -26.40 -0.07
N LEU B 39 -25.97 -27.03 -0.78
CA LEU B 39 -25.85 -28.45 -1.09
C LEU B 39 -25.06 -28.67 -2.37
N PHE B 40 -23.95 -29.39 -2.26
CA PHE B 40 -23.07 -29.66 -3.40
C PHE B 40 -23.35 -31.02 -4.03
N GLY B 41 -23.13 -31.11 -5.34
CA GLY B 41 -23.27 -32.36 -6.06
C GLY B 41 -22.49 -32.34 -7.36
N PRO B 42 -21.75 -33.42 -7.64
CA PRO B 42 -20.95 -33.53 -8.87
C PRO B 42 -21.82 -33.48 -10.12
N GLY B 43 -21.39 -32.68 -11.09
CA GLY B 43 -22.13 -32.54 -12.34
C GLY B 43 -22.10 -33.81 -13.19
N SER B 44 -21.23 -34.75 -12.82
CA SER B 44 -21.13 -36.02 -13.52
C SER B 44 -22.11 -37.05 -12.97
N ARG B 45 -22.91 -36.63 -11.98
CA ARG B 45 -23.98 -37.48 -11.45
C ARG B 45 -25.33 -36.78 -11.56
N PRO B 46 -25.88 -36.70 -12.78
CA PRO B 46 -27.14 -36.00 -13.04
C PRO B 46 -28.35 -36.58 -12.30
N ALA B 47 -28.22 -37.80 -11.80
CA ALA B 47 -29.33 -38.44 -11.09
C ALA B 47 -29.56 -37.82 -9.72
N LEU B 48 -28.60 -37.01 -9.26
CA LEU B 48 -28.70 -36.35 -7.97
C LEU B 48 -29.49 -35.04 -8.07
N PHE B 49 -29.58 -34.50 -9.28
CA PHE B 49 -30.06 -33.14 -9.49
C PHE B 49 -31.47 -32.86 -8.93
N GLU B 50 -32.44 -33.72 -9.25
CA GLU B 50 -33.80 -33.55 -8.76
C GLU B 50 -33.90 -33.79 -7.25
N LYS B 51 -33.04 -34.67 -6.75
CA LYS B 51 -32.95 -34.91 -5.31
C LYS B 51 -32.44 -33.66 -4.61
N MET B 52 -31.48 -32.98 -5.24
CA MET B 52 -30.94 -31.73 -4.73
C MET B 52 -31.99 -30.64 -4.80
N ALA B 53 -32.73 -30.60 -5.91
CA ALA B 53 -33.75 -29.58 -6.11
C ALA B 53 -34.91 -29.72 -5.12
N ALA B 54 -35.08 -30.91 -4.57
CA ALA B 54 -36.20 -31.17 -3.65
C ALA B 54 -35.77 -31.09 -2.18
N SER B 55 -34.48 -30.89 -1.95
CA SER B 55 -33.96 -30.84 -0.59
C SER B 55 -34.39 -29.56 0.13
N ALA B 56 -33.98 -29.42 1.39
CA ALA B 56 -34.29 -28.23 2.16
C ALA B 56 -33.13 -27.23 2.16
N ALA B 57 -32.23 -27.35 1.18
CA ALA B 57 -31.10 -26.44 1.08
C ALA B 57 -31.48 -25.14 0.37
N ASP B 58 -31.01 -24.01 0.90
CA ASP B 58 -31.28 -22.71 0.30
C ASP B 58 -30.54 -22.54 -1.02
N VAL B 59 -29.32 -23.06 -1.08
CA VAL B 59 -28.46 -22.88 -2.25
C VAL B 59 -28.03 -24.22 -2.83
N ILE B 60 -28.11 -24.34 -4.15
CA ILE B 60 -27.66 -25.54 -4.83
C ILE B 60 -26.39 -25.27 -5.62
N ASN B 61 -25.32 -25.99 -5.29
CA ASN B 61 -24.07 -25.87 -6.02
C ASN B 61 -23.78 -27.11 -6.88
N LEU B 62 -24.01 -26.98 -8.18
CA LEU B 62 -23.64 -28.01 -9.12
C LEU B 62 -22.16 -27.87 -9.45
N ASP B 63 -21.41 -28.95 -9.24
CA ASP B 63 -19.94 -28.89 -9.25
C ASP B 63 -19.29 -29.36 -10.54
N LEU B 64 -18.32 -28.59 -11.01
CA LEU B 64 -17.51 -28.97 -12.16
C LEU B 64 -16.07 -29.21 -11.73
N GLU B 65 -15.77 -28.91 -10.47
CA GLU B 65 -14.40 -28.93 -9.98
C GLU B 65 -14.01 -30.24 -9.26
N ASP B 66 -13.67 -30.13 -7.99
CA ASP B 66 -12.98 -31.19 -7.27
C ASP B 66 -13.78 -32.47 -6.98
N SER B 67 -15.06 -32.48 -7.31
CA SER B 67 -15.84 -33.71 -7.18
C SER B 67 -16.00 -34.38 -8.54
N VAL B 68 -15.35 -33.80 -9.55
CA VAL B 68 -15.45 -34.30 -10.92
C VAL B 68 -14.08 -34.63 -11.49
N ALA B 69 -13.91 -35.86 -11.97
CA ALA B 69 -12.67 -36.29 -12.60
C ALA B 69 -12.44 -35.50 -13.89
N PRO B 70 -11.16 -35.19 -14.19
CA PRO B 70 -10.77 -34.42 -15.38
C PRO B 70 -11.37 -34.92 -16.69
N ASP B 71 -11.47 -36.24 -16.84
CA ASP B 71 -12.01 -36.81 -18.07
C ASP B 71 -13.52 -36.59 -18.19
N ASP B 72 -14.17 -36.35 -17.06
CA ASP B 72 -15.63 -36.22 -17.03
C ASP B 72 -16.10 -34.77 -16.94
N LYS B 73 -15.15 -33.84 -16.91
CA LYS B 73 -15.49 -32.43 -16.74
C LYS B 73 -16.29 -31.86 -17.91
N ALA B 74 -15.94 -32.29 -19.13
CA ALA B 74 -16.64 -31.84 -20.32
C ALA B 74 -18.10 -32.31 -20.33
N GLN B 75 -18.32 -33.54 -19.91
CA GLN B 75 -19.68 -34.08 -19.86
C GLN B 75 -20.46 -33.49 -18.70
N ALA B 76 -19.77 -33.31 -17.56
CA ALA B 76 -20.39 -32.72 -16.38
C ALA B 76 -20.93 -31.33 -16.72
N ARG B 77 -20.16 -30.61 -17.53
CA ARG B 77 -20.56 -29.28 -17.99
C ARG B 77 -21.81 -29.35 -18.85
N ALA B 78 -21.90 -30.38 -19.69
CA ALA B 78 -23.06 -30.57 -20.55
C ALA B 78 -24.31 -30.90 -19.72
N ASN B 79 -24.13 -31.73 -18.69
CA ASN B 79 -25.23 -32.11 -17.80
C ASN B 79 -25.79 -30.94 -17.03
N ILE B 80 -24.89 -30.13 -16.47
CA ILE B 80 -25.29 -28.95 -15.70
C ILE B 80 -26.11 -27.98 -16.53
N ILE B 81 -25.67 -27.73 -17.76
CA ILE B 81 -26.41 -26.89 -18.69
C ILE B 81 -27.82 -27.44 -18.95
N GLU B 82 -27.90 -28.76 -19.11
CA GLU B 82 -29.20 -29.43 -19.29
C GLU B 82 -30.10 -29.24 -18.07
N ALA B 83 -29.52 -29.43 -16.89
CA ALA B 83 -30.27 -29.28 -15.65
C ALA B 83 -30.77 -27.85 -15.44
N ILE B 84 -29.96 -26.87 -15.83
CA ILE B 84 -30.33 -25.46 -15.69
C ILE B 84 -31.50 -25.12 -16.61
N ASN B 85 -31.51 -25.69 -17.81
CA ASN B 85 -32.57 -25.43 -18.78
C ASN B 85 -33.75 -26.39 -18.67
N GLY B 86 -33.59 -27.46 -17.90
CA GLY B 86 -34.57 -28.52 -17.88
C GLY B 86 -35.37 -28.68 -16.59
N LEU B 87 -34.70 -28.67 -15.45
CA LEU B 87 -35.33 -28.99 -14.17
C LEU B 87 -36.04 -27.82 -13.49
N ASP B 88 -36.99 -28.16 -12.64
CA ASP B 88 -37.70 -27.18 -11.82
C ASP B 88 -36.92 -26.98 -10.53
N TRP B 89 -36.29 -25.82 -10.40
CA TRP B 89 -35.46 -25.53 -9.24
C TRP B 89 -36.21 -24.74 -8.17
N GLY B 90 -37.48 -24.46 -8.43
CA GLY B 90 -38.33 -23.78 -7.47
C GLY B 90 -37.78 -22.42 -7.06
N ARG B 91 -37.51 -22.27 -5.78
CA ARG B 91 -37.01 -21.00 -5.25
C ARG B 91 -35.57 -21.12 -4.77
N LYS B 92 -34.88 -22.19 -5.19
CA LYS B 92 -33.49 -22.39 -4.82
C LYS B 92 -32.61 -21.32 -5.46
N TYR B 93 -31.50 -21.01 -4.80
CA TYR B 93 -30.48 -20.19 -5.43
C TYR B 93 -29.54 -21.13 -6.16
N LEU B 94 -29.53 -21.05 -7.49
CA LEU B 94 -28.82 -22.03 -8.31
C LEU B 94 -27.41 -21.56 -8.62
N SER B 95 -26.42 -22.27 -8.09
CA SER B 95 -25.02 -21.92 -8.28
C SER B 95 -24.24 -23.02 -8.98
N VAL B 96 -23.18 -22.63 -9.70
CA VAL B 96 -22.30 -23.59 -10.33
C VAL B 96 -20.85 -23.30 -9.95
N ARG B 97 -20.16 -24.28 -9.38
CA ARG B 97 -18.74 -24.11 -9.09
C ARG B 97 -17.91 -24.48 -10.31
N ILE B 98 -17.30 -23.48 -10.93
CA ILE B 98 -16.45 -23.69 -12.10
C ILE B 98 -15.07 -24.15 -11.66
N ASN B 99 -14.21 -24.45 -12.64
CA ASN B 99 -12.85 -24.83 -12.34
C ASN B 99 -11.98 -23.61 -12.08
N GLY B 100 -10.82 -23.82 -11.47
CA GLY B 100 -9.93 -22.74 -11.08
C GLY B 100 -9.20 -22.10 -12.24
N LEU B 101 -8.68 -20.90 -12.00
CA LEU B 101 -8.01 -20.12 -13.05
C LEU B 101 -6.65 -20.68 -13.43
N ASP B 102 -6.17 -21.67 -12.67
CA ASP B 102 -4.91 -22.31 -12.98
C ASP B 102 -5.12 -23.61 -13.77
N THR B 103 -6.31 -23.78 -14.32
CA THR B 103 -6.64 -24.96 -15.11
C THR B 103 -7.08 -24.53 -16.50
N PRO B 104 -7.03 -25.46 -17.48
CA PRO B 104 -7.51 -25.12 -18.82
C PRO B 104 -9.03 -25.22 -18.95
N PHE B 105 -9.71 -25.65 -17.90
CA PHE B 105 -11.15 -25.89 -17.95
C PHE B 105 -12.00 -24.64 -17.71
N TRP B 106 -11.47 -23.71 -16.91
CA TRP B 106 -12.30 -22.61 -16.39
C TRP B 106 -12.97 -21.76 -17.46
N TYR B 107 -12.25 -21.45 -18.55
CA TYR B 107 -12.77 -20.54 -19.54
C TYR B 107 -13.92 -21.15 -20.33
N ARG B 108 -13.84 -22.44 -20.59
CA ARG B 108 -14.88 -23.15 -21.31
C ARG B 108 -16.11 -23.33 -20.41
N ASP B 109 -15.87 -23.54 -19.12
CA ASP B 109 -16.95 -23.56 -18.14
C ASP B 109 -17.76 -22.29 -18.24
N VAL B 110 -17.08 -21.14 -18.19
CA VAL B 110 -17.76 -19.85 -18.20
C VAL B 110 -18.44 -19.57 -19.53
N VAL B 111 -17.73 -19.82 -20.63
CA VAL B 111 -18.25 -19.56 -21.96
C VAL B 111 -19.50 -20.40 -22.26
N ASP B 112 -19.44 -21.69 -22.00
CA ASP B 112 -20.58 -22.57 -22.24
C ASP B 112 -21.78 -22.21 -21.36
N LEU B 113 -21.55 -21.98 -20.08
CA LEU B 113 -22.63 -21.61 -19.16
C LEU B 113 -23.34 -20.34 -19.61
N LEU B 114 -22.59 -19.28 -19.84
CA LEU B 114 -23.20 -17.99 -20.16
C LEU B 114 -23.78 -17.93 -21.57
N GLU B 115 -23.29 -18.77 -22.46
CA GLU B 115 -23.79 -18.82 -23.83
C GLU B 115 -24.96 -19.80 -24.00
N GLN B 116 -24.97 -20.87 -23.20
CA GLN B 116 -25.95 -21.93 -23.40
C GLN B 116 -27.02 -22.05 -22.30
N ALA B 117 -26.66 -21.75 -21.06
CA ALA B 117 -27.61 -21.86 -19.95
C ALA B 117 -28.60 -20.69 -19.93
N GLY B 118 -29.87 -21.01 -19.72
CA GLY B 118 -30.91 -20.00 -19.65
C GLY B 118 -30.83 -19.14 -18.40
N ASP B 119 -31.85 -18.32 -18.18
CA ASP B 119 -31.78 -17.34 -17.09
C ASP B 119 -32.03 -17.90 -15.69
N ARG B 120 -32.15 -19.21 -15.55
CA ARG B 120 -32.40 -19.79 -14.23
C ARG B 120 -31.12 -19.85 -13.38
N LEU B 121 -29.97 -19.88 -14.05
CA LEU B 121 -28.69 -19.81 -13.35
C LEU B 121 -28.59 -18.48 -12.60
N ASP B 122 -28.25 -18.55 -11.32
CA ASP B 122 -28.18 -17.37 -10.47
C ASP B 122 -26.76 -16.91 -10.23
N GLN B 123 -25.83 -17.86 -10.14
CA GLN B 123 -24.54 -17.59 -9.55
C GLN B 123 -23.48 -18.58 -10.01
N ILE B 124 -22.23 -18.14 -10.04
CA ILE B 124 -21.12 -19.08 -10.17
C ILE B 124 -20.18 -18.95 -8.98
N MET B 125 -19.60 -20.09 -8.61
CA MET B 125 -18.63 -20.15 -7.52
C MET B 125 -17.23 -20.29 -8.08
N ILE B 126 -16.35 -19.34 -7.76
CA ILE B 126 -14.97 -19.37 -8.20
C ILE B 126 -14.09 -19.95 -7.09
N PRO B 127 -13.43 -21.08 -7.36
CA PRO B 127 -12.59 -21.77 -6.37
C PRO B 127 -11.15 -21.25 -6.36
N LYS B 128 -10.45 -21.50 -5.26
CA LYS B 128 -9.02 -21.24 -5.12
C LYS B 128 -8.60 -19.81 -5.46
N VAL B 129 -9.46 -18.85 -5.13
CA VAL B 129 -9.17 -17.44 -5.37
C VAL B 129 -8.01 -16.98 -4.48
N GLY B 130 -6.97 -16.42 -5.11
CA GLY B 130 -5.78 -16.01 -4.40
C GLY B 130 -5.62 -14.51 -4.27
N CYS B 131 -6.36 -13.76 -5.10
CA CYS B 131 -6.31 -12.30 -5.06
C CYS B 131 -7.50 -11.71 -5.81
N ALA B 132 -7.64 -10.40 -5.71
CA ALA B 132 -8.79 -9.70 -6.30
C ALA B 132 -8.82 -9.80 -7.82
N ALA B 133 -7.64 -9.85 -8.43
CA ALA B 133 -7.52 -9.90 -9.89
C ALA B 133 -8.15 -11.17 -10.47
N ASP B 134 -8.10 -12.27 -9.72
CA ASP B 134 -8.75 -13.52 -10.12
C ASP B 134 -10.25 -13.31 -10.35
N VAL B 135 -10.90 -12.66 -9.39
CA VAL B 135 -12.33 -12.37 -9.48
C VAL B 135 -12.60 -11.38 -10.61
N TYR B 136 -11.74 -10.37 -10.72
CA TYR B 136 -11.84 -9.37 -11.79
C TYR B 136 -11.76 -10.06 -13.15
N ALA B 137 -10.90 -11.07 -13.26
CA ALA B 137 -10.72 -11.81 -14.51
C ALA B 137 -11.99 -12.54 -14.95
N VAL B 138 -12.64 -13.21 -14.01
CA VAL B 138 -13.89 -13.90 -14.30
C VAL B 138 -14.98 -12.88 -14.61
N ASP B 139 -14.97 -11.78 -13.88
CA ASP B 139 -15.93 -10.71 -14.07
C ASP B 139 -15.81 -10.11 -15.48
N ALA B 140 -14.58 -9.92 -15.94
CA ALA B 140 -14.33 -9.43 -17.28
C ALA B 140 -14.98 -10.30 -18.34
N LEU B 141 -14.77 -11.62 -18.22
CA LEU B 141 -15.31 -12.58 -19.20
C LEU B 141 -16.82 -12.66 -19.13
N VAL B 142 -17.35 -12.87 -17.91
CA VAL B 142 -18.78 -13.00 -17.69
C VAL B 142 -19.55 -11.79 -18.20
N THR B 143 -19.05 -10.59 -17.90
CA THR B 143 -19.73 -9.35 -18.28
C THR B 143 -19.85 -9.21 -19.81
N ALA B 144 -18.77 -9.56 -20.51
CA ALA B 144 -18.75 -9.46 -21.97
C ALA B 144 -19.78 -10.39 -22.60
N ILE B 145 -19.88 -11.61 -22.08
CA ILE B 145 -20.81 -12.59 -22.63
C ILE B 145 -22.26 -12.21 -22.33
N GLU B 146 -22.50 -11.70 -21.12
CA GLU B 146 -23.83 -11.22 -20.75
C GLU B 146 -24.30 -10.12 -21.70
N ARG B 147 -23.39 -9.19 -22.02
CA ARG B 147 -23.70 -8.11 -22.96
C ARG B 147 -23.91 -8.64 -24.37
N ALA B 148 -23.07 -9.59 -24.78
CA ALA B 148 -23.13 -10.13 -26.14
C ALA B 148 -24.39 -10.96 -26.37
N LYS B 149 -24.85 -11.64 -25.32
CA LYS B 149 -26.02 -12.51 -25.43
C LYS B 149 -27.29 -11.83 -24.94
N GLY B 150 -27.15 -10.63 -24.39
CA GLY B 150 -28.28 -9.87 -23.89
C GLY B 150 -28.98 -10.54 -22.73
N ARG B 151 -28.20 -11.15 -21.85
CA ARG B 151 -28.77 -11.84 -20.69
C ARG B 151 -29.41 -10.87 -19.72
N THR B 152 -30.65 -11.14 -19.34
CA THR B 152 -31.45 -10.21 -18.54
C THR B 152 -31.14 -10.25 -17.03
N LYS B 153 -30.69 -11.39 -16.54
CA LYS B 153 -30.35 -11.51 -15.12
C LYS B 153 -28.85 -11.70 -14.91
N PRO B 154 -28.16 -10.62 -14.53
CA PRO B 154 -26.72 -10.68 -14.28
C PRO B 154 -26.40 -11.65 -13.16
N LEU B 155 -25.38 -12.47 -13.35
CA LEU B 155 -25.00 -13.45 -12.34
C LEU B 155 -24.34 -12.80 -11.14
N SER B 156 -24.54 -13.39 -9.97
CA SER B 156 -23.77 -13.03 -8.79
C SER B 156 -22.56 -13.95 -8.72
N PHE B 157 -21.58 -13.56 -7.90
CA PHE B 157 -20.41 -14.40 -7.69
C PHE B 157 -20.34 -14.84 -6.24
N GLU B 158 -19.73 -16.01 -6.03
CA GLU B 158 -19.26 -16.40 -4.71
C GLU B 158 -17.87 -16.98 -4.89
N VAL B 159 -17.03 -16.89 -3.86
CA VAL B 159 -15.66 -17.38 -3.96
C VAL B 159 -15.31 -18.27 -2.78
N ILE B 160 -14.29 -19.11 -2.97
CA ILE B 160 -13.79 -19.93 -1.89
C ILE B 160 -12.39 -19.50 -1.48
N ILE B 161 -12.23 -19.21 -0.19
CA ILE B 161 -10.92 -18.97 0.38
C ILE B 161 -10.39 -20.32 0.84
N GLU B 162 -9.45 -20.88 0.08
CA GLU B 162 -8.98 -22.24 0.33
C GLU B 162 -7.50 -22.38 -0.01
N SER B 163 -6.75 -21.31 0.20
CA SER B 163 -5.31 -21.33 -0.02
C SER B 163 -4.63 -20.33 0.92
N ALA B 164 -3.31 -20.43 1.02
CA ALA B 164 -2.54 -19.51 1.85
C ALA B 164 -2.67 -18.08 1.34
N ALA B 165 -2.57 -17.92 0.01
CA ALA B 165 -2.69 -16.61 -0.62
C ALA B 165 -4.08 -16.02 -0.38
N GLY B 166 -5.10 -16.87 -0.47
CA GLY B 166 -6.47 -16.46 -0.26
C GLY B 166 -6.70 -15.78 1.08
N ILE B 167 -6.28 -16.43 2.16
CA ILE B 167 -6.49 -15.88 3.49
C ILE B 167 -5.60 -14.66 3.74
N ALA B 168 -4.43 -14.65 3.11
CA ALA B 168 -3.50 -13.53 3.24
C ALA B 168 -4.03 -12.29 2.54
N HIS B 169 -4.90 -12.50 1.55
CA HIS B 169 -5.45 -11.40 0.76
C HIS B 169 -6.96 -11.36 0.85
N VAL B 170 -7.51 -11.85 1.97
CA VAL B 170 -8.95 -12.03 2.08
C VAL B 170 -9.74 -10.73 1.93
N GLU B 171 -9.26 -9.62 2.49
CA GLU B 171 -10.02 -8.38 2.40
C GLU B 171 -10.09 -7.82 0.98
N GLU B 172 -8.98 -7.84 0.25
CA GLU B 172 -8.99 -7.36 -1.13
C GLU B 172 -9.91 -8.24 -1.99
N ILE B 173 -9.96 -9.53 -1.66
CA ILE B 173 -10.86 -10.44 -2.35
C ILE B 173 -12.33 -10.11 -2.06
N ALA B 174 -12.62 -9.75 -0.81
CA ALA B 174 -13.98 -9.39 -0.42
C ALA B 174 -14.48 -8.14 -1.12
N ALA B 175 -13.57 -7.28 -1.54
CA ALA B 175 -13.93 -6.02 -2.19
C ALA B 175 -13.73 -6.07 -3.70
N SER B 176 -13.59 -7.27 -4.25
CA SER B 176 -13.13 -7.44 -5.63
C SER B 176 -14.20 -7.26 -6.72
N SER B 177 -15.48 -7.33 -6.36
CA SER B 177 -16.53 -7.25 -7.37
C SER B 177 -17.92 -6.95 -6.79
N PRO B 178 -18.68 -6.10 -7.49
CA PRO B 178 -20.07 -5.81 -7.10
C PRO B 178 -20.94 -7.06 -7.19
N ARG B 179 -20.53 -8.03 -8.00
CA ARG B 179 -21.26 -9.30 -8.15
C ARG B 179 -21.10 -10.20 -6.93
N LEU B 180 -20.06 -9.95 -6.14
CA LEU B 180 -19.71 -10.87 -5.06
C LEU B 180 -20.75 -10.81 -3.95
N GLN B 181 -21.33 -11.96 -3.62
CA GLN B 181 -22.35 -12.04 -2.57
C GLN B 181 -21.94 -12.94 -1.42
N ALA B 182 -21.05 -13.90 -1.67
CA ALA B 182 -20.68 -14.86 -0.65
C ALA B 182 -19.22 -15.30 -0.74
N MET B 183 -18.70 -15.76 0.39
CA MET B 183 -17.32 -16.23 0.47
C MET B 183 -17.25 -17.39 1.45
N SER B 184 -16.72 -18.52 0.97
CA SER B 184 -16.65 -19.73 1.79
C SER B 184 -15.21 -20.08 2.16
N LEU B 185 -15.04 -20.68 3.34
CA LEU B 185 -13.78 -21.27 3.72
C LEU B 185 -13.77 -22.75 3.33
N GLY B 186 -12.87 -23.13 2.42
CA GLY B 186 -12.74 -24.52 2.02
C GLY B 186 -11.60 -25.18 2.77
N ALA B 187 -11.91 -25.82 3.90
CA ALA B 187 -10.89 -26.35 4.79
C ALA B 187 -10.01 -27.46 4.21
N ALA B 188 -10.51 -28.16 3.20
CA ALA B 188 -9.75 -29.26 2.60
C ALA B 188 -8.55 -28.72 1.80
N ASP B 189 -8.83 -27.93 0.78
CA ASP B 189 -7.78 -27.29 -0.01
C ASP B 189 -6.95 -26.34 0.84
N PHE B 190 -7.57 -25.71 1.84
CA PHE B 190 -6.85 -24.77 2.70
C PHE B 190 -5.78 -25.51 3.50
N ALA B 191 -6.13 -26.65 4.06
CA ALA B 191 -5.19 -27.45 4.83
C ALA B 191 -4.02 -27.88 3.95
N ALA B 192 -4.34 -28.32 2.73
CA ALA B 192 -3.32 -28.78 1.79
C ALA B 192 -2.36 -27.64 1.43
N SER B 193 -2.93 -26.49 1.08
CA SER B 193 -2.13 -25.31 0.72
C SER B 193 -1.24 -24.86 1.87
N MET B 194 -1.78 -24.89 3.09
CA MET B 194 -1.04 -24.44 4.27
C MET B 194 0.00 -25.47 4.70
N GLY B 195 -0.07 -26.67 4.13
CA GLY B 195 0.79 -27.75 4.54
C GLY B 195 0.40 -28.31 5.90
N MET B 196 -0.87 -28.14 6.25
CA MET B 196 -1.37 -28.65 7.53
C MET B 196 -1.26 -30.17 7.54
N GLN B 197 -0.72 -30.72 8.62
CA GLN B 197 -0.60 -32.17 8.75
C GLN B 197 -1.96 -32.78 9.10
N THR B 198 -2.75 -33.06 8.07
CA THR B 198 -4.06 -33.68 8.25
C THR B 198 -4.61 -34.19 6.92
N THR B 199 -5.55 -35.11 7.01
CA THR B 199 -6.23 -35.63 5.82
C THR B 199 -7.74 -35.48 5.99
N GLY B 200 -8.15 -35.10 7.19
CA GLY B 200 -9.56 -34.84 7.46
C GLY B 200 -9.99 -33.48 6.92
N ILE B 201 -11.29 -33.30 6.78
CA ILE B 201 -11.83 -32.07 6.23
C ILE B 201 -12.58 -31.28 7.30
N GLY B 202 -11.94 -30.23 7.81
CA GLY B 202 -12.51 -29.42 8.87
C GLY B 202 -12.58 -30.16 10.19
N GLY B 203 -13.22 -29.52 11.18
CA GLY B 203 -13.46 -30.17 12.46
C GLY B 203 -12.26 -30.22 13.38
N THR B 204 -12.41 -31.00 14.46
CA THR B 204 -11.36 -31.16 15.45
C THR B 204 -10.12 -31.82 14.86
N GLN B 205 -8.95 -31.36 15.27
CA GLN B 205 -7.70 -31.99 14.88
C GLN B 205 -7.05 -32.65 16.09
N GLU B 206 -6.75 -33.94 15.95
CA GLU B 206 -6.21 -34.75 17.05
C GLU B 206 -4.95 -34.15 17.67
N ASN B 207 -4.09 -33.62 16.82
CA ASN B 207 -2.79 -33.09 17.26
C ASN B 207 -2.78 -31.60 17.57
N TYR B 208 -3.97 -30.99 17.66
CA TYR B 208 -4.06 -29.58 18.03
C TYR B 208 -4.73 -29.41 19.39
N TYR B 209 -3.94 -29.51 20.46
CA TYR B 209 -4.46 -29.46 21.81
C TYR B 209 -3.49 -28.75 22.74
N MET B 210 -3.98 -28.37 23.91
CA MET B 210 -3.15 -27.76 24.94
C MET B 210 -2.97 -28.76 26.10
N LEU B 211 -1.73 -28.95 26.52
CA LEU B 211 -1.42 -29.86 27.61
C LEU B 211 -1.29 -29.11 28.92
N HIS B 212 -2.20 -29.39 29.86
CA HIS B 212 -2.11 -28.76 31.17
C HIS B 212 -2.22 -29.79 32.29
N ASP B 213 -1.13 -29.94 33.03
CA ASP B 213 -1.07 -30.88 34.15
C ASP B 213 -1.55 -32.28 33.79
N GLY B 214 -1.07 -32.79 32.66
CA GLY B 214 -1.38 -34.14 32.26
C GLY B 214 -2.57 -34.28 31.33
N GLN B 215 -3.54 -33.38 31.44
CA GLN B 215 -4.75 -33.46 30.61
C GLN B 215 -4.64 -32.63 29.34
N LYS B 216 -5.35 -33.06 28.29
CA LYS B 216 -5.36 -32.36 27.02
C LYS B 216 -6.65 -31.59 26.80
N HIS B 217 -6.52 -30.38 26.27
CA HIS B 217 -7.68 -29.57 25.89
C HIS B 217 -7.55 -29.15 24.44
N TRP B 218 -8.46 -29.64 23.61
CA TRP B 218 -8.41 -29.37 22.17
C TRP B 218 -8.90 -27.97 21.84
N SER B 219 -8.15 -27.29 20.97
CA SER B 219 -8.46 -25.91 20.61
C SER B 219 -8.85 -25.84 19.13
N ASP B 220 -9.28 -24.65 18.69
CA ASP B 220 -9.74 -24.48 17.31
C ASP B 220 -8.59 -24.08 16.38
N PRO B 221 -8.21 -24.99 15.47
CA PRO B 221 -7.09 -24.75 14.54
C PRO B 221 -7.52 -23.90 13.34
N TRP B 222 -8.80 -23.55 13.28
CA TRP B 222 -9.33 -22.80 12.15
C TRP B 222 -9.78 -21.41 12.55
N HIS B 223 -9.47 -21.02 13.79
CA HIS B 223 -9.98 -19.76 14.35
C HIS B 223 -9.72 -18.52 13.49
N TRP B 224 -8.44 -18.25 13.24
CA TRP B 224 -8.05 -17.06 12.50
C TRP B 224 -8.67 -17.03 11.10
N ALA B 225 -8.54 -18.14 10.38
CA ALA B 225 -9.06 -18.26 9.03
C ALA B 225 -10.54 -17.87 8.95
N GLN B 226 -11.35 -18.44 9.84
CA GLN B 226 -12.79 -18.15 9.86
C GLN B 226 -13.06 -16.70 10.27
N ALA B 227 -12.42 -16.25 11.33
CA ALA B 227 -12.63 -14.91 11.84
C ALA B 227 -12.20 -13.85 10.82
N ALA B 228 -11.06 -14.07 10.18
CA ALA B 228 -10.56 -13.16 9.14
C ALA B 228 -11.55 -13.06 7.99
N ILE B 229 -12.11 -14.19 7.60
CA ILE B 229 -13.08 -14.23 6.51
C ILE B 229 -14.35 -13.46 6.86
N VAL B 230 -14.84 -13.65 8.09
CA VAL B 230 -16.05 -12.95 8.54
C VAL B 230 -15.83 -11.43 8.56
N ALA B 231 -14.70 -11.01 9.11
CA ALA B 231 -14.37 -9.58 9.16
C ALA B 231 -14.33 -8.96 7.77
N ALA B 232 -13.66 -9.65 6.85
CA ALA B 232 -13.55 -9.19 5.47
C ALA B 232 -14.92 -9.08 4.80
N CYS B 233 -15.76 -10.08 5.03
CA CYS B 233 -17.09 -10.12 4.43
C CYS B 233 -18.01 -9.03 4.98
N ARG B 234 -18.01 -8.87 6.30
CA ARG B 234 -18.87 -7.87 6.93
C ARG B 234 -18.43 -6.45 6.59
N THR B 235 -17.14 -6.23 6.45
CA THR B 235 -16.61 -4.94 6.03
C THR B 235 -17.18 -4.52 4.68
N HIS B 236 -17.32 -5.48 3.76
CA HIS B 236 -17.69 -5.16 2.39
C HIS B 236 -19.07 -5.67 1.95
N GLY B 237 -19.90 -6.06 2.91
CA GLY B 237 -21.27 -6.44 2.63
C GLY B 237 -21.41 -7.77 1.91
N ILE B 238 -20.61 -8.74 2.34
CA ILE B 238 -20.60 -10.07 1.74
C ILE B 238 -21.03 -11.10 2.79
N LEU B 239 -21.62 -12.21 2.34
CA LEU B 239 -21.98 -13.28 3.24
C LEU B 239 -20.80 -14.23 3.46
N PRO B 240 -20.35 -14.37 4.72
CA PRO B 240 -19.33 -15.36 5.05
C PRO B 240 -19.96 -16.73 5.32
N VAL B 241 -19.45 -17.75 4.66
CA VAL B 241 -20.03 -19.09 4.73
C VAL B 241 -18.98 -20.13 5.13
N ASP B 242 -19.35 -21.08 5.98
CA ASP B 242 -18.45 -22.18 6.31
C ASP B 242 -18.50 -23.24 5.22
N GLY B 243 -17.39 -23.93 5.02
CA GLY B 243 -17.29 -24.91 3.93
C GLY B 243 -17.66 -26.32 4.31
N PRO B 244 -17.07 -27.30 3.63
CA PRO B 244 -17.44 -28.71 3.76
C PRO B 244 -16.92 -29.35 5.03
N PHE B 245 -17.74 -30.22 5.62
CA PHE B 245 -17.34 -31.03 6.76
C PHE B 245 -17.29 -32.48 6.28
N GLY B 246 -16.08 -33.04 6.22
CA GLY B 246 -15.87 -34.35 5.61
C GLY B 246 -16.60 -35.53 6.23
N ASP B 247 -16.60 -35.60 7.56
CA ASP B 247 -17.16 -36.75 8.26
C ASP B 247 -18.68 -36.69 8.35
N PHE B 248 -19.37 -37.20 7.33
CA PHE B 248 -20.83 -37.19 7.31
C PHE B 248 -21.45 -38.28 8.19
N SER B 249 -20.61 -39.06 8.86
CA SER B 249 -21.06 -40.08 9.79
C SER B 249 -21.06 -39.54 11.21
N ASP B 250 -20.65 -38.29 11.36
CA ASP B 250 -20.53 -37.67 12.67
C ASP B 250 -21.39 -36.41 12.76
N ASP B 251 -22.63 -36.58 13.20
CA ASP B 251 -23.57 -35.48 13.32
C ASP B 251 -23.18 -34.50 14.42
N GLU B 252 -22.64 -35.03 15.51
CA GLU B 252 -22.24 -34.18 16.63
C GLU B 252 -20.97 -33.41 16.29
N GLY B 253 -20.12 -34.00 15.45
CA GLY B 253 -18.94 -33.32 14.96
C GLY B 253 -19.35 -32.18 14.04
N PHE B 254 -20.37 -32.43 13.23
CA PHE B 254 -20.89 -31.40 12.33
C PHE B 254 -21.48 -30.24 13.11
N ARG B 255 -22.31 -30.56 14.09
CA ARG B 255 -22.95 -29.54 14.92
C ARG B 255 -21.92 -28.65 15.59
N ALA B 256 -20.87 -29.26 16.12
CA ALA B 256 -19.79 -28.54 16.78
C ALA B 256 -19.12 -27.56 15.82
N GLN B 257 -18.79 -28.05 14.62
CA GLN B 257 -18.16 -27.23 13.59
C GLN B 257 -19.09 -26.09 13.17
N ALA B 258 -20.36 -26.41 12.93
CA ALA B 258 -21.34 -25.43 12.50
C ALA B 258 -21.59 -24.38 13.56
N ARG B 259 -21.57 -24.80 14.82
CA ARG B 259 -21.79 -23.88 15.93
C ARG B 259 -20.64 -22.91 16.11
N ARG B 260 -19.42 -23.40 15.97
CA ARG B 260 -18.24 -22.54 16.01
C ARG B 260 -18.32 -21.47 14.93
N SER B 261 -18.69 -21.88 13.73
CA SER B 261 -18.82 -20.96 12.60
C SER B 261 -19.89 -19.91 12.83
N ALA B 262 -21.03 -20.34 13.39
CA ALA B 262 -22.12 -19.42 13.68
C ALA B 262 -21.69 -18.39 14.71
N THR B 263 -20.96 -18.86 15.72
CA THR B 263 -20.47 -17.99 16.78
C THR B 263 -19.50 -16.94 16.24
N LEU B 264 -18.72 -17.33 15.24
CA LEU B 264 -17.75 -16.41 14.66
C LEU B 264 -18.37 -15.45 13.64
N GLY B 265 -19.62 -15.73 13.25
CA GLY B 265 -20.34 -14.80 12.39
C GLY B 265 -20.69 -15.31 11.00
N MET B 266 -20.35 -16.56 10.71
CA MET B 266 -20.75 -17.16 9.44
C MET B 266 -22.25 -17.45 9.43
N VAL B 267 -22.86 -17.37 8.26
CA VAL B 267 -24.32 -17.40 8.14
C VAL B 267 -24.86 -18.75 7.68
N GLY B 268 -23.96 -19.66 7.33
CA GLY B 268 -24.35 -20.97 6.83
C GLY B 268 -23.18 -21.91 6.64
N LYS B 269 -23.45 -23.11 6.15
CA LYS B 269 -22.43 -24.12 5.96
C LYS B 269 -22.78 -25.04 4.80
N TRP B 270 -21.77 -25.53 4.09
CA TRP B 270 -21.97 -26.46 2.99
C TRP B 270 -22.58 -27.77 3.48
N ALA B 271 -23.36 -28.41 2.62
CA ALA B 271 -23.72 -29.81 2.80
C ALA B 271 -23.13 -30.58 1.63
N ILE B 272 -22.27 -31.55 1.94
CA ILE B 272 -21.70 -32.41 0.91
C ILE B 272 -22.36 -33.78 0.95
N HIS B 273 -23.44 -33.87 1.72
CA HIS B 273 -24.22 -35.10 1.84
C HIS B 273 -25.57 -34.73 2.44
N PRO B 274 -26.66 -35.31 1.90
CA PRO B 274 -28.05 -35.02 2.25
C PRO B 274 -28.33 -34.90 3.74
N LYS B 275 -27.71 -35.76 4.56
CA LYS B 275 -27.94 -35.75 5.99
C LYS B 275 -27.50 -34.45 6.65
N GLN B 276 -26.54 -33.77 6.03
CA GLN B 276 -25.99 -32.54 6.60
C GLN B 276 -26.92 -31.34 6.42
N VAL B 277 -27.83 -31.43 5.46
CA VAL B 277 -28.76 -30.33 5.18
C VAL B 277 -29.62 -29.98 6.39
N ALA B 278 -30.16 -31.00 7.05
CA ALA B 278 -30.99 -30.79 8.24
C ALA B 278 -30.16 -30.22 9.38
N LEU B 279 -28.93 -30.69 9.50
CA LEU B 279 -28.03 -30.23 10.55
C LEU B 279 -27.69 -28.75 10.39
N ALA B 280 -27.45 -28.33 9.15
CA ALA B 280 -27.12 -26.94 8.85
C ALA B 280 -28.28 -26.01 9.18
N ASN B 281 -29.49 -26.40 8.78
CA ASN B 281 -30.68 -25.60 9.05
C ASN B 281 -30.98 -25.49 10.54
N GLU B 282 -30.66 -26.55 11.28
CA GLU B 282 -30.83 -26.55 12.72
C GLU B 282 -29.98 -25.46 13.39
N VAL B 283 -28.72 -25.37 13.00
CA VAL B 283 -27.79 -24.42 13.60
C VAL B 283 -27.99 -22.99 13.09
N PHE B 284 -28.27 -22.84 11.78
CA PHE B 284 -28.23 -21.53 11.16
C PHE B 284 -29.56 -20.81 10.96
N THR B 285 -30.67 -21.49 11.24
CA THR B 285 -31.99 -20.85 11.14
C THR B 285 -32.17 -19.84 12.27
N PRO B 286 -32.50 -18.58 11.92
CA PRO B 286 -32.65 -17.50 12.91
C PRO B 286 -33.92 -17.67 13.76
N SER C 23 15.33 5.12 11.33
CA SER C 23 14.92 4.46 12.57
C SER C 23 15.39 3.01 12.63
N PHE C 24 16.41 2.76 13.45
CA PHE C 24 16.90 1.40 13.68
C PHE C 24 17.00 1.16 15.17
N ARG C 25 15.88 1.36 15.85
CA ARG C 25 15.79 1.23 17.28
C ARG C 25 14.64 0.29 17.63
N LEU C 26 14.51 -0.04 18.91
CA LEU C 26 13.41 -0.89 19.35
C LEU C 26 12.05 -0.25 19.03
N GLN C 27 10.99 -1.03 19.13
CA GLN C 27 9.64 -0.52 18.86
C GLN C 27 9.37 0.71 19.71
N PRO C 28 8.52 1.64 19.21
CA PRO C 28 8.20 2.87 19.95
C PRO C 28 7.67 2.54 21.34
N ALA C 29 8.15 3.27 22.35
CA ALA C 29 7.70 3.06 23.72
C ALA C 29 6.28 3.58 23.89
N PRO C 30 5.44 2.82 24.60
CA PRO C 30 4.07 3.25 24.87
C PRO C 30 4.07 4.37 25.89
N PRO C 31 2.95 5.13 26.00
CA PRO C 31 2.84 6.16 27.03
C PRO C 31 3.15 5.60 28.41
N ALA C 32 3.89 6.36 29.21
CA ALA C 32 4.32 5.90 30.53
C ALA C 32 3.32 6.29 31.61
N ARG C 33 2.09 5.79 31.48
CA ARG C 33 1.05 6.03 32.48
C ARG C 33 0.25 4.76 32.70
N PRO C 34 -0.21 4.54 33.96
CA PRO C 34 -1.00 3.35 34.27
C PRO C 34 -2.35 3.35 33.56
N ASN C 35 -2.82 2.18 33.16
CA ASN C 35 -4.07 2.05 32.44
C ASN C 35 -4.70 0.69 32.73
N ARG C 36 -4.57 0.24 33.98
CA ARG C 36 -5.06 -1.07 34.40
C ARG C 36 -6.58 -1.16 34.30
N CYS C 37 -7.26 -0.05 34.56
CA CYS C 37 -8.72 -0.05 34.54
C CYS C 37 -9.26 1.28 34.06
N GLN C 38 -10.22 1.22 33.14
CA GLN C 38 -10.93 2.41 32.69
C GLN C 38 -12.37 2.33 33.17
N LEU C 39 -12.74 3.23 34.08
CA LEU C 39 -14.07 3.21 34.68
C LEU C 39 -15.03 4.10 33.91
N PHE C 40 -16.09 3.51 33.37
CA PHE C 40 -17.07 4.25 32.58
C PHE C 40 -18.24 4.71 33.44
N GLY C 41 -18.75 5.90 33.14
CA GLY C 41 -19.94 6.42 33.79
C GLY C 41 -20.68 7.33 32.82
N PRO C 42 -22.01 7.19 32.75
CA PRO C 42 -22.82 8.01 31.84
C PRO C 42 -22.79 9.48 32.24
N GLY C 43 -22.68 10.38 31.25
CA GLY C 43 -22.63 11.80 31.51
C GLY C 43 -23.97 12.35 31.96
N SER C 44 -25.01 11.52 31.84
CA SER C 44 -26.35 11.90 32.27
C SER C 44 -26.55 11.73 33.77
N ARG C 45 -25.57 11.15 34.45
CA ARG C 45 -25.67 10.91 35.89
C ARG C 45 -24.53 11.56 36.67
N PRO C 46 -24.58 12.89 36.83
CA PRO C 46 -23.51 13.64 37.48
C PRO C 46 -23.30 13.28 38.96
N ALA C 47 -24.27 12.61 39.58
CA ALA C 47 -24.13 12.19 40.98
C ALA C 47 -23.07 11.10 41.13
N LEU C 48 -22.78 10.38 40.04
CA LEU C 48 -21.80 9.31 40.07
C LEU C 48 -20.37 9.83 39.92
N PHE C 49 -20.25 11.08 39.46
CA PHE C 49 -18.95 11.63 39.08
C PHE C 49 -17.92 11.66 40.21
N GLU C 50 -18.34 12.10 41.39
CA GLU C 50 -17.43 12.18 42.53
C GLU C 50 -16.98 10.81 43.01
N LYS C 51 -17.84 9.81 42.85
CA LYS C 51 -17.51 8.44 43.22
C LYS C 51 -16.47 7.85 42.28
N MET C 52 -16.60 8.16 41.00
CA MET C 52 -15.63 7.73 39.99
C MET C 52 -14.26 8.33 40.28
N ALA C 53 -14.25 9.62 40.60
CA ALA C 53 -13.02 10.32 40.94
C ALA C 53 -12.37 9.74 42.21
N ALA C 54 -13.19 9.12 43.05
CA ALA C 54 -12.72 8.55 44.32
C ALA C 54 -12.39 7.07 44.18
N SER C 55 -12.62 6.51 42.99
CA SER C 55 -12.41 5.08 42.78
C SER C 55 -10.93 4.75 42.69
N ALA C 56 -10.62 3.48 42.46
CA ALA C 56 -9.24 3.03 42.32
C ALA C 56 -8.89 2.79 40.85
N ALA C 57 -9.63 3.46 39.95
CA ALA C 57 -9.40 3.29 38.52
C ALA C 57 -8.36 4.27 38.00
N ASP C 58 -7.46 3.80 37.14
CA ASP C 58 -6.44 4.67 36.58
C ASP C 58 -7.02 5.69 35.62
N VAL C 59 -8.01 5.24 34.84
CA VAL C 59 -8.61 6.09 33.81
C VAL C 59 -10.11 6.25 34.03
N ILE C 60 -10.59 7.48 33.88
CA ILE C 60 -12.02 7.76 33.98
C ILE C 60 -12.59 8.11 32.62
N ASN C 61 -13.64 7.39 32.22
CA ASN C 61 -14.34 7.68 30.99
C ASN C 61 -15.77 8.18 31.22
N LEU C 62 -15.98 9.48 31.08
CA LEU C 62 -17.31 10.04 31.12
C LEU C 62 -17.95 9.85 29.74
N ASP C 63 -19.14 9.26 29.73
CA ASP C 63 -19.72 8.79 28.46
C ASP C 63 -20.77 9.72 27.87
N LEU C 64 -20.65 9.98 26.57
CA LEU C 64 -21.65 10.72 25.82
C LEU C 64 -22.33 9.80 24.80
N GLU C 65 -21.86 8.56 24.72
CA GLU C 65 -22.30 7.65 23.67
C GLU C 65 -23.41 6.71 24.11
N ASP C 66 -23.15 5.40 24.04
CA ASP C 66 -24.22 4.41 24.16
C ASP C 66 -24.91 4.28 25.52
N SER C 67 -24.27 4.76 26.58
CA SER C 67 -24.91 4.71 27.89
C SER C 67 -25.82 5.93 28.11
N VAL C 68 -25.88 6.79 27.10
CA VAL C 68 -26.70 7.99 27.19
C VAL C 68 -27.71 8.04 26.04
N ALA C 69 -28.99 8.09 26.42
CA ALA C 69 -30.08 8.16 25.45
C ALA C 69 -29.99 9.44 24.61
N PRO C 70 -30.44 9.36 23.35
CA PRO C 70 -30.43 10.48 22.39
C PRO C 70 -30.94 11.81 22.94
N ASP C 71 -31.99 11.77 23.76
CA ASP C 71 -32.57 13.01 24.29
C ASP C 71 -31.77 13.56 25.47
N ASP C 72 -30.86 12.75 26.00
CA ASP C 72 -30.04 13.16 27.13
C ASP C 72 -28.64 13.62 26.73
N LYS C 73 -28.29 13.43 25.45
CA LYS C 73 -26.94 13.72 24.98
C LYS C 73 -26.50 15.17 25.16
N ALA C 74 -27.40 16.11 24.88
CA ALA C 74 -27.06 17.53 25.06
C ALA C 74 -26.87 17.90 26.54
N GLN C 75 -27.70 17.35 27.41
CA GLN C 75 -27.58 17.61 28.84
C GLN C 75 -26.32 16.96 29.41
N ALA C 76 -26.06 15.72 28.98
CA ALA C 76 -24.86 14.99 29.39
C ALA C 76 -23.61 15.75 28.99
N ARG C 77 -23.69 16.43 27.85
CA ARG C 77 -22.58 17.24 27.37
C ARG C 77 -22.32 18.40 28.31
N ALA C 78 -23.40 19.04 28.77
CA ALA C 78 -23.28 20.14 29.72
C ALA C 78 -22.76 19.65 31.07
N ASN C 79 -23.27 18.50 31.51
CA ASN C 79 -22.84 17.91 32.77
C ASN C 79 -21.34 17.61 32.79
N ILE C 80 -20.85 16.96 31.74
CA ILE C 80 -19.45 16.59 31.62
C ILE C 80 -18.54 17.81 31.64
N ILE C 81 -18.93 18.85 30.89
CA ILE C 81 -18.17 20.09 30.86
C ILE C 81 -18.04 20.74 32.24
N GLU C 82 -19.14 20.76 32.98
CA GLU C 82 -19.12 21.29 34.35
C GLU C 82 -18.25 20.43 35.25
N ALA C 83 -18.37 19.11 35.11
CA ALA C 83 -17.59 18.18 35.91
C ALA C 83 -16.09 18.35 35.69
N ILE C 84 -15.70 18.55 34.43
CA ILE C 84 -14.30 18.80 34.09
C ILE C 84 -13.81 20.10 34.72
N ASN C 85 -14.68 21.11 34.71
CA ASN C 85 -14.31 22.43 35.21
C ASN C 85 -14.39 22.59 36.72
N GLY C 86 -15.24 21.79 37.36
CA GLY C 86 -15.54 21.99 38.76
C GLY C 86 -15.04 20.95 39.75
N LEU C 87 -14.93 19.70 39.32
CA LEU C 87 -14.57 18.62 40.23
C LEU C 87 -13.07 18.40 40.38
N ASP C 88 -12.69 17.82 41.52
CA ASP C 88 -11.31 17.45 41.76
C ASP C 88 -11.09 16.01 41.31
N TRP C 89 -10.33 15.85 40.24
CA TRP C 89 -10.11 14.53 39.65
C TRP C 89 -8.81 13.87 40.12
N GLY C 90 -8.07 14.54 40.99
CA GLY C 90 -6.86 13.98 41.56
C GLY C 90 -5.79 13.67 40.52
N ARG C 91 -5.40 12.40 40.46
CA ARG C 91 -4.36 11.94 39.53
C ARG C 91 -4.94 11.12 38.38
N LYS C 92 -6.26 11.05 38.31
CA LYS C 92 -6.93 10.22 37.31
C LYS C 92 -6.70 10.78 35.90
N TYR C 93 -6.56 9.88 34.93
CA TYR C 93 -6.52 10.31 33.54
C TYR C 93 -7.95 10.47 33.07
N LEU C 94 -8.34 11.71 32.78
CA LEU C 94 -9.73 12.03 32.49
C LEU C 94 -10.02 11.99 30.99
N SER C 95 -10.90 11.06 30.61
CA SER C 95 -11.27 10.89 29.21
C SER C 95 -12.78 11.02 29.03
N VAL C 96 -13.19 11.41 27.83
CA VAL C 96 -14.60 11.48 27.48
C VAL C 96 -14.86 10.69 26.21
N ARG C 97 -15.80 9.75 26.26
CA ARG C 97 -16.20 9.05 25.04
C ARG C 97 -17.25 9.85 24.28
N ILE C 98 -16.92 10.26 23.07
CA ILE C 98 -17.85 11.03 22.25
C ILE C 98 -18.69 10.10 21.39
N ASN C 99 -19.61 10.66 20.63
CA ASN C 99 -20.42 9.88 19.72
C ASN C 99 -19.66 9.63 18.41
N GLY C 100 -20.09 8.63 17.66
CA GLY C 100 -19.40 8.21 16.45
C GLY C 100 -19.57 9.12 15.26
N LEU C 101 -18.67 8.98 14.29
CA LEU C 101 -18.68 9.81 13.09
C LEU C 101 -19.87 9.51 12.18
N ASP C 102 -20.61 8.44 12.49
CA ASP C 102 -21.80 8.09 11.73
C ASP C 102 -23.05 8.71 12.35
N THR C 103 -22.85 9.58 13.34
CA THR C 103 -23.96 10.21 14.05
C THR C 103 -23.93 11.72 13.86
N PRO C 104 -25.07 12.39 14.07
CA PRO C 104 -25.06 13.85 14.00
C PRO C 104 -24.47 14.52 15.24
N PHE C 105 -24.16 13.73 16.26
CA PHE C 105 -23.74 14.25 17.55
C PHE C 105 -22.24 14.57 17.67
N TRP C 106 -21.41 13.77 16.99
CA TRP C 106 -19.96 13.80 17.24
C TRP C 106 -19.32 15.18 17.17
N TYR C 107 -19.71 15.97 16.17
CA TYR C 107 -19.08 17.26 15.96
C TYR C 107 -19.42 18.23 17.08
N ARG C 108 -20.65 18.16 17.57
CA ARG C 108 -21.10 19.01 18.67
C ARG C 108 -20.39 18.63 19.96
N ASP C 109 -20.22 17.33 20.17
CA ASP C 109 -19.44 16.83 21.30
C ASP C 109 -18.05 17.48 21.33
N VAL C 110 -17.33 17.36 20.22
CA VAL C 110 -15.97 17.87 20.14
C VAL C 110 -15.92 19.39 20.29
N VAL C 111 -16.77 20.10 19.57
CA VAL C 111 -16.76 21.55 19.59
C VAL C 111 -17.05 22.12 20.99
N ASP C 112 -18.08 21.60 21.66
CA ASP C 112 -18.41 22.09 23.00
C ASP C 112 -17.31 21.75 24.00
N LEU C 113 -16.84 20.50 23.98
CA LEU C 113 -15.75 20.08 24.85
C LEU C 113 -14.50 20.95 24.71
N LEU C 114 -14.05 21.14 23.46
CA LEU C 114 -12.81 21.84 23.21
C LEU C 114 -12.93 23.36 23.39
N GLU C 115 -14.14 23.89 23.23
CA GLU C 115 -14.37 25.32 23.43
C GLU C 115 -14.70 25.68 24.88
N GLN C 116 -15.30 24.75 25.63
CA GLN C 116 -15.79 25.07 26.96
C GLN C 116 -15.05 24.41 28.13
N ALA C 117 -14.58 23.19 27.94
CA ALA C 117 -13.90 22.48 29.02
C ALA C 117 -12.51 23.05 29.29
N GLY C 118 -12.11 23.03 30.55
CA GLY C 118 -10.82 23.55 30.95
C GLY C 118 -9.67 22.59 30.67
N ASP C 119 -8.51 22.89 31.23
CA ASP C 119 -7.30 22.12 30.96
C ASP C 119 -7.28 20.72 31.58
N ARG C 120 -8.24 20.44 32.47
CA ARG C 120 -8.24 19.18 33.20
C ARG C 120 -8.60 17.98 32.32
N LEU C 121 -9.27 18.25 31.20
CA LEU C 121 -9.57 17.20 30.24
C LEU C 121 -8.28 16.69 29.60
N ASP C 122 -8.08 15.38 29.63
CA ASP C 122 -6.85 14.77 29.13
C ASP C 122 -7.01 14.14 27.75
N GLN C 123 -8.18 13.57 27.48
CA GLN C 123 -8.31 12.64 26.37
C GLN C 123 -9.76 12.52 25.90
N ILE C 124 -9.94 12.23 24.60
CA ILE C 124 -11.24 11.82 24.10
C ILE C 124 -11.18 10.43 23.46
N MET C 125 -12.24 9.66 23.66
CA MET C 125 -12.36 8.31 23.12
C MET C 125 -13.29 8.32 21.92
N ILE C 126 -12.78 7.86 20.78
CA ILE C 126 -13.54 7.79 19.54
C ILE C 126 -14.03 6.37 19.29
N PRO C 127 -15.36 6.18 19.24
CA PRO C 127 -15.93 4.84 19.05
C PRO C 127 -16.09 4.47 17.56
N LYS C 128 -16.24 3.17 17.31
CA LYS C 128 -16.58 2.65 15.98
C LYS C 128 -15.63 3.10 14.87
N VAL C 129 -14.35 3.26 15.22
CA VAL C 129 -13.34 3.64 14.23
C VAL C 129 -13.12 2.50 13.23
N GLY C 130 -13.29 2.80 11.95
CA GLY C 130 -13.19 1.80 10.91
C GLY C 130 -11.96 1.95 10.04
N CYS C 131 -11.33 3.13 10.09
CA CYS C 131 -10.12 3.39 9.31
C CYS C 131 -9.33 4.55 9.89
N ALA C 132 -8.13 4.78 9.36
CA ALA C 132 -7.25 5.82 9.86
C ALA C 132 -7.85 7.20 9.65
N ALA C 133 -8.60 7.36 8.58
CA ALA C 133 -9.16 8.67 8.23
C ALA C 133 -10.24 9.14 9.22
N ASP C 134 -10.86 8.21 9.91
CA ASP C 134 -11.81 8.57 10.97
C ASP C 134 -11.09 9.36 12.06
N VAL C 135 -9.96 8.84 12.51
CA VAL C 135 -9.17 9.50 13.54
C VAL C 135 -8.62 10.83 13.04
N TYR C 136 -8.16 10.85 11.79
CA TYR C 136 -7.64 12.06 11.15
C TYR C 136 -8.71 13.15 11.12
N ALA C 137 -9.94 12.75 10.84
CA ALA C 137 -11.07 13.68 10.80
C ALA C 137 -11.25 14.38 12.15
N VAL C 138 -11.24 13.60 13.22
CA VAL C 138 -11.37 14.15 14.56
C VAL C 138 -10.14 14.99 14.94
N ASP C 139 -8.97 14.50 14.54
CA ASP C 139 -7.72 15.22 14.79
C ASP C 139 -7.74 16.60 14.13
N ALA C 140 -8.22 16.67 12.90
CA ALA C 140 -8.32 17.93 12.18
C ALA C 140 -9.18 18.93 12.93
N LEU C 141 -10.33 18.47 13.41
CA LEU C 141 -11.26 19.31 14.17
C LEU C 141 -10.64 19.75 15.50
N VAL C 142 -10.14 18.77 16.25
CA VAL C 142 -9.57 19.02 17.58
C VAL C 142 -8.39 20.00 17.51
N THR C 143 -7.51 19.78 16.53
CA THR C 143 -6.35 20.65 16.35
C THR C 143 -6.74 22.11 16.12
N ALA C 144 -7.72 22.33 15.25
CA ALA C 144 -8.15 23.70 14.92
C ALA C 144 -8.76 24.43 16.11
N ILE C 145 -9.55 23.74 16.92
CA ILE C 145 -10.19 24.38 18.07
C ILE C 145 -9.15 24.68 19.15
N GLU C 146 -8.21 23.77 19.35
CA GLU C 146 -7.11 24.00 20.29
C GLU C 146 -6.32 25.25 19.93
N ARG C 147 -6.10 25.44 18.64
CA ARG C 147 -5.39 26.62 18.15
C ARG C 147 -6.25 27.88 18.29
N ALA C 148 -7.53 27.76 17.97
CA ALA C 148 -8.45 28.89 18.07
C ALA C 148 -8.62 29.36 19.51
N LYS C 149 -8.70 28.41 20.44
CA LYS C 149 -8.95 28.71 21.85
C LYS C 149 -7.67 28.91 22.65
N GLY C 150 -6.53 28.61 22.03
CA GLY C 150 -5.25 28.73 22.70
C GLY C 150 -5.07 27.74 23.83
N ARG C 151 -5.62 26.54 23.67
CA ARG C 151 -5.50 25.50 24.69
C ARG C 151 -4.04 25.09 24.90
N THR C 152 -3.64 24.96 26.16
CA THR C 152 -2.25 24.71 26.50
C THR C 152 -1.88 23.23 26.55
N LYS C 153 -2.81 22.40 27.00
CA LYS C 153 -2.56 20.95 27.06
C LYS C 153 -3.35 20.22 25.98
N PRO C 154 -2.66 19.87 24.88
CA PRO C 154 -3.30 19.13 23.77
C PRO C 154 -3.83 17.77 24.22
N LEU C 155 -4.99 17.40 23.69
CA LEU C 155 -5.63 16.13 24.05
C LEU C 155 -4.95 14.93 23.41
N SER C 156 -4.91 13.82 24.15
CA SER C 156 -4.58 12.54 23.55
C SER C 156 -5.86 11.91 23.03
N PHE C 157 -5.72 10.91 22.17
CA PHE C 157 -6.86 10.18 21.65
C PHE C 157 -6.78 8.74 22.13
N GLU C 158 -7.95 8.11 22.25
CA GLU C 158 -8.03 6.67 22.31
C GLU C 158 -9.18 6.25 21.41
N VAL C 159 -9.14 5.01 20.93
CA VAL C 159 -10.15 4.55 19.99
C VAL C 159 -10.70 3.19 20.39
N ILE C 160 -11.87 2.86 19.85
CA ILE C 160 -12.47 1.56 20.10
C ILE C 160 -12.56 0.78 18.80
N ILE C 161 -11.99 -0.41 18.80
CA ILE C 161 -12.20 -1.35 17.70
C ILE C 161 -13.43 -2.18 18.07
N GLU C 162 -14.53 -1.91 17.37
CA GLU C 162 -15.80 -2.59 17.67
C GLU C 162 -16.60 -2.81 16.39
N SER C 163 -15.89 -3.08 15.30
CA SER C 163 -16.54 -3.37 14.02
C SER C 163 -15.63 -4.21 13.16
N ALA C 164 -16.20 -4.83 12.13
CA ALA C 164 -15.44 -5.64 11.19
C ALA C 164 -14.39 -4.79 10.48
N ALA C 165 -14.78 -3.59 10.08
CA ALA C 165 -13.88 -2.66 9.41
C ALA C 165 -12.71 -2.31 10.33
N GLY C 166 -13.01 -2.14 11.60
CA GLY C 166 -12.01 -1.77 12.59
C GLY C 166 -10.91 -2.79 12.74
N ILE C 167 -11.28 -4.06 12.89
CA ILE C 167 -10.29 -5.10 13.06
C ILE C 167 -9.54 -5.38 11.75
N ALA C 168 -10.21 -5.19 10.62
CA ALA C 168 -9.61 -5.41 9.30
C ALA C 168 -8.57 -4.33 9.00
N HIS C 169 -8.76 -3.15 9.59
CA HIS C 169 -7.88 -2.02 9.33
C HIS C 169 -7.14 -1.60 10.58
N VAL C 170 -6.92 -2.56 11.48
CA VAL C 170 -6.44 -2.26 12.82
C VAL C 170 -5.05 -1.62 12.86
N GLU C 171 -4.14 -2.02 11.97
CA GLU C 171 -2.80 -1.43 11.99
C GLU C 171 -2.79 0.01 11.50
N GLU C 172 -3.54 0.28 10.43
CA GLU C 172 -3.62 1.64 9.92
C GLU C 172 -4.27 2.58 10.95
N ILE C 173 -5.22 2.04 11.73
CA ILE C 173 -5.83 2.82 12.80
C ILE C 173 -4.81 3.12 13.89
N ALA C 174 -4.04 2.11 14.29
CA ALA C 174 -3.01 2.27 15.30
C ALA C 174 -1.97 3.34 14.94
N ALA C 175 -1.76 3.56 13.64
CA ALA C 175 -0.75 4.50 13.17
C ALA C 175 -1.35 5.83 12.72
N SER C 176 -2.63 6.03 13.04
CA SER C 176 -3.40 7.13 12.45
C SER C 176 -3.14 8.52 13.03
N SER C 177 -2.57 8.60 14.23
CA SER C 177 -2.37 9.91 14.88
C SER C 177 -1.33 9.91 15.98
N PRO C 178 -0.52 10.99 16.05
CA PRO C 178 0.45 11.19 17.13
C PRO C 178 -0.26 11.35 18.47
N ARG C 179 -1.54 11.72 18.44
CA ARG C 179 -2.33 11.86 19.66
C ARG C 179 -2.73 10.51 20.23
N LEU C 180 -2.72 9.47 19.41
CA LEU C 180 -3.27 8.18 19.81
C LEU C 180 -2.43 7.52 20.91
N GLN C 181 -3.08 7.19 22.01
CA GLN C 181 -2.38 6.57 23.14
C GLN C 181 -2.96 5.20 23.53
N ALA C 182 -4.22 4.95 23.18
CA ALA C 182 -4.86 3.71 23.59
C ALA C 182 -5.88 3.19 22.57
N MET C 183 -6.07 1.88 22.57
CA MET C 183 -7.02 1.24 21.67
C MET C 183 -7.73 0.09 22.38
N SER C 184 -9.06 0.14 22.42
CA SER C 184 -9.85 -0.86 23.12
C SER C 184 -10.61 -1.77 22.16
N LEU C 185 -10.81 -3.02 22.57
CA LEU C 185 -11.71 -3.92 21.88
C LEU C 185 -13.10 -3.86 22.53
N GLY C 186 -14.11 -3.48 21.75
CA GLY C 186 -15.48 -3.48 22.24
C GLY C 186 -16.20 -4.74 21.81
N ALA C 187 -16.06 -5.80 22.61
CA ALA C 187 -16.49 -7.14 22.21
C ALA C 187 -17.96 -7.24 21.79
N ALA C 188 -18.84 -6.55 22.51
CA ALA C 188 -20.28 -6.64 22.24
C ALA C 188 -20.61 -6.03 20.88
N ASP C 189 -20.22 -4.77 20.69
CA ASP C 189 -20.47 -4.10 19.42
C ASP C 189 -19.70 -4.75 18.28
N PHE C 190 -18.51 -5.29 18.57
CA PHE C 190 -17.74 -6.04 17.59
C PHE C 190 -18.51 -7.27 17.12
N ALA C 191 -19.05 -8.03 18.07
CA ALA C 191 -19.81 -9.23 17.76
C ALA C 191 -21.04 -8.93 16.91
N ALA C 192 -21.73 -7.83 17.23
CA ALA C 192 -22.91 -7.43 16.47
C ALA C 192 -22.55 -7.06 15.04
N SER C 193 -21.46 -6.32 14.87
CA SER C 193 -20.97 -5.94 13.55
C SER C 193 -20.57 -7.17 12.74
N MET C 194 -19.90 -8.10 13.41
CA MET C 194 -19.41 -9.32 12.75
C MET C 194 -20.52 -10.33 12.48
N GLY C 195 -21.69 -10.10 13.09
CA GLY C 195 -22.80 -11.02 12.95
C GLY C 195 -22.58 -12.28 13.76
N MET C 196 -21.77 -12.16 14.81
CA MET C 196 -21.48 -13.28 15.70
C MET C 196 -22.70 -13.67 16.53
N GLN C 197 -23.02 -14.96 16.54
CA GLN C 197 -24.13 -15.46 17.36
C GLN C 197 -23.65 -15.70 18.78
N THR C 198 -23.50 -14.61 19.53
CA THR C 198 -22.96 -14.68 20.87
C THR C 198 -23.99 -14.26 21.91
N THR C 199 -23.68 -14.48 23.18
CA THR C 199 -24.52 -14.04 24.27
C THR C 199 -23.72 -13.12 25.18
N GLY C 200 -24.38 -12.16 25.81
CA GLY C 200 -23.74 -11.25 26.73
C GLY C 200 -22.66 -10.39 26.10
N ILE C 201 -21.65 -10.06 26.88
CA ILE C 201 -20.58 -9.18 26.43
C ILE C 201 -19.21 -9.79 26.76
N GLY C 202 -18.56 -10.33 25.73
CA GLY C 202 -17.28 -10.99 25.91
C GLY C 202 -17.39 -12.36 26.56
N GLY C 203 -16.28 -12.84 27.11
CA GLY C 203 -16.26 -14.07 27.87
C GLY C 203 -16.47 -15.35 27.08
N THR C 204 -16.62 -16.45 27.80
CA THR C 204 -16.85 -17.76 27.19
C THR C 204 -18.15 -17.75 26.41
N GLN C 205 -18.14 -18.38 25.24
CA GLN C 205 -19.35 -18.53 24.43
C GLN C 205 -19.75 -20.00 24.37
N GLU C 206 -20.99 -20.28 24.71
CA GLU C 206 -21.49 -21.65 24.84
C GLU C 206 -21.28 -22.49 23.57
N ASN C 207 -21.55 -21.90 22.41
CA ASN C 207 -21.49 -22.64 21.16
C ASN C 207 -20.12 -22.66 20.48
N TYR C 208 -19.09 -22.18 21.18
CA TYR C 208 -17.74 -22.19 20.62
C TYR C 208 -16.83 -23.15 21.39
N TYR C 209 -16.83 -24.40 20.96
CA TYR C 209 -16.14 -25.47 21.66
C TYR C 209 -15.61 -26.50 20.68
N MET C 210 -14.64 -27.28 21.11
CA MET C 210 -14.14 -28.39 20.31
C MET C 210 -14.72 -29.70 20.86
N LEU C 211 -15.11 -30.59 19.97
CA LEU C 211 -15.65 -31.88 20.38
C LEU C 211 -14.63 -33.00 20.15
N HIS C 212 -14.27 -33.69 21.23
CA HIS C 212 -13.34 -34.82 21.13
C HIS C 212 -13.77 -35.95 22.06
N ASP C 213 -14.06 -37.11 21.46
CA ASP C 213 -14.52 -38.29 22.20
C ASP C 213 -15.69 -37.99 23.12
N GLY C 214 -16.70 -37.30 22.58
CA GLY C 214 -17.90 -36.99 23.35
C GLY C 214 -17.74 -35.87 24.35
N GLN C 215 -16.51 -35.43 24.58
CA GLN C 215 -16.24 -34.35 25.54
C GLN C 215 -16.05 -33.01 24.82
N LYS C 216 -16.50 -31.94 25.45
CA LYS C 216 -16.38 -30.60 24.88
C LYS C 216 -15.25 -29.81 25.52
N HIS C 217 -14.56 -29.01 24.71
CA HIS C 217 -13.52 -28.13 25.19
C HIS C 217 -13.72 -26.73 24.62
N TRP C 218 -14.01 -25.76 25.48
CA TRP C 218 -14.29 -24.41 25.03
C TRP C 218 -13.02 -23.65 24.71
N SER C 219 -13.04 -22.94 23.57
CA SER C 219 -11.87 -22.19 23.13
C SER C 219 -12.16 -20.69 23.11
N ASP C 220 -11.17 -19.89 22.71
CA ASP C 220 -11.28 -18.44 22.73
C ASP C 220 -11.77 -17.88 21.39
N PRO C 221 -13.02 -17.40 21.34
CA PRO C 221 -13.61 -16.88 20.11
C PRO C 221 -13.18 -15.45 19.81
N TRP C 222 -12.37 -14.88 20.69
CA TRP C 222 -11.90 -13.50 20.52
C TRP C 222 -10.38 -13.44 20.32
N HIS C 223 -9.75 -14.59 20.10
CA HIS C 223 -8.30 -14.67 20.05
C HIS C 223 -7.63 -13.73 19.05
N TRP C 224 -8.03 -13.84 17.79
CA TRP C 224 -7.42 -13.03 16.73
C TRP C 224 -7.65 -11.54 16.93
N ALA C 225 -8.90 -11.17 17.24
CA ALA C 225 -9.25 -9.77 17.46
C ALA C 225 -8.34 -9.14 18.52
N GLN C 226 -8.16 -9.84 19.63
CA GLN C 226 -7.32 -9.35 20.71
C GLN C 226 -5.83 -9.31 20.34
N ALA C 227 -5.33 -10.41 19.77
CA ALA C 227 -3.92 -10.48 19.39
C ALA C 227 -3.55 -9.45 18.33
N ALA C 228 -4.43 -9.28 17.34
CA ALA C 228 -4.18 -8.33 16.26
C ALA C 228 -4.17 -6.89 16.77
N ILE C 229 -5.06 -6.60 17.73
CA ILE C 229 -5.08 -5.27 18.34
C ILE C 229 -3.78 -5.02 19.10
N VAL C 230 -3.32 -6.03 19.83
CA VAL C 230 -2.07 -5.92 20.58
C VAL C 230 -0.87 -5.72 19.63
N ALA C 231 -0.84 -6.46 18.53
CA ALA C 231 0.26 -6.33 17.57
C ALA C 231 0.31 -4.94 16.95
N ALA C 232 -0.85 -4.46 16.51
CA ALA C 232 -0.94 -3.14 15.92
C ALA C 232 -0.53 -2.05 16.91
N CYS C 233 -0.97 -2.20 18.15
CA CYS C 233 -0.65 -1.22 19.19
C CYS C 233 0.83 -1.18 19.53
N ARG C 234 1.42 -2.35 19.73
CA ARG C 234 2.82 -2.43 20.13
C ARG C 234 3.75 -2.04 18.99
N THR C 235 3.30 -2.22 17.75
CA THR C 235 4.07 -1.79 16.59
C THR C 235 4.19 -0.26 16.56
N HIS C 236 3.14 0.42 17.01
CA HIS C 236 3.07 1.88 16.86
C HIS C 236 3.08 2.68 18.17
N GLY C 237 3.44 2.03 19.28
CA GLY C 237 3.60 2.72 20.54
C GLY C 237 2.29 3.05 21.23
N ILE C 238 1.29 2.20 21.04
CA ILE C 238 -0.05 2.43 21.58
C ILE C 238 -0.35 1.42 22.68
N LEU C 239 -1.18 1.80 23.64
CA LEU C 239 -1.61 0.89 24.69
C LEU C 239 -2.84 0.08 24.27
N PRO C 240 -2.71 -1.25 24.18
CA PRO C 240 -3.84 -2.12 23.87
C PRO C 240 -4.67 -2.45 25.11
N VAL C 241 -5.98 -2.26 25.03
CA VAL C 241 -6.86 -2.39 26.20
C VAL C 241 -8.07 -3.28 25.91
N ASP C 242 -8.46 -4.10 26.89
CA ASP C 242 -9.64 -4.94 26.77
C ASP C 242 -10.89 -4.15 27.18
N GLY C 243 -12.00 -4.40 26.50
CA GLY C 243 -13.23 -3.65 26.73
C GLY C 243 -14.11 -4.21 27.83
N PRO C 244 -15.44 -3.99 27.70
CA PRO C 244 -16.40 -4.32 28.75
C PRO C 244 -16.69 -5.81 28.87
N PHE C 245 -17.01 -6.22 30.10
CA PHE C 245 -17.47 -7.59 30.37
C PHE C 245 -18.84 -7.47 31.02
N GLY C 246 -19.82 -8.14 30.43
CA GLY C 246 -21.22 -7.91 30.77
C GLY C 246 -21.77 -8.52 32.06
N ASP C 247 -21.32 -9.71 32.41
CA ASP C 247 -21.88 -10.43 33.56
C ASP C 247 -21.32 -9.91 34.89
N PHE C 248 -22.08 -9.04 35.55
CA PHE C 248 -21.63 -8.39 36.78
C PHE C 248 -21.57 -9.33 37.98
N SER C 249 -22.20 -10.50 37.87
CA SER C 249 -22.20 -11.46 38.97
C SER C 249 -21.13 -12.54 38.78
N ASP C 250 -20.54 -12.59 37.59
CA ASP C 250 -19.56 -13.62 37.27
C ASP C 250 -18.14 -13.11 37.47
N ASP C 251 -17.71 -13.03 38.72
CA ASP C 251 -16.39 -12.51 39.07
C ASP C 251 -15.26 -13.36 38.48
N GLU C 252 -15.42 -14.67 38.51
CA GLU C 252 -14.40 -15.57 37.96
C GLU C 252 -14.40 -15.55 36.43
N GLY C 253 -15.55 -15.23 35.85
CA GLY C 253 -15.65 -15.04 34.42
C GLY C 253 -14.86 -13.80 34.01
N PHE C 254 -15.01 -12.74 34.79
CA PHE C 254 -14.26 -11.51 34.56
C PHE C 254 -12.76 -11.76 34.66
N ARG C 255 -12.35 -12.47 35.72
CA ARG C 255 -10.94 -12.78 35.92
C ARG C 255 -10.37 -13.56 34.74
N ALA C 256 -11.13 -14.54 34.27
CA ALA C 256 -10.69 -15.36 33.15
C ALA C 256 -10.50 -14.51 31.89
N GLN C 257 -11.47 -13.65 31.61
CA GLN C 257 -11.40 -12.76 30.46
C GLN C 257 -10.21 -11.81 30.58
N ALA C 258 -10.02 -11.25 31.77
CA ALA C 258 -8.93 -10.33 32.03
C ALA C 258 -7.58 -11.02 31.93
N ARG C 259 -7.50 -12.25 32.42
CA ARG C 259 -6.27 -13.02 32.40
C ARG C 259 -5.87 -13.41 30.98
N ARG C 260 -6.84 -13.75 30.16
CA ARG C 260 -6.60 -14.02 28.75
C ARG C 260 -6.02 -12.77 28.09
N SER C 261 -6.67 -11.63 28.33
CA SER C 261 -6.24 -10.36 27.77
C SER C 261 -4.83 -10.00 28.20
N ALA C 262 -4.57 -10.12 29.51
CA ALA C 262 -3.24 -9.86 30.05
C ALA C 262 -2.20 -10.77 29.38
N THR C 263 -2.57 -12.03 29.18
CA THR C 263 -1.68 -13.00 28.56
C THR C 263 -1.37 -12.62 27.11
N LEU C 264 -2.38 -12.17 26.37
CA LEU C 264 -2.18 -11.79 24.97
C LEU C 264 -1.46 -10.45 24.81
N GLY C 265 -1.36 -9.69 25.89
CA GLY C 265 -0.55 -8.47 25.87
C GLY C 265 -1.27 -7.17 26.18
N MET C 266 -2.56 -7.25 26.48
CA MET C 266 -3.32 -6.05 26.84
C MET C 266 -2.93 -5.58 28.25
N VAL C 267 -3.01 -4.27 28.47
CA VAL C 267 -2.49 -3.70 29.71
C VAL C 267 -3.56 -3.34 30.73
N GLY C 268 -4.82 -3.48 30.34
CA GLY C 268 -5.92 -3.14 31.22
C GLY C 268 -7.28 -3.57 30.71
N LYS C 269 -8.33 -3.25 31.45
CA LYS C 269 -9.69 -3.63 31.08
C LYS C 269 -10.70 -2.61 31.58
N TRP C 270 -11.80 -2.44 30.84
CA TRP C 270 -12.85 -1.53 31.24
C TRP C 270 -13.54 -2.01 32.50
N ALA C 271 -14.04 -1.06 33.28
CA ALA C 271 -15.03 -1.36 34.31
C ALA C 271 -16.28 -0.57 33.99
N ILE C 272 -17.39 -1.28 33.80
CA ILE C 272 -18.67 -0.64 33.56
C ILE C 272 -19.57 -0.83 34.76
N HIS C 273 -18.98 -1.35 35.83
CA HIS C 273 -19.63 -1.49 37.13
C HIS C 273 -18.54 -1.43 38.19
N PRO C 274 -18.76 -0.63 39.25
CA PRO C 274 -17.72 -0.34 40.26
C PRO C 274 -17.06 -1.59 40.87
N LYS C 275 -17.75 -2.73 40.90
CA LYS C 275 -17.18 -3.97 41.39
C LYS C 275 -16.01 -4.46 40.54
N GLN C 276 -16.03 -4.10 39.25
CA GLN C 276 -15.03 -4.58 38.31
C GLN C 276 -13.68 -3.89 38.44
N VAL C 277 -13.66 -2.75 39.13
CA VAL C 277 -12.41 -1.99 39.31
C VAL C 277 -11.37 -2.77 40.11
N ALA C 278 -11.81 -3.38 41.21
CA ALA C 278 -10.91 -4.18 42.04
C ALA C 278 -10.46 -5.42 41.29
N LEU C 279 -11.36 -6.00 40.50
CA LEU C 279 -11.04 -7.20 39.73
C LEU C 279 -10.01 -6.89 38.65
N ALA C 280 -10.16 -5.73 38.00
CA ALA C 280 -9.23 -5.33 36.95
C ALA C 280 -7.85 -5.04 37.53
N ASN C 281 -7.79 -4.25 38.60
CA ASN C 281 -6.53 -3.95 39.25
C ASN C 281 -5.83 -5.20 39.77
N GLU C 282 -6.62 -6.19 40.18
CA GLU C 282 -6.06 -7.45 40.69
C GLU C 282 -5.28 -8.21 39.62
N VAL C 283 -5.86 -8.31 38.43
CA VAL C 283 -5.27 -9.07 37.34
C VAL C 283 -4.10 -8.33 36.70
N PHE C 284 -4.23 -7.01 36.57
CA PHE C 284 -3.25 -6.21 35.82
C PHE C 284 -2.17 -5.56 36.68
N THR C 285 -2.22 -5.77 37.99
CA THR C 285 -1.14 -5.34 38.86
C THR C 285 -0.30 -6.57 39.24
N PRO C 286 1.01 -6.50 39.02
CA PRO C 286 1.89 -7.61 39.42
C PRO C 286 1.87 -7.77 40.93
N SER C 287 1.84 -9.02 41.40
CA SER C 287 1.82 -9.28 42.84
C SER C 287 3.10 -8.78 43.48
N GLU C 288 3.03 -8.52 44.79
CA GLU C 288 4.22 -8.10 45.54
C GLU C 288 5.30 -9.17 45.46
N THR C 289 4.87 -10.43 45.34
CA THR C 289 5.80 -11.55 45.14
C THR C 289 6.51 -11.45 43.78
N ALA C 290 5.74 -11.19 42.73
CA ALA C 290 6.30 -11.08 41.40
C ALA C 290 7.23 -9.87 41.27
N VAL C 291 6.88 -8.78 41.95
CA VAL C 291 7.70 -7.58 41.94
C VAL C 291 9.03 -7.84 42.64
N THR C 292 8.95 -8.42 43.85
CA THR C 292 10.13 -8.75 44.62
C THR C 292 11.08 -9.65 43.84
N GLU C 293 10.55 -10.70 43.22
CA GLU C 293 11.36 -11.61 42.41
C GLU C 293 11.98 -10.89 41.22
N ALA C 294 11.22 -9.96 40.64
CA ALA C 294 11.72 -9.17 39.52
C ALA C 294 12.89 -8.29 39.95
N ARG C 295 12.77 -7.63 41.09
CA ARG C 295 13.83 -6.78 41.63
C ARG C 295 15.10 -7.59 41.90
N GLU C 296 14.93 -8.76 42.50
CA GLU C 296 16.05 -9.62 42.85
C GLU C 296 16.83 -10.09 41.63
N ILE C 297 16.10 -10.44 40.57
CA ILE C 297 16.73 -10.84 39.31
C ILE C 297 17.53 -9.68 38.71
N LEU C 298 16.95 -8.48 38.74
CA LEU C 298 17.63 -7.30 38.21
C LEU C 298 18.84 -6.93 39.08
N ALA C 299 18.70 -7.12 40.39
CA ALA C 299 19.80 -6.85 41.31
C ALA C 299 20.95 -7.83 41.10
N ALA C 300 20.60 -9.09 40.84
CA ALA C 300 21.60 -10.13 40.58
C ALA C 300 22.37 -9.82 39.30
N MET C 301 21.65 -9.36 38.28
CA MET C 301 22.27 -8.98 37.01
C MET C 301 23.20 -7.79 37.19
N ASP C 302 22.71 -6.76 37.88
CA ASP C 302 23.49 -5.56 38.14
C ASP C 302 24.77 -5.88 38.91
N ALA C 303 24.66 -6.77 39.90
CA ALA C 303 25.81 -7.19 40.67
C ALA C 303 26.83 -7.91 39.78
N ALA C 304 26.32 -8.77 38.89
CA ALA C 304 27.18 -9.51 37.98
C ALA C 304 27.94 -8.58 37.04
N LYS C 305 27.24 -7.61 36.47
CA LYS C 305 27.87 -6.61 35.61
C LYS C 305 28.88 -5.77 36.40
N ALA C 306 28.59 -5.56 37.68
CA ALA C 306 29.48 -4.80 38.54
C ALA C 306 30.82 -5.51 38.70
N ARG C 307 30.80 -6.83 38.53
CA ARG C 307 32.01 -7.64 38.61
C ARG C 307 32.55 -7.97 37.22
N GLY C 308 31.97 -7.32 36.21
CA GLY C 308 32.38 -7.54 34.83
C GLY C 308 32.00 -8.90 34.28
N GLU C 309 30.82 -9.39 34.63
CA GLU C 309 30.35 -10.69 34.15
C GLU C 309 29.13 -10.53 33.25
N GLY C 310 29.07 -11.36 32.20
CA GLY C 310 27.96 -11.29 31.25
C GLY C 310 26.81 -12.23 31.60
N ALA C 311 27.11 -13.27 32.37
CA ALA C 311 26.11 -14.24 32.75
C ALA C 311 25.57 -14.01 34.17
N THR C 312 24.26 -13.91 34.28
CA THR C 312 23.59 -13.70 35.56
C THR C 312 23.05 -15.01 36.12
N VAL C 313 23.11 -15.18 37.43
CA VAL C 313 22.50 -16.31 38.10
C VAL C 313 21.63 -15.86 39.28
N TYR C 314 20.38 -16.35 39.27
CA TYR C 314 19.43 -16.13 40.34
C TYR C 314 19.18 -17.50 40.97
N LYS C 315 18.34 -17.57 42.00
CA LYS C 315 18.01 -18.85 42.63
C LYS C 315 17.45 -19.84 41.61
N GLY C 316 18.12 -20.99 41.51
CA GLY C 316 17.86 -21.92 40.42
C GLY C 316 19.06 -21.94 39.49
N ARG C 317 18.95 -21.27 38.35
CA ARG C 317 20.05 -21.25 37.38
C ARG C 317 20.20 -19.95 36.60
N LEU C 318 20.36 -20.09 35.29
CA LEU C 318 20.71 -18.98 34.41
C LEU C 318 19.47 -18.32 33.79
N VAL C 319 19.56 -17.02 33.52
CA VAL C 319 18.44 -16.25 33.04
C VAL C 319 18.59 -15.80 31.59
N ASP C 320 17.56 -16.05 30.78
CA ASP C 320 17.51 -15.55 29.42
C ASP C 320 17.34 -14.03 29.45
N ILE C 321 17.84 -13.36 28.42
CA ILE C 321 17.73 -11.91 28.33
C ILE C 321 16.26 -11.47 28.32
N ALA C 322 15.41 -12.31 27.74
CA ALA C 322 13.97 -12.05 27.71
C ALA C 322 13.37 -12.21 29.10
N SER C 323 14.02 -12.99 29.95
CA SER C 323 13.54 -13.21 31.31
C SER C 323 13.84 -12.01 32.22
N ILE C 324 14.91 -11.28 31.88
CA ILE C 324 15.23 -10.05 32.59
C ILE C 324 14.44 -8.90 31.97
N LYS C 325 14.09 -9.07 30.69
CA LYS C 325 13.34 -8.06 29.95
C LYS C 325 11.95 -7.89 30.57
N GLN C 326 11.36 -9.01 30.98
CA GLN C 326 10.04 -8.97 31.62
C GLN C 326 10.15 -8.48 33.06
N ALA C 327 11.26 -8.83 33.71
CA ALA C 327 11.52 -8.37 35.07
C ALA C 327 11.58 -6.84 35.11
N GLU C 328 12.22 -6.26 34.11
CA GLU C 328 12.33 -4.81 34.00
C GLU C 328 10.96 -4.20 33.72
N VAL C 329 10.15 -4.91 32.94
CA VAL C 329 8.79 -4.48 32.64
C VAL C 329 7.93 -4.49 33.90
N ILE C 330 8.05 -5.56 34.68
CA ILE C 330 7.30 -5.71 35.93
C ILE C 330 7.65 -4.62 36.95
N VAL C 331 8.95 -4.38 37.11
CA VAL C 331 9.40 -3.33 38.03
C VAL C 331 8.96 -1.95 37.55
N ARG C 332 8.97 -1.75 36.24
CA ARG C 332 8.52 -0.48 35.66
C ARG C 332 7.03 -0.28 35.89
N GLN C 333 6.27 -1.37 35.88
CA GLN C 333 4.84 -1.34 36.18
C GLN C 333 4.62 -0.87 37.61
N ALA C 334 5.28 -1.54 38.55
CA ALA C 334 5.11 -1.27 39.97
C ALA C 334 5.42 0.19 40.34
N GLU C 335 6.38 0.78 39.63
CA GLU C 335 6.77 2.15 39.89
C GLU C 335 5.86 3.16 39.20
N MET C 336 5.09 2.69 38.22
CA MET C 336 4.09 3.53 37.55
C MET C 336 2.87 3.69 38.44
N ILE C 337 2.61 2.70 39.27
CA ILE C 337 1.50 2.72 40.20
C ILE C 337 1.98 3.33 41.53
N SER C 338 3.22 3.80 41.52
CA SER C 338 3.87 4.41 42.68
C SER C 338 3.85 3.49 43.90
N SER D 23 -14.59 -2.16 -14.01
CA SER D 23 -16.02 -1.90 -14.14
C SER D 23 -16.50 -2.25 -15.54
N PHE D 24 -15.56 -2.31 -16.49
CA PHE D 24 -15.84 -2.70 -17.87
C PHE D 24 -16.85 -1.75 -18.52
N ARG D 25 -16.81 -0.51 -18.06
CA ARG D 25 -17.63 0.56 -18.59
C ARG D 25 -16.66 1.71 -18.89
N LEU D 26 -17.13 2.73 -19.59
CA LEU D 26 -16.31 3.92 -19.82
C LEU D 26 -16.05 4.64 -18.49
N GLN D 27 -15.09 5.56 -18.50
CA GLN D 27 -14.78 6.34 -17.30
C GLN D 27 -16.02 7.09 -16.83
N PRO D 28 -16.10 7.37 -15.52
CA PRO D 28 -17.27 8.06 -14.97
C PRO D 28 -17.53 9.39 -15.67
N ALA D 29 -18.80 9.71 -15.89
CA ALA D 29 -19.15 11.00 -16.45
C ALA D 29 -19.01 12.06 -15.38
N PRO D 30 -18.46 13.23 -15.75
CA PRO D 30 -18.32 14.35 -14.82
C PRO D 30 -19.67 15.01 -14.58
N PRO D 31 -19.77 15.89 -13.56
CA PRO D 31 -21.01 16.63 -13.34
C PRO D 31 -21.40 17.39 -14.60
N ALA D 32 -22.69 17.50 -14.87
CA ALA D 32 -23.16 18.07 -16.14
C ALA D 32 -23.17 19.60 -16.14
N ARG D 33 -23.24 20.19 -14.95
CA ARG D 33 -23.35 21.63 -14.81
C ARG D 33 -22.19 22.39 -15.47
N PRO D 34 -22.46 23.60 -15.97
CA PRO D 34 -21.44 24.45 -16.58
C PRO D 34 -20.40 24.93 -15.57
N ASN D 35 -19.15 25.02 -15.99
CA ASN D 35 -18.07 25.46 -15.12
C ASN D 35 -16.99 26.18 -15.93
N ARG D 36 -17.43 27.00 -16.88
CA ARG D 36 -16.52 27.72 -17.76
C ARG D 36 -15.73 28.77 -16.99
N CYS D 37 -16.36 29.37 -15.99
CA CYS D 37 -15.70 30.41 -15.21
C CYS D 37 -16.15 30.42 -13.76
N GLN D 38 -15.19 30.56 -12.85
CA GLN D 38 -15.48 30.72 -11.43
C GLN D 38 -15.05 32.12 -11.01
N LEU D 39 -16.02 32.95 -10.61
CA LEU D 39 -15.74 34.32 -10.22
C LEU D 39 -15.55 34.45 -8.72
N PHE D 40 -14.37 34.93 -8.32
CA PHE D 40 -14.04 35.08 -6.90
C PHE D 40 -14.29 36.48 -6.39
N GLY D 41 -14.65 36.57 -5.12
CA GLY D 41 -14.84 37.85 -4.45
C GLY D 41 -14.70 37.66 -2.95
N PRO D 42 -13.95 38.56 -2.30
CA PRO D 42 -13.74 38.48 -0.84
C PRO D 42 -15.06 38.72 -0.10
N GLY D 43 -15.33 37.91 0.91
CA GLY D 43 -16.54 38.06 1.70
C GLY D 43 -16.55 39.34 2.51
N SER D 44 -15.38 39.99 2.61
CA SER D 44 -15.24 41.22 3.36
C SER D 44 -15.74 42.44 2.58
N ARG D 45 -16.09 42.23 1.32
CA ARG D 45 -16.65 43.31 0.50
C ARG D 45 -18.03 42.95 -0.06
N PRO D 46 -19.06 42.98 0.80
CA PRO D 46 -20.42 42.57 0.42
C PRO D 46 -21.09 43.49 -0.60
N ALA D 47 -20.51 44.68 -0.83
CA ALA D 47 -21.06 45.62 -1.79
C ALA D 47 -20.83 45.15 -3.23
N LEU D 48 -20.06 44.09 -3.40
CA LEU D 48 -19.73 43.57 -4.72
C LEU D 48 -20.53 42.32 -5.05
N PHE D 49 -21.26 41.82 -4.06
CA PHE D 49 -21.97 40.55 -4.21
C PHE D 49 -23.01 40.57 -5.33
N GLU D 50 -23.79 41.65 -5.39
CA GLU D 50 -24.85 41.75 -6.41
C GLU D 50 -24.30 41.82 -7.83
N LYS D 51 -23.14 42.45 -7.98
CA LYS D 51 -22.48 42.51 -9.28
C LYS D 51 -22.01 41.12 -9.71
N MET D 52 -21.63 40.31 -8.71
CA MET D 52 -21.19 38.95 -8.98
C MET D 52 -22.36 38.08 -9.39
N ALA D 53 -23.48 38.23 -8.70
CA ALA D 53 -24.70 37.48 -9.00
C ALA D 53 -25.22 37.80 -10.39
N ALA D 54 -25.00 39.04 -10.84
CA ALA D 54 -25.47 39.48 -12.15
C ALA D 54 -24.49 39.15 -13.28
N SER D 55 -23.29 38.70 -12.93
CA SER D 55 -22.25 38.43 -13.91
C SER D 55 -22.57 37.23 -14.81
N ALA D 56 -21.68 36.95 -15.76
CA ALA D 56 -21.87 35.85 -16.70
C ALA D 56 -21.07 34.59 -16.31
N ALA D 57 -20.58 34.57 -15.08
CA ALA D 57 -19.83 33.41 -14.58
C ALA D 57 -20.77 32.27 -14.20
N ASP D 58 -20.36 31.04 -14.45
CA ASP D 58 -21.19 29.88 -14.11
C ASP D 58 -21.12 29.56 -12.62
N VAL D 59 -19.97 29.83 -12.02
CA VAL D 59 -19.75 29.54 -10.61
C VAL D 59 -19.31 30.79 -9.86
N ILE D 60 -19.91 31.00 -8.69
CA ILE D 60 -19.55 32.11 -7.83
C ILE D 60 -18.81 31.60 -6.60
N ASN D 61 -17.62 32.13 -6.36
CA ASN D 61 -16.83 31.74 -5.19
C ASN D 61 -16.69 32.89 -4.20
N LEU D 62 -17.49 32.86 -3.14
CA LEU D 62 -17.36 33.83 -2.06
C LEU D 62 -16.21 33.40 -1.16
N ASP D 63 -15.25 34.29 -0.95
CA ASP D 63 -13.99 33.90 -0.32
C ASP D 63 -13.85 34.27 1.15
N LEU D 64 -13.42 33.30 1.95
CA LEU D 64 -13.10 33.52 3.35
C LEU D 64 -11.61 33.35 3.58
N GLU D 65 -10.88 32.94 2.55
CA GLU D 65 -9.47 32.58 2.70
C GLU D 65 -8.51 33.73 2.36
N ASP D 66 -7.65 33.52 1.35
CA ASP D 66 -6.51 34.40 1.12
C ASP D 66 -6.80 35.80 0.59
N SER D 67 -8.05 36.11 0.31
CA SER D 67 -8.41 37.47 -0.11
C SER D 67 -9.02 38.25 1.06
N VAL D 68 -9.09 37.60 2.22
CA VAL D 68 -9.61 38.24 3.43
C VAL D 68 -8.55 38.23 4.53
N ALA D 69 -8.19 39.42 5.01
CA ALA D 69 -7.24 39.54 6.11
C ALA D 69 -7.77 38.83 7.34
N PRO D 70 -6.87 38.26 8.17
CA PRO D 70 -7.23 37.47 9.35
C PRO D 70 -8.20 38.18 10.30
N ASP D 71 -8.01 39.48 10.52
CA ASP D 71 -8.89 40.23 11.40
C ASP D 71 -10.31 40.38 10.84
N ASP D 72 -10.43 40.24 9.52
CA ASP D 72 -11.70 40.45 8.83
C ASP D 72 -12.45 39.15 8.52
N LYS D 73 -11.90 38.01 8.93
CA LYS D 73 -12.49 36.73 8.56
C LYS D 73 -13.83 36.44 9.23
N ALA D 74 -13.96 36.79 10.51
CA ALA D 74 -15.20 36.58 11.24
C ALA D 74 -16.36 37.38 10.64
N GLN D 75 -16.07 38.62 10.25
CA GLN D 75 -17.08 39.48 9.65
C GLN D 75 -17.43 39.02 8.23
N ALA D 76 -16.42 38.61 7.48
CA ALA D 76 -16.63 38.11 6.13
C ALA D 76 -17.53 36.88 6.17
N ARG D 77 -17.37 36.07 7.21
CA ARG D 77 -18.17 34.87 7.41
C ARG D 77 -19.65 35.24 7.57
N ALA D 78 -19.90 36.25 8.40
CA ALA D 78 -21.27 36.70 8.65
C ALA D 78 -21.86 37.34 7.40
N ASN D 79 -21.04 38.08 6.65
CA ASN D 79 -21.47 38.69 5.40
C ASN D 79 -21.96 37.62 4.42
N ILE D 80 -21.13 36.60 4.24
CA ILE D 80 -21.41 35.53 3.28
C ILE D 80 -22.69 34.77 3.64
N ILE D 81 -22.82 34.41 4.91
CA ILE D 81 -24.02 33.73 5.38
C ILE D 81 -25.27 34.55 5.09
N GLU D 82 -25.19 35.85 5.38
CA GLU D 82 -26.29 36.77 5.10
C GLU D 82 -26.55 36.86 3.59
N ALA D 83 -25.48 36.85 2.80
CA ALA D 83 -25.62 36.95 1.35
C ALA D 83 -26.28 35.70 0.75
N ILE D 84 -25.95 34.54 1.31
CA ILE D 84 -26.49 33.28 0.82
C ILE D 84 -28.00 33.24 1.05
N ASN D 85 -28.43 33.75 2.18
CA ASN D 85 -29.84 33.77 2.54
C ASN D 85 -30.61 34.96 1.95
N GLY D 86 -29.89 36.00 1.58
CA GLY D 86 -30.52 37.27 1.22
C GLY D 86 -30.64 37.58 -0.26
N LEU D 87 -29.59 37.33 -1.02
CA LEU D 87 -29.54 37.76 -2.42
C LEU D 87 -30.15 36.77 -3.42
N ASP D 88 -30.49 37.29 -4.59
CA ASP D 88 -30.93 36.45 -5.70
C ASP D 88 -29.72 35.99 -6.50
N TRP D 89 -29.41 34.70 -6.43
CA TRP D 89 -28.24 34.17 -7.13
C TRP D 89 -28.61 33.55 -8.46
N GLY D 90 -29.87 33.63 -8.84
CA GLY D 90 -30.33 33.12 -10.12
C GLY D 90 -30.01 31.66 -10.35
N ARG D 91 -29.27 31.40 -11.43
CA ARG D 91 -28.87 30.04 -11.78
C ARG D 91 -27.39 29.77 -11.47
N LYS D 92 -26.76 30.69 -10.75
CA LYS D 92 -25.34 30.55 -10.41
C LYS D 92 -25.12 29.34 -9.51
N TYR D 93 -24.02 28.63 -9.71
CA TYR D 93 -23.60 27.62 -8.75
C TYR D 93 -22.84 28.34 -7.64
N LEU D 94 -23.36 28.25 -6.42
CA LEU D 94 -22.87 29.09 -5.33
C LEU D 94 -21.90 28.36 -4.41
N SER D 95 -20.63 28.78 -4.42
CA SER D 95 -19.61 28.11 -3.64
C SER D 95 -18.94 29.08 -2.66
N VAL D 96 -18.40 28.53 -1.58
CA VAL D 96 -17.63 29.31 -0.63
C VAL D 96 -16.27 28.67 -0.39
N ARG D 97 -15.21 29.43 -0.61
CA ARG D 97 -13.88 28.94 -0.26
C ARG D 97 -13.63 29.18 1.22
N ILE D 98 -13.50 28.08 1.97
CA ILE D 98 -13.20 28.17 3.39
C ILE D 98 -11.69 28.28 3.60
N ASN D 99 -11.29 28.44 4.86
CA ASN D 99 -9.87 28.46 5.20
C ASN D 99 -9.33 27.03 5.30
N GLY D 100 -8.01 26.90 5.22
CA GLY D 100 -7.37 25.59 5.19
C GLY D 100 -7.35 24.88 6.53
N LEU D 101 -7.17 23.56 6.47
CA LEU D 101 -7.16 22.72 7.67
C LEU D 101 -5.94 22.94 8.57
N ASP D 102 -5.01 23.78 8.12
CA ASP D 102 -3.86 24.12 8.93
C ASP D 102 -4.06 25.44 9.69
N THR D 103 -5.28 25.98 9.58
CA THR D 103 -5.63 27.23 10.24
C THR D 103 -6.66 26.96 11.33
N PRO D 104 -6.81 27.88 12.30
CA PRO D 104 -7.86 27.72 13.31
C PRO D 104 -9.23 28.16 12.81
N PHE D 105 -9.31 28.71 11.61
CA PHE D 105 -10.55 29.27 11.08
C PHE D 105 -11.48 28.23 10.45
N TRP D 106 -10.92 27.15 9.92
CA TRP D 106 -11.67 26.25 9.05
C TRP D 106 -12.94 25.66 9.68
N TYR D 107 -12.83 25.16 10.91
CA TYR D 107 -13.97 24.50 11.55
C TYR D 107 -15.11 25.47 11.76
N ARG D 108 -14.79 26.71 12.12
CA ARG D 108 -15.81 27.72 12.34
C ARG D 108 -16.45 28.14 11.03
N ASP D 109 -15.64 28.17 9.96
CA ASP D 109 -16.15 28.41 8.61
C ASP D 109 -17.23 27.39 8.26
N VAL D 110 -16.92 26.12 8.45
CA VAL D 110 -17.82 25.04 8.08
C VAL D 110 -19.04 24.96 9.01
N VAL D 111 -18.79 25.05 10.31
CA VAL D 111 -19.87 24.98 11.30
C VAL D 111 -20.92 26.09 11.09
N ASP D 112 -20.46 27.33 10.93
CA ASP D 112 -21.37 28.45 10.72
C ASP D 112 -22.12 28.36 9.38
N LEU D 113 -21.42 27.97 8.32
CA LEU D 113 -22.06 27.83 7.01
C LEU D 113 -23.17 26.80 7.03
N LEU D 114 -22.87 25.61 7.54
CA LEU D 114 -23.82 24.51 7.49
C LEU D 114 -24.94 24.66 8.51
N GLU D 115 -24.70 25.42 9.57
CA GLU D 115 -25.72 25.65 10.58
C GLU D 115 -26.60 26.87 10.30
N GLN D 116 -26.03 27.88 9.64
CA GLN D 116 -26.73 29.16 9.49
C GLN D 116 -27.16 29.50 8.06
N ALA D 117 -26.44 28.99 7.06
CA ALA D 117 -26.81 29.27 5.68
C ALA D 117 -27.96 28.38 5.21
N GLY D 118 -28.83 28.93 4.38
CA GLY D 118 -29.95 28.19 3.84
C GLY D 118 -29.56 27.24 2.73
N ASP D 119 -30.56 26.70 2.05
CA ASP D 119 -30.32 25.70 1.02
C ASP D 119 -29.82 26.24 -0.32
N ARG D 120 -29.61 27.55 -0.39
CA ARG D 120 -29.11 28.14 -1.65
C ARG D 120 -27.62 27.86 -1.83
N LEU D 121 -26.91 27.62 -0.73
CA LEU D 121 -25.50 27.25 -0.80
C LEU D 121 -25.35 25.91 -1.52
N ASP D 122 -24.50 25.89 -2.54
CA ASP D 122 -24.33 24.70 -3.35
C ASP D 122 -23.08 23.90 -3.01
N GLN D 123 -22.02 24.59 -2.62
CA GLN D 123 -20.69 23.99 -2.64
C GLN D 123 -19.69 24.67 -1.70
N ILE D 124 -18.74 23.89 -1.21
CA ILE D 124 -17.62 24.40 -0.42
C ILE D 124 -16.30 24.12 -1.14
N MET D 125 -15.46 25.14 -1.26
CA MET D 125 -14.14 24.98 -1.84
C MET D 125 -13.08 24.83 -0.74
N ILE D 126 -12.38 23.70 -0.75
CA ILE D 126 -11.34 23.42 0.22
C ILE D 126 -9.95 23.73 -0.36
N PRO D 127 -9.22 24.67 0.26
CA PRO D 127 -7.89 25.05 -0.24
C PRO D 127 -6.76 24.18 0.28
N LYS D 128 -5.61 24.24 -0.39
CA LYS D 128 -4.37 23.63 0.07
C LYS D 128 -4.46 22.14 0.42
N VAL D 129 -5.28 21.40 -0.31
CA VAL D 129 -5.46 19.98 -0.05
C VAL D 129 -4.21 19.18 -0.39
N GLY D 130 -3.72 18.39 0.57
CA GLY D 130 -2.48 17.66 0.40
C GLY D 130 -2.66 16.16 0.36
N CYS D 131 -3.82 15.68 0.80
CA CYS D 131 -4.12 14.26 0.74
C CYS D 131 -5.62 14.01 0.81
N ALA D 132 -6.03 12.78 0.51
CA ALA D 132 -7.43 12.38 0.51
C ALA D 132 -8.06 12.57 1.90
N ALA D 133 -7.27 12.38 2.94
CA ALA D 133 -7.74 12.47 4.31
C ALA D 133 -8.19 13.89 4.67
N ASP D 134 -7.60 14.89 4.02
CA ASP D 134 -8.02 16.28 4.21
C ASP D 134 -9.48 16.46 3.81
N VAL D 135 -9.85 15.89 2.67
CA VAL D 135 -11.22 16.01 2.16
C VAL D 135 -12.18 15.20 3.02
N TYR D 136 -11.73 14.04 3.45
CA TYR D 136 -12.51 13.16 4.32
C TYR D 136 -12.85 13.86 5.63
N ALA D 137 -11.91 14.64 6.14
CA ALA D 137 -12.10 15.36 7.39
C ALA D 137 -13.23 16.38 7.27
N VAL D 138 -13.21 17.13 6.17
CA VAL D 138 -14.25 18.13 5.91
C VAL D 138 -15.58 17.42 5.64
N ASP D 139 -15.52 16.30 4.94
CA ASP D 139 -16.70 15.49 4.63
C ASP D 139 -17.34 14.99 5.92
N ALA D 140 -16.52 14.53 6.84
CA ALA D 140 -17.00 14.03 8.14
C ALA D 140 -17.78 15.09 8.92
N LEU D 141 -17.26 16.31 8.90
CA LEU D 141 -17.86 17.42 9.63
C LEU D 141 -19.15 17.88 8.95
N VAL D 142 -19.07 18.10 7.65
CA VAL D 142 -20.22 18.55 6.87
C VAL D 142 -21.39 17.57 6.94
N THR D 143 -21.07 16.29 6.84
CA THR D 143 -22.09 15.24 6.86
C THR D 143 -22.84 15.21 8.20
N ALA D 144 -22.10 15.38 9.29
CA ALA D 144 -22.70 15.39 10.62
C ALA D 144 -23.68 16.55 10.77
N ILE D 145 -23.28 17.74 10.34
CA ILE D 145 -24.13 18.91 10.50
C ILE D 145 -25.35 18.85 9.58
N GLU D 146 -25.15 18.42 8.33
CA GLU D 146 -26.26 18.23 7.40
C GLU D 146 -27.31 17.30 8.00
N ARG D 147 -26.86 16.24 8.64
CA ARG D 147 -27.76 15.29 9.30
C ARG D 147 -28.44 15.92 10.52
N ALA D 148 -27.66 16.65 11.32
CA ALA D 148 -28.19 17.28 12.53
C ALA D 148 -29.25 18.33 12.19
N LYS D 149 -29.04 19.05 11.10
CA LYS D 149 -29.92 20.16 10.72
C LYS D 149 -30.98 19.74 9.71
N GLY D 150 -30.86 18.51 9.19
CA GLY D 150 -31.79 18.00 8.20
C GLY D 150 -31.75 18.77 6.90
N ARG D 151 -30.56 19.16 6.46
CA ARG D 151 -30.41 19.90 5.22
C ARG D 151 -30.86 19.07 4.01
N THR D 152 -31.65 19.70 3.14
CA THR D 152 -32.29 18.98 2.04
C THR D 152 -31.38 18.78 0.84
N LYS D 153 -30.49 19.74 0.59
CA LYS D 153 -29.56 19.66 -0.52
C LYS D 153 -28.12 19.52 -0.03
N PRO D 154 -27.58 18.29 -0.11
CA PRO D 154 -26.19 18.01 0.29
C PRO D 154 -25.20 18.85 -0.51
N LEU D 155 -24.21 19.39 0.17
CA LEU D 155 -23.17 20.19 -0.46
C LEU D 155 -22.26 19.34 -1.32
N SER D 156 -21.84 19.87 -2.46
CA SER D 156 -20.76 19.27 -3.21
C SER D 156 -19.44 19.90 -2.72
N PHE D 157 -18.33 19.25 -3.05
CA PHE D 157 -17.02 19.76 -2.69
C PHE D 157 -16.22 20.13 -3.94
N GLU D 158 -15.39 21.16 -3.82
CA GLU D 158 -14.30 21.35 -4.76
C GLU D 158 -13.04 21.62 -3.96
N VAL D 159 -11.90 21.26 -4.54
CA VAL D 159 -10.63 21.38 -3.85
C VAL D 159 -9.64 22.14 -4.74
N ILE D 160 -8.61 22.71 -4.12
CA ILE D 160 -7.56 23.37 -4.87
C ILE D 160 -6.26 22.61 -4.69
N ILE D 161 -5.65 22.23 -5.82
CA ILE D 161 -4.32 21.68 -5.81
C ILE D 161 -3.35 22.84 -5.93
N GLU D 162 -2.67 23.16 -4.84
CA GLU D 162 -1.81 24.34 -4.80
C GLU D 162 -0.64 24.13 -3.86
N SER D 163 -0.17 22.88 -3.81
CA SER D 163 1.01 22.55 -3.02
C SER D 163 1.71 21.35 -3.65
N ALA D 164 2.95 21.12 -3.23
CA ALA D 164 3.72 19.98 -3.70
C ALA D 164 3.06 18.68 -3.26
N ALA D 165 2.54 18.66 -2.03
CA ALA D 165 1.85 17.49 -1.53
C ALA D 165 0.61 17.22 -2.37
N GLY D 166 -0.06 18.29 -2.79
CA GLY D 166 -1.28 18.18 -3.56
C GLY D 166 -1.08 17.51 -4.90
N ILE D 167 -0.11 17.98 -5.68
CA ILE D 167 0.13 17.42 -6.99
C ILE D 167 0.71 16.01 -6.88
N ALA D 168 1.51 15.77 -5.85
CA ALA D 168 2.10 14.45 -5.62
C ALA D 168 1.02 13.41 -5.29
N HIS D 169 -0.07 13.85 -4.68
CA HIS D 169 -1.15 12.97 -4.26
C HIS D 169 -2.43 13.28 -5.00
N VAL D 170 -2.30 13.76 -6.23
CA VAL D 170 -3.45 14.27 -6.97
C VAL D 170 -4.53 13.22 -7.28
N GLU D 171 -4.14 11.98 -7.59
CA GLU D 171 -5.15 10.98 -7.89
C GLU D 171 -5.95 10.56 -6.67
N GLU D 172 -5.26 10.34 -5.55
CA GLU D 172 -5.94 9.94 -4.32
C GLU D 172 -6.87 11.05 -3.84
N ILE D 173 -6.53 12.30 -4.15
CA ILE D 173 -7.39 13.43 -3.82
C ILE D 173 -8.62 13.44 -4.74
N ALA D 174 -8.43 13.13 -6.01
CA ALA D 174 -9.53 13.08 -6.96
C ALA D 174 -10.59 12.04 -6.59
N ALA D 175 -10.18 11.00 -5.88
CA ALA D 175 -11.07 9.90 -5.53
C ALA D 175 -11.52 9.97 -4.07
N SER D 176 -11.34 11.12 -3.44
CA SER D 176 -11.44 11.23 -1.98
C SER D 176 -12.86 11.33 -1.41
N SER D 177 -13.84 11.67 -2.25
CA SER D 177 -15.21 11.87 -1.75
C SER D 177 -16.26 11.87 -2.86
N PRO D 178 -17.41 11.22 -2.59
CA PRO D 178 -18.56 11.26 -3.50
C PRO D 178 -19.08 12.68 -3.72
N ARG D 179 -18.76 13.59 -2.81
CA ARG D 179 -19.17 14.99 -2.95
C ARG D 179 -18.33 15.76 -3.96
N LEU D 180 -17.10 15.30 -4.18
CA LEU D 180 -16.15 16.04 -5.00
C LEU D 180 -16.62 16.20 -6.44
N GLN D 181 -16.72 17.44 -6.90
CA GLN D 181 -17.16 17.73 -8.26
C GLN D 181 -16.10 18.42 -9.13
N ALA D 182 -15.19 19.16 -8.48
CA ALA D 182 -14.21 19.95 -9.22
C ALA D 182 -12.87 20.05 -8.51
N MET D 183 -11.81 20.27 -9.29
CA MET D 183 -10.47 20.39 -8.76
C MET D 183 -9.71 21.47 -9.52
N SER D 184 -9.21 22.46 -8.79
CA SER D 184 -8.51 23.60 -9.41
C SER D 184 -7.02 23.58 -9.15
N LEU D 185 -6.24 24.04 -10.12
CA LEU D 185 -4.83 24.30 -9.92
C LEU D 185 -4.65 25.74 -9.46
N GLY D 186 -4.08 25.93 -8.27
CA GLY D 186 -3.78 27.27 -7.78
C GLY D 186 -2.32 27.62 -8.00
N ALA D 187 -2.01 28.25 -9.13
CA ALA D 187 -0.62 28.48 -9.54
C ALA D 187 0.21 29.36 -8.61
N ALA D 188 -0.44 30.31 -7.93
CA ALA D 188 0.26 31.20 -7.00
C ALA D 188 0.81 30.44 -5.81
N ASP D 189 -0.07 29.77 -5.07
CA ASP D 189 0.34 28.96 -3.93
C ASP D 189 1.18 27.77 -4.35
N PHE D 190 0.85 27.16 -5.48
CA PHE D 190 1.64 26.05 -6.01
C PHE D 190 3.09 26.48 -6.19
N ALA D 191 3.30 27.62 -6.83
CA ALA D 191 4.65 28.14 -7.05
C ALA D 191 5.38 28.39 -5.74
N ALA D 192 4.67 28.98 -4.76
CA ALA D 192 5.24 29.24 -3.45
C ALA D 192 5.62 27.94 -2.75
N SER D 193 4.73 26.96 -2.79
CA SER D 193 4.97 25.67 -2.14
C SER D 193 6.13 24.91 -2.81
N MET D 194 6.21 25.02 -4.13
CA MET D 194 7.24 24.32 -4.89
C MET D 194 8.60 25.04 -4.85
N GLY D 195 8.60 26.26 -4.31
CA GLY D 195 9.82 27.05 -4.24
C GLY D 195 10.20 27.58 -5.61
N MET D 196 9.20 27.71 -6.48
CA MET D 196 9.39 28.23 -7.83
C MET D 196 9.84 29.69 -7.78
N GLN D 197 10.85 30.02 -8.58
CA GLN D 197 11.31 31.41 -8.68
C GLN D 197 10.54 32.11 -9.79
N THR D 198 9.24 32.31 -9.56
CA THR D 198 8.35 32.83 -10.57
C THR D 198 7.94 34.27 -10.29
N THR D 199 7.35 34.90 -11.30
CA THR D 199 6.80 36.24 -11.15
C THR D 199 5.35 36.24 -11.59
N GLY D 200 4.51 36.95 -10.84
CA GLY D 200 3.10 37.02 -11.16
C GLY D 200 2.37 35.75 -10.79
N ILE D 201 1.21 35.54 -11.38
CA ILE D 201 0.38 34.37 -11.08
C ILE D 201 0.03 33.62 -12.36
N GLY D 202 0.69 32.48 -12.56
CA GLY D 202 0.50 31.68 -13.76
C GLY D 202 1.17 32.31 -14.97
N GLY D 203 0.82 31.82 -16.15
CA GLY D 203 1.29 32.41 -17.39
C GLY D 203 2.74 32.12 -17.72
N THR D 204 3.26 32.84 -18.71
CA THR D 204 4.64 32.69 -19.16
C THR D 204 5.62 33.08 -18.06
N GLN D 205 6.63 32.25 -17.87
CA GLN D 205 7.73 32.57 -16.96
C GLN D 205 8.96 32.99 -17.76
N GLU D 206 9.46 34.19 -17.48
CA GLU D 206 10.59 34.77 -18.20
C GLU D 206 11.82 33.87 -18.22
N ASN D 207 12.09 33.22 -17.09
CA ASN D 207 13.26 32.38 -16.96
C ASN D 207 13.05 30.90 -17.32
N TYR D 208 11.92 30.59 -17.96
CA TYR D 208 11.66 29.22 -18.39
C TYR D 208 11.60 29.14 -19.92
N TYR D 209 12.77 28.98 -20.53
CA TYR D 209 12.89 28.99 -21.99
C TYR D 209 13.98 28.03 -22.43
N MET D 210 13.93 27.66 -23.71
CA MET D 210 14.98 26.85 -24.31
C MET D 210 15.85 27.74 -25.20
N LEU D 211 17.16 27.62 -25.04
CA LEU D 211 18.08 28.37 -25.88
C LEU D 211 18.57 27.50 -27.03
N HIS D 212 18.37 27.97 -28.25
CA HIS D 212 18.83 27.25 -29.44
C HIS D 212 19.43 28.21 -30.45
N ASP D 213 20.73 28.09 -30.68
CA ASP D 213 21.47 28.99 -31.59
C ASP D 213 21.24 30.45 -31.22
N GLY D 214 21.52 30.80 -29.97
CA GLY D 214 21.41 32.17 -29.50
C GLY D 214 20.00 32.71 -29.49
N GLN D 215 19.01 31.84 -29.64
CA GLN D 215 17.61 32.26 -29.71
C GLN D 215 16.77 31.58 -28.61
N LYS D 216 15.82 32.33 -28.06
CA LYS D 216 15.04 31.85 -26.91
C LYS D 216 13.63 31.35 -27.27
N HIS D 217 13.29 30.17 -26.77
CA HIS D 217 11.95 29.60 -26.97
C HIS D 217 11.30 29.27 -25.62
N TRP D 218 10.28 30.02 -25.26
CA TRP D 218 9.61 29.84 -23.98
C TRP D 218 8.68 28.62 -23.97
N SER D 219 8.80 27.82 -22.91
CA SER D 219 8.05 26.57 -22.80
C SER D 219 7.05 26.67 -21.64
N ASP D 220 6.27 25.61 -21.43
CA ASP D 220 5.22 25.62 -20.40
C ASP D 220 5.74 25.08 -19.07
N PRO D 221 5.91 25.97 -18.08
CA PRO D 221 6.41 25.54 -16.78
C PRO D 221 5.33 24.86 -15.94
N TRP D 222 4.10 24.84 -16.44
CA TRP D 222 2.98 24.28 -15.70
C TRP D 222 2.44 23.00 -16.31
N HIS D 223 3.16 22.45 -17.30
CA HIS D 223 2.64 21.32 -18.07
C HIS D 223 2.20 20.12 -17.24
N TRP D 224 3.14 19.53 -16.49
CA TRP D 224 2.85 18.32 -15.73
C TRP D 224 1.73 18.51 -14.71
N ALA D 225 1.78 19.61 -13.97
CA ALA D 225 0.76 19.90 -12.95
C ALA D 225 -0.65 19.93 -13.54
N GLN D 226 -0.80 20.60 -14.68
CA GLN D 226 -2.11 20.69 -15.32
C GLN D 226 -2.57 19.36 -15.91
N ALA D 227 -1.66 18.66 -16.57
CA ALA D 227 -1.99 17.38 -17.21
C ALA D 227 -2.30 16.30 -16.17
N ALA D 228 -1.53 16.26 -15.09
CA ALA D 228 -1.74 15.29 -14.02
C ALA D 228 -3.08 15.53 -13.33
N ILE D 229 -3.47 16.79 -13.19
CA ILE D 229 -4.75 17.13 -12.57
C ILE D 229 -5.90 16.67 -13.46
N VAL D 230 -5.78 16.93 -14.75
CA VAL D 230 -6.79 16.52 -15.72
C VAL D 230 -6.93 14.99 -15.74
N ALA D 231 -5.80 14.28 -15.73
CA ALA D 231 -5.81 12.83 -15.73
C ALA D 231 -6.50 12.27 -14.49
N ALA D 232 -6.19 12.84 -13.33
CA ALA D 232 -6.78 12.40 -12.07
C ALA D 232 -8.28 12.64 -12.06
N CYS D 233 -8.69 13.83 -12.53
CA CYS D 233 -10.10 14.20 -12.56
C CYS D 233 -10.92 13.35 -13.52
N ARG D 234 -10.42 13.17 -14.74
CA ARG D 234 -11.13 12.39 -15.74
C ARG D 234 -11.23 10.92 -15.34
N THR D 235 -10.23 10.43 -14.63
CA THR D 235 -10.25 9.05 -14.15
C THR D 235 -11.41 8.84 -13.17
N HIS D 236 -11.68 9.85 -12.34
CA HIS D 236 -12.64 9.70 -11.26
C HIS D 236 -13.92 10.53 -11.39
N GLY D 237 -14.14 11.07 -12.58
CA GLY D 237 -15.37 11.80 -12.87
C GLY D 237 -15.45 13.17 -12.22
N ILE D 238 -14.31 13.85 -12.17
CA ILE D 238 -14.22 15.19 -11.58
C ILE D 238 -13.94 16.21 -12.67
N LEU D 239 -14.35 17.47 -12.45
CA LEU D 239 -14.06 18.55 -13.38
C LEU D 239 -12.72 19.19 -13.06
N PRO D 240 -11.77 19.13 -14.00
CA PRO D 240 -10.49 19.83 -13.83
C PRO D 240 -10.63 21.30 -14.22
N VAL D 241 -10.17 22.20 -13.36
CA VAL D 241 -10.33 23.63 -13.58
C VAL D 241 -8.99 24.36 -13.43
N ASP D 242 -8.74 25.32 -14.30
CA ASP D 242 -7.55 26.15 -14.19
C ASP D 242 -7.81 27.28 -13.19
N GLY D 243 -6.77 27.72 -12.50
CA GLY D 243 -6.91 28.71 -11.44
C GLY D 243 -6.71 30.14 -11.89
N PRO D 244 -6.28 31.00 -10.96
CA PRO D 244 -6.18 32.44 -11.19
C PRO D 244 -5.04 32.82 -12.13
N PHE D 245 -5.26 33.90 -12.88
CA PHE D 245 -4.23 34.51 -13.71
C PHE D 245 -4.10 35.96 -13.25
N GLY D 246 -2.91 36.31 -12.76
CA GLY D 246 -2.71 37.56 -12.04
C GLY D 246 -2.78 38.85 -12.84
N ASP D 247 -2.17 38.87 -14.02
CA ASP D 247 -2.09 40.11 -14.80
C ASP D 247 -3.43 40.51 -15.41
N PHE D 248 -4.09 41.48 -14.78
CA PHE D 248 -5.37 42.00 -15.26
C PHE D 248 -5.24 42.62 -16.63
N SER D 249 -4.15 43.36 -16.82
CA SER D 249 -3.97 44.19 -18.00
C SER D 249 -3.56 43.41 -19.24
N ASP D 250 -3.42 42.10 -19.10
CA ASP D 250 -2.91 41.27 -20.19
C ASP D 250 -3.97 40.29 -20.72
N ASP D 251 -4.86 40.79 -21.57
CA ASP D 251 -5.93 39.98 -22.14
C ASP D 251 -5.40 38.84 -23.01
N GLU D 252 -4.33 39.11 -23.73
CA GLU D 252 -3.75 38.09 -24.61
C GLU D 252 -3.01 37.03 -23.82
N GLY D 253 -2.40 37.45 -22.71
CA GLY D 253 -1.75 36.52 -21.80
C GLY D 253 -2.77 35.57 -21.18
N PHE D 254 -3.92 36.11 -20.79
CA PHE D 254 -4.99 35.30 -20.22
C PHE D 254 -5.48 34.28 -21.24
N ARG D 255 -5.70 34.73 -22.46
CA ARG D 255 -6.14 33.86 -23.54
C ARG D 255 -5.17 32.72 -23.77
N ALA D 256 -3.87 33.02 -23.76
CA ALA D 256 -2.84 32.02 -23.96
C ALA D 256 -2.88 30.97 -22.85
N GLN D 257 -2.98 31.44 -21.61
CA GLN D 257 -3.06 30.54 -20.45
C GLN D 257 -4.33 29.70 -20.52
N ALA D 258 -5.45 30.34 -20.83
CA ALA D 258 -6.73 29.67 -20.92
C ALA D 258 -6.73 28.63 -22.05
N ARG D 259 -6.13 28.98 -23.18
CA ARG D 259 -6.07 28.07 -24.32
C ARG D 259 -5.21 26.85 -24.03
N ARG D 260 -4.08 27.05 -23.34
CA ARG D 260 -3.23 25.94 -22.93
C ARG D 260 -3.99 24.99 -22.02
N SER D 261 -4.71 25.55 -21.06
CA SER D 261 -5.49 24.77 -20.11
C SER D 261 -6.57 23.97 -20.81
N ALA D 262 -7.31 24.64 -21.70
CA ALA D 262 -8.36 23.98 -22.47
C ALA D 262 -7.78 22.84 -23.31
N THR D 263 -6.63 23.10 -23.93
CA THR D 263 -5.96 22.09 -24.75
C THR D 263 -5.59 20.86 -23.93
N LEU D 264 -5.17 21.09 -22.69
CA LEU D 264 -4.77 19.97 -21.83
C LEU D 264 -5.96 19.25 -21.20
N GLY D 265 -7.17 19.80 -21.35
CA GLY D 265 -8.36 19.11 -20.89
C GLY D 265 -9.14 19.78 -19.76
N MET D 266 -8.71 20.96 -19.34
CA MET D 266 -9.46 21.68 -18.31
C MET D 266 -10.71 22.32 -18.91
N VAL D 267 -11.76 22.41 -18.09
CA VAL D 267 -13.07 22.82 -18.60
C VAL D 267 -13.42 24.28 -18.30
N GLY D 268 -12.60 24.93 -17.48
CA GLY D 268 -12.87 26.30 -17.10
C GLY D 268 -11.71 26.96 -16.36
N LYS D 269 -11.88 28.22 -16.01
CA LYS D 269 -10.81 28.99 -15.36
C LYS D 269 -11.37 30.04 -14.41
N TRP D 270 -10.63 30.34 -13.35
CA TRP D 270 -11.04 31.37 -12.39
C TRP D 270 -11.04 32.75 -13.04
N ALA D 271 -11.91 33.62 -12.52
CA ALA D 271 -11.84 35.05 -12.79
C ALA D 271 -11.69 35.75 -11.46
N ILE D 272 -10.56 36.43 -11.29
CA ILE D 272 -10.30 37.17 -10.07
C ILE D 272 -10.38 38.67 -10.34
N HIS D 273 -10.83 39.00 -11.56
CA HIS D 273 -11.17 40.35 -11.97
C HIS D 273 -12.37 40.23 -12.92
N PRO D 274 -13.34 41.15 -12.80
CA PRO D 274 -14.59 41.09 -13.58
C PRO D 274 -14.42 40.88 -15.08
N LYS D 275 -13.40 41.50 -15.69
CA LYS D 275 -13.26 41.41 -17.14
C LYS D 275 -12.66 40.09 -17.61
N GLN D 276 -12.28 39.22 -16.68
CA GLN D 276 -11.74 37.91 -17.05
C GLN D 276 -12.86 36.91 -17.32
N VAL D 277 -14.07 37.24 -16.87
CA VAL D 277 -15.22 36.38 -17.08
C VAL D 277 -15.51 36.19 -18.57
N ALA D 278 -15.57 37.30 -19.30
CA ALA D 278 -15.80 37.25 -20.75
C ALA D 278 -14.71 36.47 -21.45
N LEU D 279 -13.47 36.65 -21.01
CA LEU D 279 -12.32 35.96 -21.60
C LEU D 279 -12.40 34.46 -21.38
N ALA D 280 -12.79 34.05 -20.17
CA ALA D 280 -12.94 32.64 -19.85
C ALA D 280 -14.06 32.02 -20.69
N ASN D 281 -15.19 32.70 -20.77
CA ASN D 281 -16.32 32.22 -21.56
C ASN D 281 -16.00 32.10 -23.05
N GLU D 282 -15.17 33.01 -23.55
CA GLU D 282 -14.73 32.98 -24.94
C GLU D 282 -13.97 31.70 -25.24
N VAL D 283 -13.14 31.27 -24.31
CA VAL D 283 -12.27 30.11 -24.52
C VAL D 283 -12.95 28.78 -24.18
N PHE D 284 -13.73 28.76 -23.09
CA PHE D 284 -14.24 27.50 -22.56
C PHE D 284 -15.68 27.15 -22.93
N THR D 285 -16.40 28.06 -23.60
CA THR D 285 -17.75 27.74 -24.04
C THR D 285 -17.72 26.70 -25.14
N PRO D 286 -18.39 25.56 -24.92
CA PRO D 286 -18.39 24.45 -25.90
C PRO D 286 -19.16 24.81 -27.16
N SER D 287 -18.64 24.39 -28.31
CA SER D 287 -19.27 24.66 -29.60
C SER D 287 -20.48 23.76 -29.83
N SER E 23 16.90 -6.05 -6.65
CA SER E 23 17.67 -7.23 -7.01
C SER E 23 19.14 -6.87 -7.25
N PHE E 24 19.45 -5.59 -7.06
CA PHE E 24 20.82 -5.10 -7.08
C PHE E 24 21.51 -5.25 -8.44
N ARG E 25 20.68 -5.26 -9.47
CA ARG E 25 21.08 -4.86 -10.80
C ARG E 25 19.95 -3.91 -11.16
N LEU E 26 20.17 -2.98 -12.09
CA LEU E 26 19.14 -1.98 -12.36
C LEU E 26 17.97 -2.56 -13.19
N GLN E 27 17.57 -1.84 -14.22
CA GLN E 27 16.39 -2.23 -14.98
C GLN E 27 16.61 -3.48 -15.82
N PRO E 28 15.59 -4.33 -15.91
CA PRO E 28 15.62 -5.49 -16.82
C PRO E 28 15.73 -5.02 -18.27
N ALA E 29 16.41 -5.81 -19.09
CA ALA E 29 16.53 -5.51 -20.50
C ALA E 29 15.18 -5.71 -21.18
N PRO E 30 14.84 -4.84 -22.14
CA PRO E 30 13.63 -4.96 -22.93
C PRO E 30 13.79 -6.06 -23.99
N PRO E 31 12.68 -6.48 -24.63
CA PRO E 31 12.79 -7.45 -25.73
C PRO E 31 13.74 -6.95 -26.81
N ALA E 32 14.60 -7.83 -27.31
CA ALA E 32 15.64 -7.44 -28.26
C ALA E 32 15.11 -7.20 -29.67
N ARG E 33 13.91 -7.70 -29.94
CA ARG E 33 13.32 -7.60 -31.28
C ARG E 33 13.08 -6.15 -31.69
N PRO E 34 13.33 -5.84 -32.97
CA PRO E 34 13.09 -4.49 -33.49
C PRO E 34 11.61 -4.10 -33.45
N ASN E 35 11.35 -2.81 -33.22
CA ASN E 35 9.99 -2.30 -33.11
C ASN E 35 9.96 -0.84 -33.55
N ARG E 36 10.71 -0.54 -34.60
CA ARG E 36 10.82 0.83 -35.12
C ARG E 36 9.49 1.30 -35.67
N CYS E 37 8.70 0.37 -36.18
CA CYS E 37 7.43 0.73 -36.79
C CYS E 37 6.42 -0.40 -36.71
N GLN E 38 5.19 -0.05 -36.33
CA GLN E 38 4.10 -1.01 -36.32
C GLN E 38 3.07 -0.58 -37.36
N LEU E 39 2.92 -1.40 -38.40
CA LEU E 39 2.00 -1.07 -39.48
C LEU E 39 0.61 -1.64 -39.20
N PHE E 40 -0.40 -0.77 -39.24
CA PHE E 40 -1.77 -1.16 -38.95
C PHE E 40 -2.59 -1.35 -40.22
N GLY E 41 -3.47 -2.34 -40.20
CA GLY E 41 -4.39 -2.58 -41.29
C GLY E 41 -5.66 -3.24 -40.75
N PRO E 42 -6.82 -2.79 -41.22
CA PRO E 42 -8.10 -3.35 -40.75
C PRO E 42 -8.27 -4.80 -41.19
N GLY E 43 -8.84 -5.63 -40.30
CA GLY E 43 -9.04 -7.03 -40.60
C GLY E 43 -10.09 -7.26 -41.67
N SER E 44 -10.81 -6.20 -42.01
CA SER E 44 -11.87 -6.27 -43.01
C SER E 44 -11.36 -6.09 -44.43
N ARG E 45 -10.05 -5.85 -44.58
CA ARG E 45 -9.46 -5.70 -45.90
C ARG E 45 -8.30 -6.67 -46.11
N PRO E 46 -8.62 -7.93 -46.47
CA PRO E 46 -7.62 -8.99 -46.70
C PRO E 46 -6.70 -8.70 -47.88
N ALA E 47 -7.13 -7.82 -48.78
CA ALA E 47 -6.34 -7.50 -49.96
C ALA E 47 -5.07 -6.72 -49.59
N LEU E 48 -5.07 -6.15 -48.39
CA LEU E 48 -3.93 -5.35 -47.93
C LEU E 48 -2.86 -6.21 -47.26
N PHE E 49 -3.23 -7.42 -46.85
CA PHE E 49 -2.36 -8.26 -46.03
C PHE E 49 -1.01 -8.59 -46.67
N GLU E 50 -1.02 -9.00 -47.94
CA GLU E 50 0.23 -9.35 -48.62
C GLU E 50 1.15 -8.14 -48.75
N LYS E 51 0.56 -6.98 -49.02
CA LYS E 51 1.30 -5.73 -49.07
C LYS E 51 1.95 -5.40 -47.73
N MET E 52 1.19 -5.55 -46.65
CA MET E 52 1.70 -5.31 -45.30
C MET E 52 2.87 -6.25 -45.00
N ALA E 53 2.72 -7.51 -45.38
CA ALA E 53 3.77 -8.51 -45.17
C ALA E 53 5.04 -8.17 -45.95
N ALA E 54 4.90 -7.42 -47.04
CA ALA E 54 6.04 -7.10 -47.90
C ALA E 54 6.65 -5.74 -47.54
N SER E 55 6.03 -5.04 -46.60
CA SER E 55 6.49 -3.72 -46.20
C SER E 55 7.79 -3.77 -45.42
N ALA E 56 8.33 -2.59 -45.09
CA ALA E 56 9.55 -2.51 -44.29
C ALA E 56 9.27 -2.36 -42.79
N ALA E 57 8.03 -2.64 -42.39
CA ALA E 57 7.65 -2.53 -40.98
C ALA E 57 8.15 -3.73 -40.17
N ASP E 58 8.58 -3.48 -38.95
CA ASP E 58 9.07 -4.55 -38.07
C ASP E 58 7.90 -5.33 -37.45
N VAL E 59 6.81 -4.62 -37.17
CA VAL E 59 5.66 -5.21 -36.51
C VAL E 59 4.41 -4.98 -37.34
N ILE E 60 3.60 -6.03 -37.49
CA ILE E 60 2.34 -5.92 -38.21
C ILE E 60 1.17 -6.01 -37.24
N ASN E 61 0.26 -5.05 -37.32
CA ASN E 61 -0.93 -5.04 -36.49
C ASN E 61 -2.21 -5.20 -37.29
N LEU E 62 -2.77 -6.41 -37.27
CA LEU E 62 -4.05 -6.67 -37.89
C LEU E 62 -5.15 -6.27 -36.90
N ASP E 63 -6.06 -5.41 -37.35
CA ASP E 63 -6.95 -4.73 -36.43
C ASP E 63 -8.38 -5.28 -36.42
N LEU E 64 -8.90 -5.53 -35.22
CA LEU E 64 -10.28 -5.94 -35.03
C LEU E 64 -11.08 -4.84 -34.34
N GLU E 65 -10.38 -3.78 -33.95
CA GLU E 65 -11.00 -2.70 -33.17
C GLU E 65 -11.49 -1.54 -34.03
N ASP E 66 -10.98 -0.33 -33.76
CA ASP E 66 -11.58 0.89 -34.28
C ASP E 66 -11.59 1.09 -35.81
N SER E 67 -10.74 0.39 -36.53
CA SER E 67 -10.72 0.52 -37.99
C SER E 67 -11.74 -0.39 -38.65
N VAL E 68 -12.46 -1.14 -37.83
CA VAL E 68 -13.47 -2.08 -38.32
C VAL E 68 -14.82 -1.82 -37.68
N ALA E 69 -15.82 -1.54 -38.52
CA ALA E 69 -17.19 -1.31 -38.06
C ALA E 69 -17.73 -2.53 -37.33
N PRO E 70 -18.63 -2.32 -36.35
CA PRO E 70 -19.23 -3.38 -35.54
C PRO E 70 -19.80 -4.56 -36.34
N ASP E 71 -20.50 -4.26 -37.44
CA ASP E 71 -21.09 -5.30 -38.26
C ASP E 71 -20.03 -6.14 -38.99
N ASP E 72 -18.85 -5.58 -39.16
CA ASP E 72 -17.79 -6.25 -39.92
C ASP E 72 -16.80 -6.98 -39.02
N LYS E 73 -16.98 -6.89 -37.72
CA LYS E 73 -16.01 -7.45 -36.77
C LYS E 73 -15.92 -8.98 -36.81
N ALA E 74 -17.05 -9.65 -36.96
CA ALA E 74 -17.08 -11.11 -37.04
C ALA E 74 -16.32 -11.60 -38.29
N GLN E 75 -16.55 -10.94 -39.42
CA GLN E 75 -15.88 -11.32 -40.66
C GLN E 75 -14.40 -10.98 -40.61
N ALA E 76 -14.09 -9.81 -40.05
CA ALA E 76 -12.70 -9.39 -39.89
C ALA E 76 -11.92 -10.37 -39.03
N ARG E 77 -12.60 -10.92 -38.03
CA ARG E 77 -12.01 -11.91 -37.13
C ARG E 77 -11.67 -13.19 -37.88
N ALA E 78 -12.59 -13.62 -38.73
CA ALA E 78 -12.37 -14.80 -39.57
C ALA E 78 -11.24 -14.54 -40.57
N ASN E 79 -11.25 -13.38 -41.20
CA ASN E 79 -10.22 -12.99 -42.16
C ASN E 79 -8.81 -13.04 -41.56
N ILE E 80 -8.68 -12.54 -40.34
CA ILE E 80 -7.40 -12.48 -39.67
C ILE E 80 -6.88 -13.89 -39.35
N ILE E 81 -7.78 -14.75 -38.88
CA ILE E 81 -7.42 -16.13 -38.56
C ILE E 81 -6.91 -16.87 -39.82
N GLU E 82 -7.54 -16.61 -40.95
CA GLU E 82 -7.10 -17.18 -42.23
C GLU E 82 -5.74 -16.63 -42.64
N ALA E 83 -5.54 -15.32 -42.47
CA ALA E 83 -4.29 -14.67 -42.84
C ALA E 83 -3.12 -15.19 -42.02
N ILE E 84 -3.34 -15.35 -40.72
CA ILE E 84 -2.33 -15.88 -39.80
C ILE E 84 -1.90 -17.28 -40.24
N ASN E 85 -2.87 -18.08 -40.67
CA ASN E 85 -2.62 -19.47 -41.03
C ASN E 85 -2.15 -19.67 -42.46
N GLY E 86 -2.48 -18.72 -43.34
CA GLY E 86 -2.30 -18.93 -44.77
C GLY E 86 -1.25 -18.08 -45.47
N LEU E 87 -0.77 -17.04 -44.81
CA LEU E 87 0.17 -16.12 -45.46
C LEU E 87 1.60 -16.25 -44.93
N ASP E 88 2.56 -15.92 -45.77
CA ASP E 88 3.96 -15.88 -45.38
C ASP E 88 4.28 -14.51 -44.79
N TRP E 89 4.53 -14.47 -43.49
CA TRP E 89 4.76 -13.20 -42.80
C TRP E 89 6.23 -12.89 -42.60
N GLY E 90 7.09 -13.75 -43.13
CA GLY E 90 8.53 -13.55 -43.06
C GLY E 90 9.07 -13.50 -41.65
N ARG E 91 9.86 -12.48 -41.36
CA ARG E 91 10.45 -12.31 -40.03
C ARG E 91 9.71 -11.25 -39.22
N LYS E 92 8.56 -10.82 -39.74
CA LYS E 92 7.77 -9.78 -39.08
C LYS E 92 7.10 -10.28 -37.82
N TYR E 93 7.00 -9.40 -36.83
CA TYR E 93 6.30 -9.73 -35.59
C TYR E 93 4.80 -9.54 -35.82
N LEU E 94 4.04 -10.61 -35.67
CA LEU E 94 2.63 -10.61 -36.04
C LEU E 94 1.71 -10.40 -34.83
N SER E 95 1.01 -9.27 -34.83
CA SER E 95 0.16 -8.90 -33.69
C SER E 95 -1.26 -8.60 -34.14
N VAL E 96 -2.21 -8.79 -33.23
CA VAL E 96 -3.60 -8.50 -33.51
C VAL E 96 -4.17 -7.59 -32.42
N ARG E 97 -4.76 -6.46 -32.81
CA ARG E 97 -5.43 -5.61 -31.84
C ARG E 97 -6.87 -6.05 -31.65
N ILE E 98 -7.15 -6.66 -30.49
CA ILE E 98 -8.49 -7.10 -30.17
C ILE E 98 -9.33 -5.93 -29.70
N ASN E 99 -10.61 -6.19 -29.43
CA ASN E 99 -11.49 -5.16 -28.92
C ASN E 99 -11.32 -4.98 -27.42
N GLY E 100 -11.83 -3.87 -26.89
CA GLY E 100 -11.64 -3.54 -25.49
C GLY E 100 -12.47 -4.39 -24.54
N LEU E 101 -12.05 -4.41 -23.28
CA LEU E 101 -12.73 -5.18 -22.23
C LEU E 101 -14.06 -4.54 -21.81
N ASP E 102 -14.36 -3.37 -22.37
CA ASP E 102 -15.64 -2.71 -22.12
C ASP E 102 -16.61 -3.00 -23.25
N THR E 103 -16.27 -3.96 -24.10
CA THR E 103 -17.09 -4.33 -25.26
C THR E 103 -17.49 -5.80 -25.15
N PRO E 104 -18.55 -6.20 -25.86
CA PRO E 104 -18.91 -7.62 -25.90
C PRO E 104 -18.07 -8.42 -26.90
N PHE E 105 -17.21 -7.74 -27.65
CA PHE E 105 -16.44 -8.39 -28.71
C PHE E 105 -15.16 -9.08 -28.24
N TRP E 106 -14.59 -8.59 -27.16
CA TRP E 106 -13.22 -8.96 -26.78
C TRP E 106 -13.01 -10.43 -26.49
N TYR E 107 -13.97 -11.06 -25.82
CA TYR E 107 -13.80 -12.45 -25.42
C TYR E 107 -13.79 -13.38 -26.62
N ARG E 108 -14.61 -13.06 -27.62
CA ARG E 108 -14.71 -13.87 -28.83
C ARG E 108 -13.47 -13.67 -29.69
N ASP E 109 -12.91 -12.46 -29.66
CA ASP E 109 -11.64 -12.19 -30.33
C ASP E 109 -10.57 -13.14 -29.80
N VAL E 110 -10.46 -13.20 -28.48
CA VAL E 110 -9.42 -13.99 -27.83
C VAL E 110 -9.66 -15.50 -27.97
N VAL E 111 -10.88 -15.94 -27.74
CA VAL E 111 -11.21 -17.35 -27.85
C VAL E 111 -10.96 -17.89 -29.26
N ASP E 112 -11.49 -17.19 -30.27
CA ASP E 112 -11.32 -17.60 -31.66
C ASP E 112 -9.87 -17.57 -32.12
N LEU E 113 -9.14 -16.52 -31.74
CA LEU E 113 -7.73 -16.42 -32.08
C LEU E 113 -6.91 -17.54 -31.47
N LEU E 114 -7.11 -17.79 -30.17
CA LEU E 114 -6.29 -18.76 -29.47
C LEU E 114 -6.72 -20.21 -29.75
N GLU E 115 -7.95 -20.40 -30.22
CA GLU E 115 -8.44 -21.73 -30.55
C GLU E 115 -8.22 -22.09 -32.02
N GLN E 116 -8.18 -21.10 -32.90
CA GLN E 116 -8.12 -21.37 -34.33
C GLN E 116 -6.84 -20.95 -35.05
N ALA E 117 -6.21 -19.86 -34.59
CA ALA E 117 -5.00 -19.37 -35.25
C ALA E 117 -3.79 -20.25 -34.96
N GLY E 118 -2.96 -20.46 -35.98
CA GLY E 118 -1.77 -21.29 -35.85
C GLY E 118 -0.64 -20.62 -35.08
N ASP E 119 0.51 -21.29 -35.04
CA ASP E 119 1.65 -20.84 -34.26
C ASP E 119 2.26 -19.52 -34.73
N ARG E 120 1.89 -19.07 -35.93
CA ARG E 120 2.50 -17.89 -36.51
C ARG E 120 2.18 -16.59 -35.76
N LEU E 121 1.05 -16.58 -35.06
CA LEU E 121 0.65 -15.42 -34.25
C LEU E 121 1.65 -15.21 -33.13
N ASP E 122 2.12 -13.97 -32.99
CA ASP E 122 3.14 -13.65 -31.99
C ASP E 122 2.56 -12.93 -30.78
N GLN E 123 1.60 -12.05 -31.03
CA GLN E 123 1.24 -11.06 -30.03
C GLN E 123 -0.21 -10.62 -30.15
N ILE E 124 -0.78 -10.25 -29.01
CA ILE E 124 -2.09 -9.60 -28.97
C ILE E 124 -1.93 -8.20 -28.41
N MET E 125 -2.58 -7.22 -29.06
CA MET E 125 -2.58 -5.85 -28.56
C MET E 125 -3.91 -5.53 -27.88
N ILE E 126 -3.83 -5.13 -26.61
CA ILE E 126 -5.01 -4.83 -25.80
C ILE E 126 -5.22 -3.31 -25.70
N PRO E 127 -6.37 -2.83 -26.21
CA PRO E 127 -6.66 -1.39 -26.23
C PRO E 127 -7.27 -0.88 -24.92
N LYS E 128 -7.17 0.42 -24.70
CA LYS E 128 -7.83 1.10 -23.59
C LYS E 128 -7.58 0.49 -22.20
N VAL E 129 -6.36 0.01 -21.98
CA VAL E 129 -5.99 -0.54 -20.69
C VAL E 129 -5.98 0.57 -19.63
N GLY E 130 -6.69 0.33 -18.52
CA GLY E 130 -6.85 1.35 -17.50
C GLY E 130 -6.27 0.97 -16.15
N CYS E 131 -5.89 -0.29 -16.02
CA CYS E 131 -5.25 -0.78 -14.80
C CYS E 131 -4.63 -2.15 -15.05
N ALA E 132 -3.83 -2.62 -14.11
CA ALA E 132 -3.13 -3.89 -14.23
C ALA E 132 -4.09 -5.06 -14.37
N ALA E 133 -5.24 -4.95 -13.72
CA ALA E 133 -6.22 -6.03 -13.69
C ALA E 133 -6.81 -6.33 -15.07
N ASP E 134 -6.86 -5.31 -15.92
CA ASP E 134 -7.30 -5.48 -17.31
C ASP E 134 -6.38 -6.47 -18.03
N VAL E 135 -5.08 -6.29 -17.85
CA VAL E 135 -4.09 -7.15 -18.50
C VAL E 135 -4.14 -8.55 -17.89
N TYR E 136 -4.28 -8.61 -16.58
CA TYR E 136 -4.41 -9.87 -15.85
C TYR E 136 -5.60 -10.67 -16.38
N ALA E 137 -6.70 -9.97 -16.65
CA ALA E 137 -7.91 -10.62 -17.16
C ALA E 137 -7.66 -11.30 -18.51
N VAL E 138 -7.03 -10.60 -19.44
CA VAL E 138 -6.73 -11.17 -20.74
C VAL E 138 -5.72 -12.32 -20.59
N ASP E 139 -4.75 -12.13 -19.72
CA ASP E 139 -3.74 -13.14 -19.42
C ASP E 139 -4.39 -14.41 -18.87
N ALA E 140 -5.37 -14.25 -18.00
CA ALA E 140 -6.08 -15.39 -17.42
C ALA E 140 -6.75 -16.23 -18.51
N LEU E 141 -7.43 -15.55 -19.43
CA LEU E 141 -8.12 -16.21 -20.52
C LEU E 141 -7.13 -16.86 -21.50
N VAL E 142 -6.17 -16.08 -21.96
CA VAL E 142 -5.16 -16.55 -22.92
C VAL E 142 -4.40 -17.77 -22.42
N THR E 143 -3.95 -17.72 -21.16
CA THR E 143 -3.19 -18.80 -20.57
C THR E 143 -3.97 -20.12 -20.57
N ALA E 144 -5.24 -20.03 -20.21
CA ALA E 144 -6.09 -21.22 -20.14
C ALA E 144 -6.26 -21.89 -21.51
N ILE E 145 -6.45 -21.08 -22.54
CA ILE E 145 -6.65 -21.62 -23.88
C ILE E 145 -5.36 -22.20 -24.44
N GLU E 146 -4.24 -21.52 -24.18
CA GLU E 146 -2.93 -22.04 -24.58
C GLU E 146 -2.72 -23.43 -23.99
N ARG E 147 -3.07 -23.58 -22.72
CA ARG E 147 -2.95 -24.88 -22.05
C ARG E 147 -3.93 -25.90 -22.61
N ALA E 148 -5.16 -25.46 -22.88
CA ALA E 148 -6.19 -26.34 -23.41
C ALA E 148 -5.86 -26.85 -24.80
N LYS E 149 -5.28 -25.99 -25.63
CA LYS E 149 -5.00 -26.33 -27.03
C LYS E 149 -3.57 -26.82 -27.22
N GLY E 150 -2.79 -26.80 -26.14
CA GLY E 150 -1.41 -27.24 -26.20
C GLY E 150 -0.57 -26.38 -27.12
N ARG E 151 -0.80 -25.07 -27.08
CA ARG E 151 -0.03 -24.14 -27.92
C ARG E 151 1.43 -24.10 -27.47
N THR E 152 2.34 -24.19 -28.43
CA THR E 152 3.76 -24.32 -28.13
C THR E 152 4.49 -22.98 -28.01
N LYS E 153 3.95 -21.94 -28.65
CA LYS E 153 4.55 -20.61 -28.55
C LYS E 153 3.63 -19.63 -27.84
N PRO E 154 3.91 -19.35 -26.56
CA PRO E 154 3.12 -18.41 -25.76
C PRO E 154 3.08 -17.03 -26.40
N LEU E 155 1.90 -16.42 -26.43
CA LEU E 155 1.75 -15.08 -27.00
C LEU E 155 2.36 -14.04 -26.08
N SER E 156 2.89 -12.98 -26.67
CA SER E 156 3.28 -11.80 -25.90
C SER E 156 2.11 -10.82 -25.90
N PHE E 157 2.17 -9.85 -24.99
CA PHE E 157 1.15 -8.81 -24.95
C PHE E 157 1.74 -7.45 -25.26
N GLU E 158 0.96 -6.59 -25.88
CA GLU E 158 1.23 -5.17 -25.89
C GLU E 158 -0.06 -4.43 -25.57
N VAL E 159 0.06 -3.24 -24.98
CA VAL E 159 -1.11 -2.47 -24.59
C VAL E 159 -1.06 -1.04 -25.12
N ILE E 160 -2.23 -0.42 -25.20
CA ILE E 160 -2.32 0.97 -25.58
C ILE E 160 -2.76 1.80 -24.39
N ILE E 161 -1.97 2.82 -24.05
CA ILE E 161 -2.38 3.81 -23.08
C ILE E 161 -3.12 4.93 -23.81
N GLU E 162 -4.43 4.97 -23.66
CA GLU E 162 -5.26 5.89 -24.41
C GLU E 162 -6.44 6.37 -23.57
N SER E 163 -6.20 6.57 -22.28
CA SER E 163 -7.22 7.09 -21.38
C SER E 163 -6.58 7.73 -20.17
N ALA E 164 -7.35 8.56 -19.48
CA ALA E 164 -6.87 9.18 -18.25
C ALA E 164 -6.45 8.12 -17.24
N ALA E 165 -7.26 7.07 -17.11
CA ALA E 165 -6.96 5.99 -16.17
C ALA E 165 -5.65 5.28 -16.53
N GLY E 166 -5.43 5.07 -17.82
CA GLY E 166 -4.21 4.43 -18.29
C GLY E 166 -2.95 5.16 -17.86
N ILE E 167 -2.91 6.47 -18.08
CA ILE E 167 -1.70 7.23 -17.74
C ILE E 167 -1.55 7.39 -16.23
N ALA E 168 -2.68 7.49 -15.53
CA ALA E 168 -2.68 7.61 -14.08
C ALA E 168 -2.15 6.34 -13.44
N HIS E 169 -2.31 5.22 -14.14
CA HIS E 169 -1.93 3.91 -13.61
C HIS E 169 -0.84 3.26 -14.43
N VAL E 170 -0.10 4.08 -15.17
CA VAL E 170 0.83 3.57 -16.19
C VAL E 170 1.89 2.59 -15.63
N GLU E 171 2.40 2.84 -14.43
CA GLU E 171 3.43 1.94 -13.91
C GLU E 171 2.90 0.56 -13.52
N GLU E 172 1.77 0.51 -12.82
CA GLU E 172 1.19 -0.79 -12.46
C GLU E 172 0.85 -1.58 -13.72
N ILE E 173 0.48 -0.88 -14.79
CA ILE E 173 0.16 -1.53 -16.06
C ILE E 173 1.42 -2.12 -16.69
N ALA E 174 2.53 -1.38 -16.59
CA ALA E 174 3.80 -1.85 -17.14
C ALA E 174 4.29 -3.11 -16.44
N ALA E 175 3.92 -3.29 -15.18
CA ALA E 175 4.36 -4.43 -14.38
C ALA E 175 3.32 -5.55 -14.30
N SER E 176 2.28 -5.46 -15.12
CA SER E 176 1.08 -6.28 -14.95
C SER E 176 1.17 -7.71 -15.48
N SER E 177 2.10 -7.99 -16.38
CA SER E 177 2.22 -9.32 -16.95
C SER E 177 3.61 -9.63 -17.51
N PRO E 178 4.09 -10.86 -17.27
CA PRO E 178 5.35 -11.34 -17.86
C PRO E 178 5.26 -11.40 -19.38
N ARG E 179 4.04 -11.45 -19.91
CA ARG E 179 3.82 -11.48 -21.36
C ARG E 179 4.07 -10.11 -21.99
N LEU E 180 3.93 -9.05 -21.19
CA LEU E 180 3.96 -7.69 -21.71
C LEU E 180 5.32 -7.32 -22.32
N GLN E 181 5.29 -6.86 -23.57
CA GLN E 181 6.53 -6.51 -24.28
C GLN E 181 6.54 -5.06 -24.77
N ALA E 182 5.37 -4.49 -25.00
CA ALA E 182 5.30 -3.12 -25.50
C ALA E 182 4.10 -2.35 -24.99
N MET E 183 4.24 -1.02 -24.97
CA MET E 183 3.17 -0.13 -24.55
C MET E 183 3.14 1.09 -25.48
N SER E 184 1.97 1.37 -26.06
CA SER E 184 1.83 2.48 -26.99
C SER E 184 0.97 3.60 -26.41
N LEU E 185 1.27 4.83 -26.82
CA LEU E 185 0.41 5.97 -26.51
C LEU E 185 -0.54 6.24 -27.66
N GLY E 186 -1.83 6.12 -27.40
CA GLY E 186 -2.84 6.46 -28.39
C GLY E 186 -3.34 7.87 -28.18
N ALA E 187 -2.68 8.83 -28.82
CA ALA E 187 -2.89 10.25 -28.52
C ALA E 187 -4.29 10.76 -28.84
N ALA E 188 -4.94 10.16 -29.83
CA ALA E 188 -6.28 10.59 -30.21
C ALA E 188 -7.30 10.21 -29.17
N ASP E 189 -7.32 8.93 -28.81
CA ASP E 189 -8.27 8.43 -27.82
C ASP E 189 -7.91 8.91 -26.41
N PHE E 190 -6.62 9.15 -26.18
CA PHE E 190 -6.15 9.74 -24.93
C PHE E 190 -6.73 11.13 -24.79
N ALA E 191 -6.61 11.94 -25.85
CA ALA E 191 -7.14 13.28 -25.88
C ALA E 191 -8.64 13.32 -25.62
N ALA E 192 -9.36 12.40 -26.25
CA ALA E 192 -10.82 12.32 -26.09
C ALA E 192 -11.17 11.98 -24.64
N SER E 193 -10.47 11.01 -24.08
CA SER E 193 -10.66 10.61 -22.68
C SER E 193 -10.34 11.74 -21.72
N MET E 194 -9.25 12.46 -21.99
CA MET E 194 -8.80 13.55 -21.13
C MET E 194 -9.65 14.81 -21.30
N GLY E 195 -10.48 14.84 -22.33
CA GLY E 195 -11.27 16.02 -22.64
C GLY E 195 -10.42 17.12 -23.25
N MET E 196 -9.31 16.74 -23.86
CA MET E 196 -8.41 17.71 -24.48
C MET E 196 -9.05 18.37 -25.71
N GLN E 197 -8.97 19.69 -25.78
CA GLN E 197 -9.47 20.42 -26.94
C GLN E 197 -8.40 20.45 -28.03
N THR E 198 -8.19 19.30 -28.67
CA THR E 198 -7.15 19.17 -29.69
C THR E 198 -7.76 18.90 -31.05
N THR E 199 -6.94 19.02 -32.10
CA THR E 199 -7.34 18.68 -33.45
C THR E 199 -6.43 17.58 -33.99
N GLY E 200 -6.93 16.85 -34.98
CA GLY E 200 -6.16 15.80 -35.61
C GLY E 200 -5.75 14.70 -34.65
N ILE E 201 -4.63 14.05 -34.94
CA ILE E 201 -4.11 12.97 -34.10
C ILE E 201 -2.64 13.20 -33.80
N GLY E 202 -2.35 13.59 -32.55
CA GLY E 202 -0.99 13.85 -32.14
C GLY E 202 -0.46 15.14 -32.74
N GLY E 203 0.84 15.36 -32.63
CA GLY E 203 1.50 16.50 -33.24
C GLY E 203 1.25 17.83 -32.55
N THR E 204 1.64 18.90 -33.23
CA THR E 204 1.49 20.26 -32.73
C THR E 204 0.02 20.62 -32.54
N GLN E 205 -0.27 21.35 -31.47
CA GLN E 205 -1.62 21.84 -31.23
C GLN E 205 -1.63 23.36 -31.24
N GLU E 206 -2.49 23.91 -32.09
CA GLU E 206 -2.57 25.35 -32.33
C GLU E 206 -2.71 26.20 -31.07
N ASN E 207 -3.49 25.73 -30.10
CA ASN E 207 -3.77 26.50 -28.89
C ASN E 207 -2.86 26.21 -27.70
N TYR E 208 -1.82 25.42 -27.92
CA TYR E 208 -0.85 25.14 -26.86
C TYR E 208 0.46 25.86 -27.15
N TYR E 209 0.56 27.10 -26.66
CA TYR E 209 1.72 27.94 -26.94
C TYR E 209 1.99 28.88 -25.76
N MET E 210 3.21 29.40 -25.70
CA MET E 210 3.54 30.43 -24.72
C MET E 210 3.60 31.78 -25.43
N LEU E 211 2.98 32.79 -24.82
CA LEU E 211 3.04 34.14 -25.35
C LEU E 211 4.12 34.94 -24.64
N HIS E 212 5.10 35.42 -25.40
CA HIS E 212 6.15 36.26 -24.84
C HIS E 212 6.38 37.49 -25.71
N ASP E 213 6.00 38.66 -25.20
CA ASP E 213 6.17 39.93 -25.90
C ASP E 213 5.56 39.92 -27.30
N GLY E 214 4.33 39.41 -27.40
CA GLY E 214 3.62 39.41 -28.67
C GLY E 214 3.90 38.23 -29.58
N GLN E 215 4.97 37.48 -29.26
CA GLN E 215 5.34 36.32 -30.06
C GLN E 215 4.88 35.01 -29.43
N LYS E 216 4.47 34.07 -30.28
CA LYS E 216 4.01 32.77 -29.81
C LYS E 216 5.09 31.70 -29.97
N HIS E 217 5.20 30.85 -28.95
CA HIS E 217 6.08 29.70 -29.00
C HIS E 217 5.32 28.42 -28.62
N TRP E 218 5.15 27.53 -29.58
CA TRP E 218 4.37 26.31 -29.34
C TRP E 218 5.17 25.27 -28.57
N SER E 219 4.51 24.63 -27.61
CA SER E 219 5.17 23.67 -26.72
C SER E 219 4.56 22.29 -26.91
N ASP E 220 5.10 21.29 -26.21
CA ASP E 220 4.65 19.91 -26.36
C ASP E 220 3.52 19.55 -25.39
N PRO E 221 2.29 19.39 -25.91
CA PRO E 221 1.14 19.10 -25.05
C PRO E 221 1.07 17.63 -24.64
N TRP E 222 2.01 16.82 -25.11
CA TRP E 222 2.02 15.39 -24.82
C TRP E 222 3.20 14.98 -23.94
N HIS E 223 3.97 15.96 -23.48
CA HIS E 223 5.25 15.67 -22.82
C HIS E 223 5.18 14.64 -21.69
N TRP E 224 4.33 14.92 -20.70
CA TRP E 224 4.23 14.05 -19.53
C TRP E 224 3.78 12.65 -19.90
N ALA E 225 2.70 12.55 -20.67
CA ALA E 225 2.18 11.25 -21.08
C ALA E 225 3.26 10.37 -21.73
N GLN E 226 4.05 10.97 -22.60
CA GLN E 226 5.11 10.21 -23.27
C GLN E 226 6.23 9.82 -22.32
N ALA E 227 6.73 10.79 -21.54
CA ALA E 227 7.83 10.56 -20.63
C ALA E 227 7.48 9.56 -19.53
N ALA E 228 6.25 9.64 -19.02
CA ALA E 228 5.79 8.72 -17.98
C ALA E 228 5.67 7.31 -18.52
N ILE E 229 5.17 7.18 -19.74
CA ILE E 229 5.10 5.88 -20.39
C ILE E 229 6.50 5.27 -20.53
N VAL E 230 7.44 6.08 -21.02
CA VAL E 230 8.83 5.62 -21.17
C VAL E 230 9.42 5.15 -19.83
N ALA E 231 9.21 5.95 -18.78
CA ALA E 231 9.76 5.61 -17.46
C ALA E 231 9.17 4.33 -16.90
N ALA E 232 7.86 4.16 -17.06
CA ALA E 232 7.18 2.95 -16.60
C ALA E 232 7.70 1.72 -17.35
N CYS E 233 7.87 1.87 -18.65
CA CYS E 233 8.36 0.79 -19.50
C CYS E 233 9.79 0.39 -19.20
N ARG E 234 10.67 1.38 -19.10
CA ARG E 234 12.08 1.11 -18.84
C ARG E 234 12.28 0.53 -17.45
N THR E 235 11.42 0.91 -16.51
CA THR E 235 11.50 0.37 -15.16
C THR E 235 11.26 -1.14 -15.16
N HIS E 236 10.34 -1.60 -16.00
CA HIS E 236 9.90 -2.99 -15.96
C HIS E 236 10.24 -3.83 -17.18
N GLY E 237 11.15 -3.35 -18.03
CA GLY E 237 11.60 -4.11 -19.17
C GLY E 237 10.61 -4.18 -20.31
N ILE E 238 9.91 -3.08 -20.57
CA ILE E 238 8.92 -3.01 -21.63
C ILE E 238 9.37 -2.01 -22.68
N LEU E 239 8.94 -2.19 -23.93
CA LEU E 239 9.23 -1.24 -25.00
C LEU E 239 8.15 -0.16 -25.08
N PRO E 240 8.54 1.11 -24.86
CA PRO E 240 7.59 2.21 -25.05
C PRO E 240 7.52 2.61 -26.52
N VAL E 241 6.31 2.78 -27.04
CA VAL E 241 6.10 3.03 -28.47
C VAL E 241 5.16 4.22 -28.67
N ASP E 242 5.46 5.05 -29.67
CA ASP E 242 4.60 6.18 -30.00
C ASP E 242 3.47 5.74 -30.92
N GLY E 243 2.30 6.33 -30.73
CA GLY E 243 1.12 5.89 -31.45
C GLY E 243 0.92 6.55 -32.81
N PRO E 244 -0.34 6.64 -33.25
CA PRO E 244 -0.68 7.11 -34.59
C PRO E 244 -0.47 8.61 -34.76
N PHE E 245 -0.14 9.01 -36.00
CA PHE E 245 -0.10 10.40 -36.38
C PHE E 245 -1.05 10.56 -37.57
N GLY E 246 -2.03 11.45 -37.43
CA GLY E 246 -3.15 11.50 -38.37
C GLY E 246 -2.94 12.16 -39.72
N ASP E 247 -2.07 13.17 -39.79
CA ASP E 247 -1.93 13.94 -41.01
C ASP E 247 -0.99 13.25 -42.01
N PHE E 248 -1.59 12.56 -42.98
CA PHE E 248 -0.83 11.75 -43.94
C PHE E 248 0.00 12.62 -44.90
N SER E 249 -0.47 13.84 -45.15
CA SER E 249 0.21 14.73 -46.09
C SER E 249 1.26 15.60 -45.41
N ASP E 250 1.52 15.34 -44.13
CA ASP E 250 2.48 16.14 -43.39
C ASP E 250 3.69 15.31 -42.96
N ASP E 251 4.61 15.09 -43.90
CA ASP E 251 5.81 14.29 -43.65
C ASP E 251 6.68 14.92 -42.56
N GLU E 252 6.78 16.24 -42.56
CA GLU E 252 7.62 16.96 -41.61
C GLU E 252 7.00 16.99 -40.22
N GLY E 253 5.67 17.00 -40.17
CA GLY E 253 4.96 16.89 -38.91
C GLY E 253 5.21 15.53 -38.27
N PHE E 254 5.15 14.48 -39.09
CA PHE E 254 5.42 13.13 -38.61
C PHE E 254 6.85 13.02 -38.08
N ARG E 255 7.80 13.56 -38.84
CA ARG E 255 9.20 13.55 -38.46
C ARG E 255 9.42 14.25 -37.11
N ALA E 256 8.80 15.40 -36.94
CA ALA E 256 8.88 16.15 -35.69
C ALA E 256 8.32 15.35 -34.51
N GLN E 257 7.15 14.76 -34.72
CA GLN E 257 6.50 13.93 -33.70
C GLN E 257 7.38 12.74 -33.32
N ALA E 258 7.89 12.05 -34.34
CA ALA E 258 8.74 10.88 -34.12
C ALA E 258 10.04 11.26 -33.42
N ARG E 259 10.61 12.40 -33.82
CA ARG E 259 11.85 12.88 -33.22
C ARG E 259 11.68 13.22 -31.75
N ARG E 260 10.58 13.87 -31.41
CA ARG E 260 10.24 14.13 -30.01
C ARG E 260 10.15 12.84 -29.22
N SER E 261 9.47 11.84 -29.77
CA SER E 261 9.26 10.57 -29.10
C SER E 261 10.57 9.82 -28.88
N ALA E 262 11.40 9.78 -29.91
CA ALA E 262 12.71 9.13 -29.81
C ALA E 262 13.57 9.85 -28.78
N THR E 263 13.50 11.18 -28.77
CA THR E 263 14.25 11.97 -27.80
C THR E 263 13.81 11.60 -26.38
N LEU E 264 12.53 11.33 -26.21
CA LEU E 264 11.98 10.99 -24.89
C LEU E 264 12.18 9.53 -24.50
N GLY E 265 12.66 8.71 -25.45
CA GLY E 265 13.01 7.34 -25.13
C GLY E 265 12.18 6.25 -25.79
N MET E 266 11.18 6.65 -26.57
CA MET E 266 10.37 5.68 -27.29
C MET E 266 11.15 5.05 -28.44
N VAL E 267 10.85 3.80 -28.76
CA VAL E 267 11.68 3.01 -29.68
C VAL E 267 11.10 2.87 -31.08
N GLY E 268 9.90 3.39 -31.29
CA GLY E 268 9.24 3.30 -32.57
C GLY E 268 7.92 4.03 -32.61
N LYS E 269 7.27 4.00 -33.77
CA LYS E 269 6.00 4.69 -33.95
C LYS E 269 5.08 3.89 -34.87
N TRP E 270 3.78 4.02 -34.67
CA TRP E 270 2.79 3.37 -35.52
C TRP E 270 2.83 3.97 -36.92
N ALA E 271 2.51 3.14 -37.92
CA ALA E 271 2.20 3.64 -39.24
C ALA E 271 0.77 3.23 -39.60
N ILE E 272 -0.09 4.22 -39.79
CA ILE E 272 -1.47 3.95 -40.21
C ILE E 272 -1.64 4.26 -41.68
N HIS E 273 -0.53 4.60 -42.32
CA HIS E 273 -0.48 4.80 -43.77
C HIS E 273 0.87 4.28 -44.23
N PRO E 274 0.90 3.57 -45.37
CA PRO E 274 2.11 2.95 -45.92
C PRO E 274 3.30 3.89 -46.03
N LYS E 275 3.06 5.16 -46.33
CA LYS E 275 4.14 6.12 -46.52
C LYS E 275 4.85 6.47 -45.21
N GLN E 276 4.19 6.19 -44.09
CA GLN E 276 4.74 6.52 -42.78
C GLN E 276 5.81 5.52 -42.32
N VAL E 277 5.81 4.34 -42.91
CA VAL E 277 6.76 3.29 -42.52
C VAL E 277 8.21 3.75 -42.76
N ALA E 278 8.45 4.38 -43.90
CA ALA E 278 9.79 4.86 -44.24
C ALA E 278 10.21 5.99 -43.31
N LEU E 279 9.24 6.83 -42.94
CA LEU E 279 9.49 7.93 -42.02
C LEU E 279 9.87 7.42 -40.63
N ALA E 280 9.12 6.44 -40.15
CA ALA E 280 9.40 5.81 -38.87
C ALA E 280 10.77 5.15 -38.85
N ASN E 281 11.07 4.41 -39.91
CA ASN E 281 12.37 3.76 -40.04
C ASN E 281 13.53 4.76 -40.09
N GLU E 282 13.30 5.89 -40.73
CA GLU E 282 14.31 6.94 -40.81
C GLU E 282 14.69 7.47 -39.43
N VAL E 283 13.68 7.74 -38.61
CA VAL E 283 13.90 8.34 -37.29
C VAL E 283 14.38 7.33 -36.25
N PHE E 284 13.87 6.10 -36.31
CA PHE E 284 14.06 5.14 -35.22
C PHE E 284 15.14 4.10 -35.44
N THR E 285 15.67 3.99 -36.67
CA THR E 285 16.78 3.09 -36.91
C THR E 285 18.00 3.57 -36.14
N PRO E 286 18.52 2.71 -35.25
CA PRO E 286 19.68 3.04 -34.39
C PRO E 286 20.93 3.35 -35.21
N SER E 287 21.89 4.00 -34.58
CA SER E 287 23.17 4.32 -35.22
C SER E 287 24.22 4.69 -34.18
N SER F 23 -0.82 16.33 9.82
CA SER F 23 -0.14 17.08 10.87
C SER F 23 -0.74 18.47 11.02
N PHE F 24 -1.42 18.93 9.98
CA PHE F 24 -2.12 20.20 9.97
C PHE F 24 -1.16 21.38 10.17
N ARG F 25 0.02 21.25 9.56
CA ARG F 25 1.00 22.32 9.53
C ARG F 25 1.42 22.57 8.08
N LEU F 26 2.22 23.61 7.86
CA LEU F 26 2.80 23.83 6.54
C LEU F 26 3.76 22.69 6.24
N GLN F 27 4.06 22.47 4.96
CA GLN F 27 5.02 21.44 4.57
C GLN F 27 6.32 21.58 5.36
N PRO F 28 6.99 20.45 5.63
CA PRO F 28 8.23 20.46 6.41
C PRO F 28 9.27 21.38 5.77
N ALA F 29 9.96 22.17 6.60
CA ALA F 29 10.99 23.06 6.09
C ALA F 29 12.22 22.25 5.71
N PRO F 30 12.82 22.59 4.56
CA PRO F 30 14.05 21.93 4.12
C PRO F 30 15.24 22.42 4.95
N PRO F 31 16.39 21.73 4.86
CA PRO F 31 17.59 22.23 5.53
C PRO F 31 17.87 23.68 5.12
N ALA F 32 18.33 24.50 6.06
CA ALA F 32 18.54 25.92 5.80
C ALA F 32 19.89 26.23 5.15
N ARG F 33 20.79 25.25 5.16
CA ARG F 33 22.13 25.44 4.60
C ARG F 33 22.11 25.80 3.12
N PRO F 34 23.07 26.63 2.69
CA PRO F 34 23.20 27.00 1.28
C PRO F 34 23.49 25.77 0.41
N ASN F 35 22.91 25.72 -0.77
CA ASN F 35 23.15 24.60 -1.69
C ASN F 35 23.04 25.05 -3.15
N ARG F 36 23.58 26.24 -3.41
CA ARG F 36 23.51 26.84 -4.74
C ARG F 36 24.34 26.07 -5.76
N CYS F 37 25.42 25.46 -5.29
CA CYS F 37 26.33 24.74 -6.18
C CYS F 37 27.01 23.58 -5.49
N GLN F 38 27.05 22.44 -6.16
CA GLN F 38 27.79 21.29 -5.67
C GLN F 38 28.94 21.01 -6.62
N LEU F 39 30.16 21.19 -6.13
CA LEU F 39 31.36 21.04 -6.97
C LEU F 39 31.92 19.63 -6.86
N PHE F 40 31.93 18.94 -7.99
CA PHE F 40 32.43 17.57 -8.05
C PHE F 40 33.89 17.49 -8.45
N GLY F 41 34.61 16.57 -7.81
CA GLY F 41 36.00 16.29 -8.14
C GLY F 41 36.30 14.83 -7.85
N PRO F 42 37.03 14.17 -8.77
CA PRO F 42 37.34 12.75 -8.58
C PRO F 42 38.25 12.51 -7.39
N GLY F 43 37.97 11.48 -6.60
CA GLY F 43 38.77 11.15 -5.44
C GLY F 43 40.16 10.67 -5.81
N SER F 44 40.38 10.41 -7.10
CA SER F 44 41.64 9.90 -7.59
C SER F 44 42.64 11.02 -7.90
N ARG F 45 42.19 12.27 -7.79
CA ARG F 45 43.05 13.42 -8.06
C ARG F 45 43.11 14.36 -6.86
N PRO F 46 43.88 13.97 -5.82
CA PRO F 46 43.95 14.75 -4.58
C PRO F 46 44.68 16.09 -4.73
N ALA F 47 45.37 16.28 -5.84
CA ALA F 47 46.06 17.54 -6.10
C ALA F 47 45.07 18.66 -6.41
N LEU F 48 43.81 18.31 -6.61
CA LEU F 48 42.78 19.29 -6.94
C LEU F 48 41.88 19.63 -5.75
N PHE F 49 42.07 18.91 -4.64
CA PHE F 49 41.21 19.08 -3.47
C PHE F 49 41.30 20.49 -2.87
N GLU F 50 42.50 21.01 -2.73
CA GLU F 50 42.70 22.32 -2.13
C GLU F 50 42.07 23.44 -2.96
N LYS F 51 42.05 23.25 -4.28
CA LYS F 51 41.40 24.23 -5.15
C LYS F 51 39.88 24.19 -4.97
N MET F 52 39.34 23.01 -4.70
CA MET F 52 37.91 22.87 -4.46
C MET F 52 37.54 23.55 -3.15
N ALA F 53 38.34 23.32 -2.11
CA ALA F 53 38.09 23.94 -0.81
C ALA F 53 38.23 25.47 -0.86
N ALA F 54 38.87 25.99 -1.90
CA ALA F 54 39.07 27.43 -2.05
C ALA F 54 38.04 28.06 -2.98
N SER F 55 37.16 27.24 -3.54
CA SER F 55 36.15 27.71 -4.48
C SER F 55 35.00 28.41 -3.75
N ALA F 56 34.06 28.94 -4.54
CA ALA F 56 32.88 29.59 -3.99
C ALA F 56 31.67 28.64 -3.94
N ALA F 57 31.94 27.33 -4.01
CA ALA F 57 30.86 26.34 -4.01
C ALA F 57 30.36 26.05 -2.59
N ASP F 58 29.04 25.96 -2.43
CA ASP F 58 28.45 25.70 -1.12
C ASP F 58 28.71 24.25 -0.67
N VAL F 59 28.63 23.33 -1.61
CA VAL F 59 28.81 21.92 -1.31
C VAL F 59 29.97 21.31 -2.11
N ILE F 60 30.77 20.49 -1.45
CA ILE F 60 31.85 19.77 -2.12
C ILE F 60 31.53 18.28 -2.22
N ASN F 61 31.56 17.74 -3.44
CA ASN F 61 31.33 16.32 -3.65
C ASN F 61 32.59 15.60 -4.14
N LEU F 62 33.27 14.92 -3.22
CA LEU F 62 34.42 14.09 -3.60
C LEU F 62 33.89 12.77 -4.15
N ASP F 63 34.37 12.38 -5.33
CA ASP F 63 33.73 11.29 -6.05
C ASP F 63 34.47 9.95 -5.97
N LEU F 64 33.73 8.89 -5.66
CA LEU F 64 34.25 7.53 -5.73
C LEU F 64 33.60 6.76 -6.87
N GLU F 65 32.65 7.40 -7.54
CA GLU F 65 31.85 6.71 -8.54
C GLU F 65 32.40 6.86 -9.96
N ASP F 66 31.60 7.48 -10.83
CA ASP F 66 31.86 7.40 -12.28
C ASP F 66 33.06 8.19 -12.80
N SER F 67 33.56 9.15 -12.02
CA SER F 67 34.74 9.90 -12.46
C SER F 67 36.02 9.16 -12.08
N VAL F 68 35.86 8.04 -11.39
CA VAL F 68 36.99 7.23 -10.96
C VAL F 68 36.93 5.82 -11.56
N ALA F 69 37.98 5.44 -12.27
CA ALA F 69 38.05 4.11 -12.89
C ALA F 69 38.11 3.02 -11.82
N PRO F 70 37.58 1.83 -12.14
CA PRO F 70 37.54 0.70 -11.21
C PRO F 70 38.86 0.36 -10.53
N ASP F 71 39.98 0.49 -11.26
CA ASP F 71 41.28 0.17 -10.68
C ASP F 71 41.77 1.28 -9.74
N ASP F 72 41.13 2.43 -9.78
CA ASP F 72 41.53 3.57 -8.94
C ASP F 72 40.62 3.76 -7.71
N LYS F 73 39.55 2.97 -7.62
CA LYS F 73 38.55 3.21 -6.59
C LYS F 73 39.05 3.04 -5.16
N ALA F 74 39.87 2.02 -4.93
CA ALA F 74 40.40 1.76 -3.60
C ALA F 74 41.37 2.86 -3.15
N GLN F 75 42.20 3.33 -4.10
CA GLN F 75 43.12 4.41 -3.81
C GLN F 75 42.37 5.72 -3.53
N ALA F 76 41.36 5.99 -4.35
CA ALA F 76 40.53 7.19 -4.20
C ALA F 76 39.85 7.21 -2.84
N ARG F 77 39.44 6.02 -2.39
CA ARG F 77 38.84 5.84 -1.08
C ARG F 77 39.81 6.30 0.01
N ALA F 78 41.06 5.86 -0.10
CA ALA F 78 42.09 6.25 0.85
C ALA F 78 42.45 7.73 0.73
N ASN F 79 42.46 8.24 -0.50
CA ASN F 79 42.71 9.66 -0.73
C ASN F 79 41.67 10.53 -0.04
N ILE F 80 40.41 10.19 -0.24
CA ILE F 80 39.29 10.95 0.31
C ILE F 80 39.31 10.96 1.84
N ILE F 81 39.57 9.79 2.43
CA ILE F 81 39.68 9.69 3.88
C ILE F 81 40.77 10.60 4.44
N GLU F 82 41.92 10.65 3.77
CA GLU F 82 43.01 11.52 4.19
C GLU F 82 42.63 12.99 4.05
N ALA F 83 41.95 13.33 2.96
CA ALA F 83 41.52 14.71 2.70
C ALA F 83 40.49 15.20 3.73
N ILE F 84 39.63 14.28 4.17
CA ILE F 84 38.62 14.60 5.17
C ILE F 84 39.28 14.88 6.52
N ASN F 85 40.30 14.09 6.85
CA ASN F 85 41.00 14.23 8.12
C ASN F 85 42.13 15.26 8.09
N GLY F 86 42.58 15.63 6.91
CA GLY F 86 43.78 16.44 6.78
C GLY F 86 43.60 17.87 6.31
N LEU F 87 42.61 18.13 5.47
CA LEU F 87 42.48 19.45 4.86
C LEU F 87 41.52 20.38 5.61
N ASP F 88 41.67 21.68 5.38
CA ASP F 88 40.76 22.67 5.91
C ASP F 88 39.65 22.90 4.90
N TRP F 89 38.43 22.52 5.26
CA TRP F 89 37.30 22.64 4.35
C TRP F 89 36.43 23.86 4.65
N GLY F 90 36.86 24.66 5.62
CA GLY F 90 36.14 25.88 5.97
C GLY F 90 34.69 25.64 6.35
N ARG F 91 33.78 26.28 5.64
CA ARG F 91 32.35 26.14 5.91
C ARG F 91 31.65 25.35 4.81
N LYS F 92 32.42 24.72 3.93
CA LYS F 92 31.84 23.88 2.86
C LYS F 92 31.08 22.71 3.47
N TYR F 93 29.99 22.31 2.83
CA TYR F 93 29.32 21.09 3.21
C TYR F 93 30.03 19.96 2.47
N LEU F 94 30.67 19.07 3.22
CA LEU F 94 31.55 18.06 2.63
C LEU F 94 30.84 16.73 2.40
N SER F 95 30.71 16.35 1.14
CA SER F 95 29.99 15.13 0.77
C SER F 95 30.83 14.21 -0.11
N VAL F 96 30.53 12.91 -0.06
CA VAL F 96 31.23 11.92 -0.86
C VAL F 96 30.22 11.09 -1.64
N ARG F 97 30.37 11.03 -2.96
CA ARG F 97 29.52 10.15 -3.75
C ARG F 97 30.11 8.74 -3.80
N ILE F 98 29.43 7.81 -3.13
CA ILE F 98 29.85 6.42 -3.12
C ILE F 98 29.39 5.71 -4.39
N ASN F 99 29.78 4.44 -4.54
CA ASN F 99 29.34 3.65 -5.68
C ASN F 99 27.93 3.08 -5.44
N GLY F 100 27.28 2.63 -6.51
CA GLY F 100 25.91 2.18 -6.43
C GLY F 100 25.72 0.83 -5.77
N LEU F 101 24.49 0.56 -5.35
CA LEU F 101 24.14 -0.72 -4.70
C LEU F 101 24.24 -1.91 -5.65
N ASP F 102 24.35 -1.63 -6.95
CA ASP F 102 24.47 -2.69 -7.94
C ASP F 102 25.92 -3.02 -8.24
N THR F 103 26.83 -2.45 -7.45
CA THR F 103 28.26 -2.67 -7.64
C THR F 103 28.85 -3.38 -6.43
N PRO F 104 30.04 -3.99 -6.58
CA PRO F 104 30.67 -4.62 -5.41
C PRO F 104 31.41 -3.61 -4.52
N PHE F 105 31.46 -2.35 -4.96
CA PHE F 105 32.28 -1.34 -4.28
C PHE F 105 31.58 -0.63 -3.13
N TRP F 106 30.26 -0.49 -3.22
CA TRP F 106 29.51 0.40 -2.33
C TRP F 106 29.70 0.13 -0.83
N TYR F 107 29.69 -1.13 -0.43
CA TYR F 107 29.73 -1.47 0.98
C TYR F 107 31.07 -1.10 1.60
N ARG F 108 32.13 -1.18 0.80
CA ARG F 108 33.46 -0.88 1.31
C ARG F 108 33.69 0.63 1.35
N ASP F 109 33.07 1.35 0.42
CA ASP F 109 33.08 2.80 0.47
C ASP F 109 32.49 3.26 1.80
N VAL F 110 31.34 2.71 2.15
CA VAL F 110 30.66 3.09 3.38
C VAL F 110 31.43 2.66 4.63
N VAL F 111 31.86 1.39 4.65
CA VAL F 111 32.59 0.87 5.80
C VAL F 111 33.88 1.65 6.09
N ASP F 112 34.69 1.88 5.05
CA ASP F 112 35.93 2.61 5.23
C ASP F 112 35.72 4.07 5.64
N LEU F 113 34.79 4.76 4.98
CA LEU F 113 34.49 6.14 5.29
C LEU F 113 34.02 6.32 6.73
N LEU F 114 33.06 5.50 7.13
CA LEU F 114 32.47 5.63 8.46
C LEU F 114 33.39 5.14 9.58
N GLU F 115 34.33 4.26 9.23
CA GLU F 115 35.27 3.74 10.21
C GLU F 115 36.55 4.56 10.33
N GLN F 116 36.89 5.33 9.30
CA GLN F 116 38.19 5.98 9.24
C GLN F 116 38.16 7.51 9.10
N ALA F 117 37.14 8.03 8.41
CA ALA F 117 37.03 9.47 8.25
C ALA F 117 36.61 10.14 9.55
N GLY F 118 37.16 11.31 9.81
CA GLY F 118 36.85 12.06 11.02
C GLY F 118 35.50 12.76 10.94
N ASP F 119 35.23 13.60 11.94
CA ASP F 119 33.94 14.25 12.06
C ASP F 119 33.66 15.30 10.99
N ARG F 120 34.66 15.63 10.19
CA ARG F 120 34.50 16.69 9.20
C ARG F 120 33.59 16.28 8.03
N LEU F 121 33.45 14.97 7.81
CA LEU F 121 32.53 14.47 6.80
C LEU F 121 31.09 14.79 7.18
N ASP F 122 30.35 15.38 6.25
CA ASP F 122 28.98 15.81 6.52
C ASP F 122 27.92 14.91 5.91
N GLN F 123 28.22 14.36 4.74
CA GLN F 123 27.17 13.75 3.92
C GLN F 123 27.70 12.66 2.99
N ILE F 124 26.84 11.70 2.66
CA ILE F 124 27.12 10.73 1.62
C ILE F 124 26.07 10.83 0.53
N MET F 125 26.53 10.82 -0.73
CA MET F 125 25.64 10.86 -1.88
C MET F 125 25.49 9.47 -2.51
N ILE F 126 24.25 8.98 -2.57
CA ILE F 126 23.95 7.67 -3.12
C ILE F 126 23.43 7.79 -4.56
N PRO F 127 24.13 7.17 -5.51
CA PRO F 127 23.73 7.23 -6.93
C PRO F 127 22.74 6.14 -7.30
N LYS F 128 22.07 6.31 -8.44
CA LYS F 128 21.21 5.29 -9.04
C LYS F 128 20.14 4.74 -8.10
N VAL F 129 19.61 5.58 -7.22
CA VAL F 129 18.57 5.15 -6.31
C VAL F 129 17.28 4.87 -7.09
N GLY F 130 16.75 3.67 -6.94
CA GLY F 130 15.56 3.24 -7.66
C GLY F 130 14.33 3.08 -6.78
N CYS F 131 14.53 3.01 -5.48
CA CYS F 131 13.41 2.85 -4.54
C CYS F 131 13.82 3.25 -3.12
N ALA F 132 12.82 3.36 -2.24
CA ALA F 132 13.07 3.74 -0.86
C ALA F 132 14.00 2.77 -0.17
N ALA F 133 13.87 1.49 -0.50
CA ALA F 133 14.63 0.43 0.16
C ALA F 133 16.14 0.54 -0.08
N ASP F 134 16.53 1.11 -1.23
CA ASP F 134 17.94 1.38 -1.50
C ASP F 134 18.53 2.29 -0.42
N VAL F 135 17.85 3.38 -0.14
CA VAL F 135 18.29 4.34 0.87
C VAL F 135 18.29 3.71 2.26
N TYR F 136 17.28 2.90 2.51
CA TYR F 136 17.15 2.21 3.79
C TYR F 136 18.33 1.27 4.00
N ALA F 137 18.74 0.60 2.93
CA ALA F 137 19.86 -0.33 2.99
C ALA F 137 21.15 0.38 3.43
N VAL F 138 21.42 1.52 2.81
CA VAL F 138 22.57 2.34 3.19
C VAL F 138 22.40 2.90 4.59
N ASP F 139 21.18 3.30 4.93
CA ASP F 139 20.89 3.82 6.26
C ASP F 139 21.17 2.77 7.35
N ALA F 140 20.76 1.54 7.10
CA ALA F 140 21.02 0.44 8.01
C ALA F 140 22.52 0.28 8.29
N LEU F 141 23.32 0.27 7.22
CA LEU F 141 24.76 0.10 7.34
C LEU F 141 25.41 1.29 8.03
N VAL F 142 25.06 2.49 7.59
CA VAL F 142 25.63 3.72 8.15
C VAL F 142 25.32 3.86 9.64
N THR F 143 24.08 3.59 10.03
CA THR F 143 23.66 3.71 11.42
C THR F 143 24.45 2.77 12.32
N ALA F 144 24.61 1.52 11.89
CA ALA F 144 25.35 0.52 12.66
C ALA F 144 26.81 0.92 12.89
N ILE F 145 27.48 1.39 11.86
CA ILE F 145 28.88 1.79 11.99
C ILE F 145 29.03 3.02 12.88
N GLU F 146 28.13 3.99 12.74
CA GLU F 146 28.13 5.17 13.59
C GLU F 146 28.03 4.79 15.07
N ARG F 147 27.20 3.79 15.36
CA ARG F 147 27.07 3.30 16.73
C ARG F 147 28.32 2.55 17.18
N ALA F 148 28.90 1.76 16.28
CA ALA F 148 30.10 0.99 16.60
C ALA F 148 31.30 1.89 16.87
N LYS F 149 31.43 2.96 16.09
CA LYS F 149 32.57 3.86 16.22
C LYS F 149 32.28 5.04 17.15
N GLY F 150 31.03 5.16 17.58
CA GLY F 150 30.63 6.25 18.44
C GLY F 150 30.77 7.59 17.74
N ARG F 151 30.41 7.64 16.46
CA ARG F 151 30.49 8.88 15.70
C ARG F 151 29.52 9.91 16.27
N THR F 152 30.03 11.12 16.50
CA THR F 152 29.26 12.14 17.22
C THR F 152 28.39 12.99 16.30
N LYS F 153 28.75 13.07 15.02
CA LYS F 153 27.96 13.82 14.07
C LYS F 153 27.36 12.90 13.00
N PRO F 154 26.06 12.63 13.12
CA PRO F 154 25.35 11.74 12.17
C PRO F 154 25.39 12.30 10.77
N LEU F 155 25.70 11.44 9.80
CA LEU F 155 25.74 11.86 8.40
C LEU F 155 24.35 12.13 7.86
N SER F 156 24.26 13.11 6.97
CA SER F 156 23.06 13.29 6.17
C SER F 156 23.24 12.51 4.86
N PHE F 157 22.14 12.31 4.14
CA PHE F 157 22.19 11.64 2.84
C PHE F 157 21.72 12.59 1.75
N GLU F 158 22.24 12.39 0.56
CA GLU F 158 21.62 12.94 -0.64
C GLU F 158 21.58 11.82 -1.68
N VAL F 159 20.62 11.88 -2.59
CA VAL F 159 20.48 10.83 -3.59
C VAL F 159 20.43 11.41 -4.98
N ILE F 160 20.72 10.58 -5.97
CA ILE F 160 20.60 10.97 -7.36
C ILE F 160 19.47 10.20 -8.03
N ILE F 161 18.56 10.92 -8.66
CA ILE F 161 17.53 10.32 -9.50
C ILE F 161 18.07 10.29 -10.92
N GLU F 162 18.57 9.13 -11.34
CA GLU F 162 19.22 9.02 -12.64
C GLU F 162 18.84 7.74 -13.37
N SER F 163 17.60 7.31 -13.15
CA SER F 163 17.09 6.11 -13.80
C SER F 163 15.58 6.21 -13.93
N ALA F 164 15.01 5.34 -14.77
CA ALA F 164 13.57 5.27 -14.94
C ALA F 164 12.89 4.93 -13.62
N ALA F 165 13.47 3.98 -12.90
CA ALA F 165 12.90 3.52 -11.64
C ALA F 165 12.94 4.64 -10.60
N GLY F 166 13.99 5.45 -10.65
CA GLY F 166 14.15 6.55 -9.73
C GLY F 166 13.04 7.57 -9.87
N ILE F 167 12.73 7.93 -11.10
CA ILE F 167 11.68 8.94 -11.34
C ILE F 167 10.28 8.37 -11.10
N ALA F 168 10.08 7.09 -11.40
CA ALA F 168 8.80 6.43 -11.18
C ALA F 168 8.49 6.32 -9.68
N HIS F 169 9.53 6.22 -8.86
CA HIS F 169 9.37 6.02 -7.43
C HIS F 169 9.89 7.23 -6.66
N VAL F 170 9.87 8.39 -7.29
CA VAL F 170 10.54 9.57 -6.75
C VAL F 170 9.98 10.03 -5.40
N GLU F 171 8.67 9.96 -5.19
CA GLU F 171 8.12 10.36 -3.89
C GLU F 171 8.52 9.43 -2.76
N GLU F 172 8.46 8.12 -2.98
CA GLU F 172 8.83 7.17 -1.94
C GLU F 172 10.32 7.31 -1.57
N ILE F 173 11.14 7.64 -2.56
CA ILE F 173 12.57 7.88 -2.30
C ILE F 173 12.76 9.12 -1.43
N ALA F 174 12.06 10.19 -1.79
CA ALA F 174 12.15 11.45 -1.04
C ALA F 174 11.74 11.30 0.42
N ALA F 175 10.94 10.28 0.72
CA ALA F 175 10.45 10.06 2.08
C ALA F 175 11.15 8.89 2.77
N SER F 176 12.25 8.43 2.20
CA SER F 176 12.87 7.17 2.60
C SER F 176 13.76 7.21 3.86
N SER F 177 14.13 8.40 4.30
CA SER F 177 15.06 8.51 5.42
C SER F 177 15.09 9.90 6.04
N PRO F 178 15.15 9.98 7.37
CA PRO F 178 15.28 11.26 8.06
C PRO F 178 16.66 11.89 7.80
N ARG F 179 17.62 11.10 7.32
CA ARG F 179 18.94 11.61 6.97
C ARG F 179 18.91 12.39 5.66
N LEU F 180 17.92 12.08 4.82
CA LEU F 180 17.88 12.65 3.47
C LEU F 180 17.70 14.16 3.48
N GLN F 181 18.60 14.86 2.79
CA GLN F 181 18.59 16.32 2.76
C GLN F 181 18.51 16.89 1.35
N ALA F 182 19.02 16.16 0.37
CA ALA F 182 19.03 16.65 -1.01
C ALA F 182 18.75 15.55 -2.04
N MET F 183 18.24 15.95 -3.19
CA MET F 183 17.97 15.03 -4.29
C MET F 183 18.31 15.68 -5.62
N SER F 184 19.17 15.02 -6.40
CA SER F 184 19.62 15.56 -7.68
C SER F 184 19.06 14.79 -8.87
N LEU F 185 18.77 15.51 -9.95
CA LEU F 185 18.51 14.89 -11.25
C LEU F 185 19.81 14.73 -12.03
N GLY F 186 20.19 13.49 -12.34
CA GLY F 186 21.36 13.23 -13.18
C GLY F 186 20.93 13.00 -14.61
N ALA F 187 20.87 14.08 -15.39
CA ALA F 187 20.25 14.04 -16.71
C ALA F 187 20.89 13.08 -17.71
N ALA F 188 22.21 12.93 -17.65
CA ALA F 188 22.91 12.06 -18.60
C ALA F 188 22.61 10.60 -18.34
N ASP F 189 22.76 10.16 -17.10
CA ASP F 189 22.48 8.78 -16.75
C ASP F 189 20.98 8.49 -16.78
N PHE F 190 20.18 9.51 -16.50
CA PHE F 190 18.72 9.41 -16.63
C PHE F 190 18.35 9.13 -18.09
N ALA F 191 18.89 9.94 -19.00
CA ALA F 191 18.66 9.75 -20.42
C ALA F 191 19.05 8.35 -20.88
N ALA F 192 20.21 7.88 -20.41
CA ALA F 192 20.71 6.57 -20.78
C ALA F 192 19.77 5.46 -20.31
N SER F 193 19.33 5.55 -19.06
CA SER F 193 18.38 4.60 -18.50
C SER F 193 17.05 4.63 -19.23
N MET F 194 16.59 5.83 -19.57
CA MET F 194 15.31 6.00 -20.26
C MET F 194 15.39 5.66 -21.74
N GLY F 195 16.60 5.47 -22.24
CA GLY F 195 16.80 5.20 -23.66
C GLY F 195 16.55 6.44 -24.51
N MET F 196 16.69 7.60 -23.89
CA MET F 196 16.49 8.87 -24.58
C MET F 196 17.57 9.08 -25.65
N GLN F 197 17.16 9.49 -26.84
CA GLN F 197 18.11 9.76 -27.92
C GLN F 197 18.58 11.22 -27.83
N THR F 198 19.49 11.47 -26.89
CA THR F 198 19.92 12.83 -26.60
C THR F 198 21.40 13.00 -26.91
N THR F 199 21.83 14.26 -27.01
CA THR F 199 23.24 14.58 -27.17
C THR F 199 23.74 15.33 -25.94
N GLY F 200 24.98 15.08 -25.56
CA GLY F 200 25.58 15.74 -24.43
C GLY F 200 24.90 15.43 -23.11
N ILE F 201 24.93 16.38 -22.19
CA ILE F 201 24.39 16.19 -20.86
C ILE F 201 23.45 17.34 -20.48
N GLY F 202 22.16 17.06 -20.46
CA GLY F 202 21.16 18.08 -20.17
C GLY F 202 21.00 19.08 -21.30
N GLY F 203 20.36 20.20 -21.01
CA GLY F 203 20.24 21.31 -21.95
C GLY F 203 19.24 21.08 -23.07
N THR F 204 19.28 21.98 -24.05
CA THR F 204 18.42 21.88 -25.23
C THR F 204 18.75 20.61 -26.02
N GLN F 205 17.72 19.93 -26.50
CA GLN F 205 17.90 18.75 -27.33
C GLN F 205 17.40 19.03 -28.74
N GLU F 206 18.30 18.89 -29.72
CA GLU F 206 18.04 19.27 -31.10
C GLU F 206 16.77 18.67 -31.69
N ASN F 207 16.49 17.41 -31.38
CA ASN F 207 15.33 16.73 -31.94
C ASN F 207 14.06 16.84 -31.10
N TYR F 208 14.05 17.70 -30.10
CA TYR F 208 12.85 17.90 -29.29
C TYR F 208 12.25 19.29 -29.50
N TYR F 209 11.39 19.41 -30.49
CA TYR F 209 10.86 20.69 -30.91
C TYR F 209 9.45 20.54 -31.46
N MET F 210 8.68 21.62 -31.44
CA MET F 210 7.38 21.64 -32.09
C MET F 210 7.51 22.32 -33.45
N LEU F 211 6.85 21.74 -34.45
CA LEU F 211 6.84 22.35 -35.78
C LEU F 211 5.51 23.06 -36.01
N HIS F 212 5.58 24.37 -36.22
CA HIS F 212 4.39 25.15 -36.53
C HIS F 212 4.64 26.01 -37.75
N ASP F 213 3.72 25.94 -38.71
CA ASP F 213 3.87 26.48 -40.07
C ASP F 213 5.32 26.70 -40.56
N GLY F 214 6.09 25.61 -40.59
CA GLY F 214 7.43 25.64 -41.13
C GLY F 214 8.52 25.99 -40.14
N GLN F 215 8.15 26.57 -39.00
CA GLN F 215 9.14 27.00 -38.02
C GLN F 215 9.19 26.10 -36.80
N LYS F 216 10.40 25.93 -36.25
CA LYS F 216 10.63 25.05 -35.12
C LYS F 216 10.70 25.82 -33.81
N HIS F 217 10.07 25.27 -32.77
CA HIS F 217 10.11 25.84 -31.44
C HIS F 217 10.54 24.78 -30.45
N TRP F 218 11.76 24.92 -29.92
CA TRP F 218 12.29 23.93 -28.99
C TRP F 218 11.62 23.98 -27.62
N SER F 219 11.36 22.80 -27.06
CA SER F 219 10.68 22.69 -25.79
C SER F 219 11.57 21.96 -24.79
N ASP F 220 11.11 21.86 -23.55
CA ASP F 220 11.89 21.25 -22.48
C ASP F 220 11.61 19.75 -22.35
N PRO F 221 12.61 18.92 -22.71
CA PRO F 221 12.46 17.47 -22.65
C PRO F 221 12.71 16.92 -21.25
N TRP F 222 13.00 17.80 -20.30
CA TRP F 222 13.27 17.38 -18.93
C TRP F 222 12.18 17.87 -17.96
N HIS F 223 11.11 18.44 -18.50
CA HIS F 223 10.09 19.10 -17.68
C HIS F 223 9.52 18.25 -16.55
N TRP F 224 8.95 17.10 -16.89
CA TRP F 224 8.31 16.26 -15.88
C TRP F 224 9.31 15.77 -14.84
N ALA F 225 10.45 15.27 -15.30
CA ALA F 225 11.50 14.79 -14.41
C ALA F 225 11.87 15.82 -13.34
N GLN F 226 12.13 17.05 -13.76
CA GLN F 226 12.50 18.12 -12.83
C GLN F 226 11.35 18.50 -11.89
N ALA F 227 10.17 18.74 -12.45
CA ALA F 227 9.02 19.15 -11.64
C ALA F 227 8.62 18.08 -10.63
N ALA F 228 8.64 16.82 -11.06
CA ALA F 228 8.27 15.72 -10.19
C ALA F 228 9.26 15.58 -9.03
N ILE F 229 10.54 15.79 -9.31
CA ILE F 229 11.57 15.77 -8.28
C ILE F 229 11.35 16.89 -7.26
N VAL F 230 11.03 18.09 -7.76
CA VAL F 230 10.76 19.23 -6.89
C VAL F 230 9.55 18.97 -5.99
N ALA F 231 8.48 18.43 -6.56
CA ALA F 231 7.26 18.16 -5.80
C ALA F 231 7.50 17.14 -4.70
N ALA F 232 8.21 16.06 -5.04
CA ALA F 232 8.55 15.02 -4.08
C ALA F 232 9.39 15.57 -2.94
N CYS F 233 10.40 16.37 -3.29
CA CYS F 233 11.28 17.00 -2.31
C CYS F 233 10.56 17.97 -1.38
N ARG F 234 9.79 18.89 -1.97
CA ARG F 234 9.07 19.88 -1.17
C ARG F 234 8.00 19.25 -0.28
N THR F 235 7.45 18.13 -0.71
CA THR F 235 6.48 17.41 0.10
C THR F 235 7.13 16.89 1.38
N HIS F 236 8.40 16.47 1.28
CA HIS F 236 9.06 15.79 2.40
C HIS F 236 10.23 16.53 3.03
N GLY F 237 10.37 17.82 2.71
CA GLY F 237 11.39 18.64 3.34
C GLY F 237 12.80 18.41 2.83
N ILE F 238 12.92 18.11 1.54
CA ILE F 238 14.19 17.80 0.91
C ILE F 238 14.54 18.93 -0.07
N LEU F 239 15.83 19.18 -0.25
CA LEU F 239 16.28 20.14 -1.27
C LEU F 239 16.35 19.47 -2.64
N PRO F 240 15.61 20.01 -3.62
CA PRO F 240 15.71 19.55 -5.01
C PRO F 240 16.84 20.28 -5.74
N VAL F 241 17.73 19.52 -6.38
CA VAL F 241 18.93 20.07 -6.99
C VAL F 241 19.09 19.59 -8.43
N ASP F 242 19.52 20.49 -9.32
CA ASP F 242 19.75 20.13 -10.71
C ASP F 242 21.16 19.56 -10.90
N GLY F 243 21.29 18.58 -11.79
CA GLY F 243 22.54 17.86 -11.96
C GLY F 243 23.50 18.50 -12.95
N PRO F 244 24.41 17.70 -13.52
CA PRO F 244 25.49 18.18 -14.38
C PRO F 244 24.99 18.74 -15.72
N PHE F 245 25.72 19.72 -16.24
CA PHE F 245 25.48 20.26 -17.57
C PHE F 245 26.80 20.11 -18.34
N GLY F 246 26.73 19.47 -19.49
CA GLY F 246 27.92 18.98 -20.17
C GLY F 246 28.77 19.97 -20.94
N ASP F 247 28.13 20.96 -21.56
CA ASP F 247 28.84 21.86 -22.46
C ASP F 247 29.56 22.99 -21.71
N PHE F 248 30.83 22.79 -21.43
CA PHE F 248 31.61 23.74 -20.64
C PHE F 248 31.84 25.08 -21.35
N SER F 249 31.75 25.06 -22.68
CA SER F 249 32.00 26.27 -23.45
C SER F 249 30.73 27.09 -23.66
N ASP F 250 29.61 26.58 -23.17
CA ASP F 250 28.31 27.20 -23.42
C ASP F 250 27.72 27.81 -22.14
N ASP F 251 28.23 28.98 -21.76
CA ASP F 251 27.77 29.68 -20.57
C ASP F 251 26.29 30.03 -20.62
N GLU F 252 25.85 30.51 -21.77
CA GLU F 252 24.45 30.86 -21.96
C GLU F 252 23.58 29.61 -21.91
N GLY F 253 24.09 28.52 -22.47
CA GLY F 253 23.43 27.24 -22.40
C GLY F 253 23.28 26.81 -20.94
N PHE F 254 24.34 26.99 -20.16
CA PHE F 254 24.30 26.65 -18.74
C PHE F 254 23.28 27.53 -18.03
N ARG F 255 23.28 28.82 -18.36
CA ARG F 255 22.37 29.77 -17.73
C ARG F 255 20.91 29.40 -17.98
N ALA F 256 20.59 29.03 -19.21
CA ALA F 256 19.23 28.65 -19.56
C ALA F 256 18.78 27.42 -18.76
N GLN F 257 19.67 26.44 -18.65
CA GLN F 257 19.37 25.23 -17.90
C GLN F 257 19.15 25.53 -16.42
N ALA F 258 20.06 26.33 -15.85
CA ALA F 258 19.96 26.69 -14.44
C ALA F 258 18.72 27.53 -14.16
N ARG F 259 18.37 28.41 -15.10
CA ARG F 259 17.20 29.26 -14.96
C ARG F 259 15.89 28.47 -15.03
N ARG F 260 15.85 27.46 -15.90
CA ARG F 260 14.67 26.59 -15.97
C ARG F 260 14.49 25.84 -14.66
N SER F 261 15.59 25.34 -14.13
CA SER F 261 15.57 24.58 -12.89
C SER F 261 15.13 25.43 -11.71
N ALA F 262 15.69 26.64 -11.62
CA ALA F 262 15.34 27.58 -10.57
C ALA F 262 13.87 27.96 -10.65
N THR F 263 13.38 28.12 -11.89
CA THR F 263 11.97 28.44 -12.10
C THR F 263 11.06 27.32 -11.59
N LEU F 264 11.43 26.08 -11.86
CA LEU F 264 10.63 24.94 -11.44
C LEU F 264 10.74 24.65 -9.94
N GLY F 265 11.77 25.20 -9.31
CA GLY F 265 11.87 25.11 -7.85
C GLY F 265 13.15 24.50 -7.32
N MET F 266 14.08 24.17 -8.21
CA MET F 266 15.36 23.63 -7.76
C MET F 266 16.23 24.74 -7.14
N VAL F 267 17.01 24.40 -6.13
CA VAL F 267 17.71 25.40 -5.33
C VAL F 267 19.18 25.54 -5.67
N GLY F 268 19.69 24.67 -6.56
CA GLY F 268 21.09 24.71 -6.92
C GLY F 268 21.42 23.75 -8.05
N LYS F 269 22.68 23.75 -8.47
CA LYS F 269 23.11 22.93 -9.61
C LYS F 269 24.55 22.46 -9.45
N TRP F 270 24.84 21.27 -9.95
CA TRP F 270 26.19 20.72 -9.91
C TRP F 270 27.14 21.57 -10.75
N ALA F 271 28.40 21.63 -10.32
CA ALA F 271 29.47 22.12 -11.17
C ALA F 271 30.45 20.97 -11.38
N ILE F 272 30.68 20.61 -12.63
CA ILE F 272 31.63 19.56 -12.94
C ILE F 272 32.88 20.15 -13.61
N HIS F 273 32.80 21.45 -13.90
CA HIS F 273 33.96 22.24 -14.29
C HIS F 273 33.98 23.49 -13.42
N PRO F 274 35.18 23.85 -12.91
CA PRO F 274 35.37 24.99 -12.00
C PRO F 274 34.65 26.28 -12.41
N LYS F 275 34.56 26.54 -13.71
CA LYS F 275 33.95 27.78 -14.20
C LYS F 275 32.44 27.80 -13.98
N GLN F 276 31.84 26.63 -13.79
CA GLN F 276 30.39 26.55 -13.65
C GLN F 276 29.90 27.00 -12.28
N VAL F 277 30.82 27.10 -11.32
CA VAL F 277 30.47 27.51 -9.97
C VAL F 277 29.90 28.93 -9.94
N ALA F 278 30.55 29.83 -10.65
CA ALA F 278 30.11 31.23 -10.71
C ALA F 278 28.76 31.35 -11.38
N LEU F 279 28.54 30.52 -12.40
CA LEU F 279 27.28 30.53 -13.15
C LEU F 279 26.13 30.04 -12.30
N ALA F 280 26.39 28.99 -11.52
CA ALA F 280 25.38 28.46 -10.61
C ALA F 280 25.06 29.47 -9.52
N ASN F 281 26.09 30.06 -8.93
CA ASN F 281 25.91 31.09 -7.90
C ASN F 281 25.15 32.30 -8.42
N GLU F 282 25.43 32.70 -9.67
CA GLU F 282 24.72 33.81 -10.29
C GLU F 282 23.22 33.55 -10.39
N VAL F 283 22.86 32.37 -10.90
CA VAL F 283 21.47 32.03 -11.14
C VAL F 283 20.71 31.73 -9.85
N PHE F 284 21.35 31.00 -8.93
CA PHE F 284 20.67 30.53 -7.74
C PHE F 284 20.82 31.44 -6.51
N THR F 285 21.43 32.60 -6.72
CA THR F 285 21.34 33.69 -5.75
C THR F 285 20.35 34.68 -6.33
N PRO F 286 19.21 34.88 -5.66
CA PRO F 286 18.16 35.74 -6.22
C PRO F 286 18.64 37.16 -6.47
N SER F 287 18.36 37.67 -7.67
CA SER F 287 18.83 38.99 -8.08
C SER F 287 18.33 40.09 -7.15
N GLU F 288 19.00 41.24 -7.19
CA GLU F 288 18.56 42.41 -6.45
C GLU F 288 17.26 42.95 -7.03
N THR F 289 17.10 42.78 -8.33
CA THR F 289 15.84 43.15 -9.01
C THR F 289 14.67 42.29 -8.51
N ALA F 290 14.91 40.99 -8.36
CA ALA F 290 13.87 40.07 -7.91
C ALA F 290 13.50 40.30 -6.45
N VAL F 291 14.49 40.58 -5.61
CA VAL F 291 14.26 40.76 -4.19
C VAL F 291 13.61 42.10 -3.86
N THR F 292 13.88 43.11 -4.68
CA THR F 292 13.25 44.42 -4.52
C THR F 292 11.78 44.33 -4.89
N GLU F 293 11.48 43.52 -5.90
CA GLU F 293 10.10 43.31 -6.33
C GLU F 293 9.34 42.48 -5.30
N ALA F 294 10.07 41.58 -4.63
CA ALA F 294 9.48 40.76 -3.58
C ALA F 294 9.19 41.58 -2.33
N ARG F 295 10.17 42.37 -1.90
CA ARG F 295 10.00 43.26 -0.76
C ARG F 295 8.91 44.31 -1.04
N GLU F 296 8.75 44.65 -2.30
CA GLU F 296 7.76 45.64 -2.71
C GLU F 296 6.35 45.06 -2.58
N ILE F 297 6.24 43.77 -2.88
CA ILE F 297 4.97 43.04 -2.78
C ILE F 297 4.58 42.82 -1.32
N LEU F 298 5.57 42.46 -0.50
CA LEU F 298 5.37 42.27 0.93
C LEU F 298 4.94 43.58 1.61
N ALA F 299 5.53 44.68 1.18
CA ALA F 299 5.18 46.00 1.71
C ALA F 299 3.78 46.42 1.29
N ALA F 300 3.42 46.10 0.05
CA ALA F 300 2.10 46.44 -0.47
C ALA F 300 0.99 45.70 0.24
N MET F 301 1.30 44.49 0.71
CA MET F 301 0.30 43.66 1.36
C MET F 301 0.20 43.93 2.85
N ASP F 302 1.24 44.54 3.41
CA ASP F 302 1.16 45.07 4.76
C ASP F 302 0.19 46.23 4.76
N ALA F 303 0.36 47.11 3.78
CA ALA F 303 -0.51 48.27 3.61
C ALA F 303 -1.94 47.82 3.33
N ALA F 304 -2.08 46.75 2.53
CA ALA F 304 -3.39 46.20 2.22
C ALA F 304 -4.05 45.66 3.49
N LYS F 305 -3.29 44.88 4.26
CA LYS F 305 -3.80 44.27 5.49
C LYS F 305 -4.16 45.34 6.53
N ALA F 306 -3.38 46.42 6.56
CA ALA F 306 -3.59 47.49 7.51
C ALA F 306 -4.94 48.19 7.32
N ARG F 307 -5.40 48.24 6.07
CA ARG F 307 -6.68 48.88 5.77
C ARG F 307 -7.80 47.86 5.54
N GLY F 308 -7.59 46.64 6.02
CA GLY F 308 -8.61 45.62 5.99
C GLY F 308 -8.76 44.89 4.66
N GLU F 309 -7.64 44.70 3.96
CA GLU F 309 -7.67 44.01 2.68
C GLU F 309 -6.72 42.80 2.66
N GLY F 310 -7.23 41.66 2.23
CA GLY F 310 -6.43 40.47 2.07
C GLY F 310 -5.85 40.42 0.66
N ALA F 311 -6.35 41.31 -0.20
CA ALA F 311 -5.87 41.38 -1.58
C ALA F 311 -5.78 42.83 -2.04
N THR F 312 -4.87 43.09 -2.96
CA THR F 312 -4.66 44.44 -3.49
C THR F 312 -4.10 44.38 -4.91
N VAL F 313 -3.72 45.53 -5.45
CA VAL F 313 -3.19 45.60 -6.81
C VAL F 313 -1.71 45.98 -6.82
N TYR F 314 -0.93 45.22 -7.57
CA TYR F 314 0.49 45.53 -7.74
C TYR F 314 0.86 45.57 -9.22
N LYS F 315 0.97 46.80 -9.75
CA LYS F 315 1.40 47.03 -11.12
C LYS F 315 0.51 46.32 -12.15
N GLY F 316 -0.81 46.51 -12.02
CA GLY F 316 -1.77 45.90 -12.92
C GLY F 316 -1.97 44.42 -12.68
N ARG F 317 -1.47 43.92 -11.56
CA ARG F 317 -1.54 42.49 -11.26
C ARG F 317 -2.27 42.23 -9.95
N LEU F 318 -2.82 41.02 -9.82
CA LEU F 318 -3.45 40.59 -8.57
C LEU F 318 -2.36 40.17 -7.59
N VAL F 319 -2.54 40.51 -6.32
CA VAL F 319 -1.60 40.14 -5.27
C VAL F 319 -2.31 39.99 -3.93
N ASP F 320 -2.21 38.82 -3.34
CA ASP F 320 -2.84 38.58 -2.04
C ASP F 320 -1.95 37.76 -1.08
N ILE F 321 -2.59 37.09 -0.14
CA ILE F 321 -1.86 36.34 0.90
C ILE F 321 -0.99 35.23 0.31
N ALA F 322 -1.42 34.66 -0.82
CA ALA F 322 -0.64 33.64 -1.51
C ALA F 322 0.65 34.22 -2.09
N SER F 323 0.63 35.52 -2.39
CA SER F 323 1.82 36.16 -2.95
C SER F 323 2.87 36.40 -1.87
N ILE F 324 2.43 36.43 -0.61
CA ILE F 324 3.34 36.61 0.51
C ILE F 324 4.36 35.47 0.61
N LYS F 325 3.87 34.24 0.55
CA LYS F 325 4.73 33.07 0.64
C LYS F 325 5.58 32.95 -0.63
N GLN F 326 5.07 33.51 -1.73
CA GLN F 326 5.82 33.56 -2.97
C GLN F 326 6.98 34.54 -2.87
N ALA F 327 6.70 35.72 -2.32
CA ALA F 327 7.73 36.73 -2.13
C ALA F 327 8.75 36.28 -1.09
N GLU F 328 8.29 35.46 -0.14
CA GLU F 328 9.17 34.95 0.91
C GLU F 328 10.13 33.89 0.40
N VAL F 329 9.73 33.17 -0.65
CA VAL F 329 10.62 32.23 -1.31
C VAL F 329 11.79 32.98 -1.93
N ILE F 330 11.49 34.14 -2.50
CA ILE F 330 12.51 35.01 -3.10
C ILE F 330 13.49 35.51 -2.04
N VAL F 331 12.97 36.23 -1.05
CA VAL F 331 13.79 36.76 0.02
C VAL F 331 14.25 35.65 0.96
#